data_4OZ6
# 
_entry.id   4OZ6 
# 
_audit_conform.dict_name       mmcif_pdbx.dic 
_audit_conform.dict_version    5.397 
_audit_conform.dict_location   http://mmcif.pdb.org/dictionaries/ascii/mmcif_pdbx.dic 
# 
loop_
_database_2.database_id 
_database_2.database_code 
_database_2.pdbx_database_accession 
_database_2.pdbx_DOI 
PDB   4OZ6         pdb_00004oz6 10.2210/pdb4oz6/pdb 
WWPDB D_1000200297 ?            ?                   
# 
loop_
_pdbx_audit_revision_history.ordinal 
_pdbx_audit_revision_history.data_content_type 
_pdbx_audit_revision_history.major_revision 
_pdbx_audit_revision_history.minor_revision 
_pdbx_audit_revision_history.revision_date 
1 'Structure model' 1 0 2014-05-14 
2 'Structure model' 1 1 2014-07-16 
3 'Structure model' 1 2 2017-09-27 
4 'Structure model' 1 3 2019-12-04 
5 'Structure model' 1 4 2023-09-27 
6 'Structure model' 1 5 2024-10-30 
# 
_pdbx_audit_revision_details.ordinal             1 
_pdbx_audit_revision_details.revision_ordinal    1 
_pdbx_audit_revision_details.data_content_type   'Structure model' 
_pdbx_audit_revision_details.provider            repository 
_pdbx_audit_revision_details.type                'Initial release' 
_pdbx_audit_revision_details.description         ? 
_pdbx_audit_revision_details.details             ? 
# 
loop_
_pdbx_audit_revision_group.ordinal 
_pdbx_audit_revision_group.revision_ordinal 
_pdbx_audit_revision_group.data_content_type 
_pdbx_audit_revision_group.group 
1  2 'Structure model' 'Database references'        
2  3 'Structure model' 'Author supporting evidence' 
3  3 'Structure model' 'Database references'        
4  3 'Structure model' 'Derived calculations'       
5  3 'Structure model' Other                        
6  3 'Structure model' 'Refinement description'     
7  3 'Structure model' 'Source and taxonomy'        
8  3 'Structure model' 'Structure summary'          
9  4 'Structure model' 'Author supporting evidence' 
10 5 'Structure model' 'Data collection'            
11 5 'Structure model' 'Database references'        
12 5 'Structure model' 'Refinement description'     
13 6 'Structure model' 'Structure summary'          
# 
loop_
_pdbx_audit_revision_category.ordinal 
_pdbx_audit_revision_category.revision_ordinal 
_pdbx_audit_revision_category.data_content_type 
_pdbx_audit_revision_category.category 
1  3 'Structure model' citation                      
2  3 'Structure model' entity                        
3  3 'Structure model' entity_src_gen                
4  3 'Structure model' pdbx_audit_support            
5  3 'Structure model' pdbx_database_status          
6  3 'Structure model' pdbx_entity_src_syn           
7  3 'Structure model' pdbx_struct_assembly          
8  3 'Structure model' pdbx_struct_oper_list         
9  3 'Structure model' software                      
10 3 'Structure model' struct_keywords               
11 3 'Structure model' symmetry                      
12 4 'Structure model' pdbx_audit_support            
13 5 'Structure model' chem_comp_atom                
14 5 'Structure model' chem_comp_bond                
15 5 'Structure model' database_2                    
16 5 'Structure model' pdbx_initial_refinement_model 
17 5 'Structure model' refine_hist                   
18 6 'Structure model' pdbx_entry_details            
19 6 'Structure model' pdbx_modification_feature     
# 
loop_
_pdbx_audit_revision_item.ordinal 
_pdbx_audit_revision_item.revision_ordinal 
_pdbx_audit_revision_item.data_content_type 
_pdbx_audit_revision_item.item 
1  3 'Structure model' '_citation.journal_id_CSD'                     
2  3 'Structure model' '_entity.src_method'                           
3  3 'Structure model' '_entity_src_gen.pdbx_alt_source_flag'         
4  3 'Structure model' '_pdbx_audit_support.funding_organization'     
5  3 'Structure model' '_pdbx_database_status.pdb_format_compatible'  
6  3 'Structure model' '_pdbx_entity_src_syn.pdbx_alt_source_flag'    
7  3 'Structure model' '_pdbx_struct_assembly.oligomeric_details'     
8  3 'Structure model' '_pdbx_struct_oper_list.symmetry_operation'    
9  3 'Structure model' '_software.classification'                     
10 3 'Structure model' '_struct_keywords.text'                        
11 3 'Structure model' '_symmetry.Int_Tables_number'                  
12 4 'Structure model' '_pdbx_audit_support.funding_organization'     
13 5 'Structure model' '_database_2.pdbx_DOI'                         
14 5 'Structure model' '_database_2.pdbx_database_accession'          
15 5 'Structure model' '_refine_hist.pdbx_number_atoms_nucleic_acid'  
16 5 'Structure model' '_refine_hist.pdbx_number_atoms_protein'       
17 6 'Structure model' '_pdbx_entry_details.has_protein_modification' 
# 
_pdbx_database_status.status_code                     REL 
_pdbx_database_status.status_code_sf                  REL 
_pdbx_database_status.status_code_mr                  . 
_pdbx_database_status.entry_id                        4OZ6 
_pdbx_database_status.recvd_initial_deposition_date   2014-02-14 
_pdbx_database_status.SG_entry                        N 
_pdbx_database_status.deposit_site                    RCSB 
_pdbx_database_status.process_site                    RCSB 
_pdbx_database_status.status_code_cs                  . 
_pdbx_database_status.methods_development_category    . 
_pdbx_database_status.pdb_format_compatible           Y 
_pdbx_database_status.status_code_nmr_data            ? 
# 
loop_
_audit_author.name 
_audit_author.pdbx_ordinal 
'Bick, M.J.'         1 
'Liu, Z.'            2 
'Frutos, S.'         3 
'Vila-Perello, M.'   4 
'Debelouchina, G.T.' 5 
'Darst, S.A.'        6 
'Muir, T.W.'         7 
# 
_citation.abstract                  . 
_citation.abstract_id_CAS           . 
_citation.book_id_ISBN              . 
_citation.book_publisher            ? 
_citation.book_publisher_city       . 
_citation.book_title                . 
_citation.coordinate_linkage        . 
_citation.country                   US 
_citation.database_id_Medline       . 
_citation.details                   . 
_citation.id                        primary 
_citation.journal_abbrev            Proc.Natl.Acad.Sci.USA 
_citation.journal_id_ASTM           PNASA6 
_citation.journal_id_CSD            0040 
_citation.journal_id_ISSN           1091-6490 
_citation.journal_full              . 
_citation.journal_issue             . 
_citation.journal_volume            111 
_citation.language                  . 
_citation.page_first                8422 
_citation.page_last                 8427 
_citation.title                     'Structure of the branched intermediate in protein splicing.' 
_citation.year                      2014 
_citation.database_id_CSD           . 
_citation.pdbx_database_id_DOI      10.1073/pnas.1402942111 
_citation.pdbx_database_id_PubMed   24778214 
_citation.unpublished_flag          . 
# 
loop_
_citation_author.citation_id 
_citation_author.name 
_citation_author.ordinal 
_citation_author.identifier_ORCID 
primary 'Liu, Z.'            1 ? 
primary 'Frutos, S.'         2 ? 
primary 'Bick, M.J.'         3 ? 
primary 'Vila-Perello, M.'   4 ? 
primary 'Debelouchina, G.T.' 5 ? 
primary 'Darst, S.A.'        6 ? 
primary 'Muir, T.W.'         7 ? 
# 
loop_
_entity.id 
_entity.type 
_entity.src_method 
_entity.pdbx_description 
_entity.formula_weight 
_entity.pdbx_number_of_molecules 
_entity.pdbx_ec 
_entity.pdbx_mutation 
_entity.pdbx_fragment 
_entity.details 
1 polymer     man 'Mxe gyrA intein' 21721.477 1  5.99.1.3 'S1A, T184A, A185C, H187(TIH)' 'UNP residues 66-267' ? 
2 polymer     syn ALA-MET-ARG-TYR   540.656   1  5.99.1.3 ?                              'UNP residues 62-65'  ? 
3 non-polymer syn 'MAGNESIUM ION'   24.305    1  ?        ?                              ?                     ? 
4 water       nat water             18.015    29 ?        ?                              ?                     ? 
# 
loop_
_entity_poly.entity_id 
_entity_poly.type 
_entity_poly.nstd_linkage 
_entity_poly.nstd_monomer 
_entity_poly.pdbx_seq_one_letter_code 
_entity_poly.pdbx_seq_one_letter_code_can 
_entity_poly.pdbx_strand_id 
_entity_poly.pdbx_target_identifier 
1 'polypeptide(L)' no yes 
;AITGDALVALPEGESVRIADIVPGARPNSDNAIDLKVLDRHGNPVLADRLFHSGEHPVYTVRTVEGLRVTGTANHPLLCL
VDVAGVPTLLWKLIDEIKPGDYAVIQRSAFSVDCAGFARGKPEFAPTTYTVGVPGLVRFLEAHHRDPDAQAIADELTDGR
FYYAKVASVTDAGVQPVYSLRVDACD(TIH)AFITNGFVSHNTEAP
;
;AITGDALVALPEGESVRIADIVPGARPNSDNAIDLKVLDRHGNPVLADRLFHSGEHPVYTVRTVEGLRVTGTANHPLLCL
VDVAGVPTLLWKLIDEIKPGDYAVIQRSAFSVDCAGFARGKPEFAPTTYTVGVPGLVRFLEAHHRDPDAQAIADELTDGR
FYYAKVASVTDAGVQPVYSLRVDACDAAFITNGFVSHNTEAP
;
A ? 
2 'polypeptide(L)' no no  AMRY AMRY B ? 
# 
loop_
_pdbx_entity_nonpoly.entity_id 
_pdbx_entity_nonpoly.name 
_pdbx_entity_nonpoly.comp_id 
3 'MAGNESIUM ION' MG  
4 water           HOH 
# 
loop_
_entity_poly_seq.entity_id 
_entity_poly_seq.num 
_entity_poly_seq.mon_id 
_entity_poly_seq.hetero 
1 1   ALA n 
1 2   ILE n 
1 3   THR n 
1 4   GLY n 
1 5   ASP n 
1 6   ALA n 
1 7   LEU n 
1 8   VAL n 
1 9   ALA n 
1 10  LEU n 
1 11  PRO n 
1 12  GLU n 
1 13  GLY n 
1 14  GLU n 
1 15  SER n 
1 16  VAL n 
1 17  ARG n 
1 18  ILE n 
1 19  ALA n 
1 20  ASP n 
1 21  ILE n 
1 22  VAL n 
1 23  PRO n 
1 24  GLY n 
1 25  ALA n 
1 26  ARG n 
1 27  PRO n 
1 28  ASN n 
1 29  SER n 
1 30  ASP n 
1 31  ASN n 
1 32  ALA n 
1 33  ILE n 
1 34  ASP n 
1 35  LEU n 
1 36  LYS n 
1 37  VAL n 
1 38  LEU n 
1 39  ASP n 
1 40  ARG n 
1 41  HIS n 
1 42  GLY n 
1 43  ASN n 
1 44  PRO n 
1 45  VAL n 
1 46  LEU n 
1 47  ALA n 
1 48  ASP n 
1 49  ARG n 
1 50  LEU n 
1 51  PHE n 
1 52  HIS n 
1 53  SER n 
1 54  GLY n 
1 55  GLU n 
1 56  HIS n 
1 57  PRO n 
1 58  VAL n 
1 59  TYR n 
1 60  THR n 
1 61  VAL n 
1 62  ARG n 
1 63  THR n 
1 64  VAL n 
1 65  GLU n 
1 66  GLY n 
1 67  LEU n 
1 68  ARG n 
1 69  VAL n 
1 70  THR n 
1 71  GLY n 
1 72  THR n 
1 73  ALA n 
1 74  ASN n 
1 75  HIS n 
1 76  PRO n 
1 77  LEU n 
1 78  LEU n 
1 79  CYS n 
1 80  LEU n 
1 81  VAL n 
1 82  ASP n 
1 83  VAL n 
1 84  ALA n 
1 85  GLY n 
1 86  VAL n 
1 87  PRO n 
1 88  THR n 
1 89  LEU n 
1 90  LEU n 
1 91  TRP n 
1 92  LYS n 
1 93  LEU n 
1 94  ILE n 
1 95  ASP n 
1 96  GLU n 
1 97  ILE n 
1 98  LYS n 
1 99  PRO n 
1 100 GLY n 
1 101 ASP n 
1 102 TYR n 
1 103 ALA n 
1 104 VAL n 
1 105 ILE n 
1 106 GLN n 
1 107 ARG n 
1 108 SER n 
1 109 ALA n 
1 110 PHE n 
1 111 SER n 
1 112 VAL n 
1 113 ASP n 
1 114 CYS n 
1 115 ALA n 
1 116 GLY n 
1 117 PHE n 
1 118 ALA n 
1 119 ARG n 
1 120 GLY n 
1 121 LYS n 
1 122 PRO n 
1 123 GLU n 
1 124 PHE n 
1 125 ALA n 
1 126 PRO n 
1 127 THR n 
1 128 THR n 
1 129 TYR n 
1 130 THR n 
1 131 VAL n 
1 132 GLY n 
1 133 VAL n 
1 134 PRO n 
1 135 GLY n 
1 136 LEU n 
1 137 VAL n 
1 138 ARG n 
1 139 PHE n 
1 140 LEU n 
1 141 GLU n 
1 142 ALA n 
1 143 HIS n 
1 144 HIS n 
1 145 ARG n 
1 146 ASP n 
1 147 PRO n 
1 148 ASP n 
1 149 ALA n 
1 150 GLN n 
1 151 ALA n 
1 152 ILE n 
1 153 ALA n 
1 154 ASP n 
1 155 GLU n 
1 156 LEU n 
1 157 THR n 
1 158 ASP n 
1 159 GLY n 
1 160 ARG n 
1 161 PHE n 
1 162 TYR n 
1 163 TYR n 
1 164 ALA n 
1 165 LYS n 
1 166 VAL n 
1 167 ALA n 
1 168 SER n 
1 169 VAL n 
1 170 THR n 
1 171 ASP n 
1 172 ALA n 
1 173 GLY n 
1 174 VAL n 
1 175 GLN n 
1 176 PRO n 
1 177 VAL n 
1 178 TYR n 
1 179 SER n 
1 180 LEU n 
1 181 ARG n 
1 182 VAL n 
1 183 ASP n 
1 184 ALA n 
1 185 CYS n 
1 186 ASP n 
1 187 TIH n 
1 188 ALA n 
1 189 PHE n 
1 190 ILE n 
1 191 THR n 
1 192 ASN n 
1 193 GLY n 
1 194 PHE n 
1 195 VAL n 
1 196 SER n 
1 197 HIS n 
1 198 ASN n 
1 199 THR n 
1 200 GLU n 
1 201 ALA n 
1 202 PRO n 
2 1   ALA n 
2 2   MET n 
2 3   ARG n 
2 4   TYR n 
# 
_entity_src_gen.entity_id                          1 
_entity_src_gen.pdbx_src_id                        1 
_entity_src_gen.pdbx_alt_source_flag               sample 
_entity_src_gen.pdbx_seq_type                      'Biological sequence' 
_entity_src_gen.pdbx_beg_seq_num                   1 
_entity_src_gen.pdbx_end_seq_num                   202 
_entity_src_gen.gene_src_common_name               ? 
_entity_src_gen.gene_src_genus                     ? 
_entity_src_gen.pdbx_gene_src_gene                 gyrA 
_entity_src_gen.gene_src_species                   ? 
_entity_src_gen.gene_src_strain                    ? 
_entity_src_gen.gene_src_tissue                    ? 
_entity_src_gen.gene_src_tissue_fraction           ? 
_entity_src_gen.gene_src_details                   ? 
_entity_src_gen.pdbx_gene_src_fragment             ? 
_entity_src_gen.pdbx_gene_src_scientific_name      'Mycobacterium xenopi' 
_entity_src_gen.pdbx_gene_src_ncbi_taxonomy_id     1789 
_entity_src_gen.pdbx_gene_src_variant              ? 
_entity_src_gen.pdbx_gene_src_cell_line            ? 
_entity_src_gen.pdbx_gene_src_atcc                 ? 
_entity_src_gen.pdbx_gene_src_organ                ? 
_entity_src_gen.pdbx_gene_src_organelle            ? 
_entity_src_gen.pdbx_gene_src_cell                 ? 
_entity_src_gen.pdbx_gene_src_cellular_location    ? 
_entity_src_gen.host_org_common_name               ? 
_entity_src_gen.pdbx_host_org_scientific_name      'Escherichia coli' 
_entity_src_gen.pdbx_host_org_ncbi_taxonomy_id     562 
_entity_src_gen.host_org_genus                     ? 
_entity_src_gen.pdbx_host_org_gene                 ? 
_entity_src_gen.pdbx_host_org_organ                ? 
_entity_src_gen.host_org_species                   ? 
_entity_src_gen.pdbx_host_org_tissue               ? 
_entity_src_gen.pdbx_host_org_tissue_fraction      ? 
_entity_src_gen.pdbx_host_org_strain               ? 
_entity_src_gen.pdbx_host_org_variant              ? 
_entity_src_gen.pdbx_host_org_cell_line            ? 
_entity_src_gen.pdbx_host_org_atcc                 ? 
_entity_src_gen.pdbx_host_org_culture_collection   ? 
_entity_src_gen.pdbx_host_org_cell                 ? 
_entity_src_gen.pdbx_host_org_organelle            ? 
_entity_src_gen.pdbx_host_org_cellular_location    ? 
_entity_src_gen.pdbx_host_org_vector_type          ? 
_entity_src_gen.pdbx_host_org_vector               ? 
_entity_src_gen.host_org_details                   ? 
_entity_src_gen.expression_system_id               ? 
_entity_src_gen.plasmid_name                       ? 
_entity_src_gen.plasmid_details                    ? 
_entity_src_gen.pdbx_description                   ? 
# 
_pdbx_entity_src_syn.entity_id              2 
_pdbx_entity_src_syn.pdbx_src_id            1 
_pdbx_entity_src_syn.pdbx_alt_source_flag   sample 
_pdbx_entity_src_syn.pdbx_beg_seq_num       ? 
_pdbx_entity_src_syn.pdbx_end_seq_num       ? 
_pdbx_entity_src_syn.organism_scientific    'Mycobacterium xenopi' 
_pdbx_entity_src_syn.organism_common_name   ? 
_pdbx_entity_src_syn.ncbi_taxonomy_id       1789 
_pdbx_entity_src_syn.details                ? 
# 
loop_
_chem_comp.id 
_chem_comp.type 
_chem_comp.mon_nstd_flag 
_chem_comp.name 
_chem_comp.pdbx_synonyms 
_chem_comp.formula 
_chem_comp.formula_weight 
ALA 'L-peptide linking' y ALANINE                  ? 'C3 H7 N O2'     89.093  
ARG 'L-peptide linking' y ARGININE                 ? 'C6 H15 N4 O2 1' 175.209 
ASN 'L-peptide linking' y ASPARAGINE               ? 'C4 H8 N2 O3'    132.118 
ASP 'L-peptide linking' y 'ASPARTIC ACID'          ? 'C4 H7 N O4'     133.103 
CYS 'L-peptide linking' y CYSTEINE                 ? 'C3 H7 N O2 S'   121.158 
GLN 'L-peptide linking' y GLUTAMINE                ? 'C5 H10 N2 O3'   146.144 
GLU 'L-peptide linking' y 'GLUTAMIC ACID'          ? 'C5 H9 N O4'     147.129 
GLY 'peptide linking'   y GLYCINE                  ? 'C2 H5 N O2'     75.067  
HIS 'L-peptide linking' y HISTIDINE                ? 'C6 H10 N3 O2 1' 156.162 
HOH non-polymer         . WATER                    ? 'H2 O'           18.015  
ILE 'L-peptide linking' y ISOLEUCINE               ? 'C6 H13 N O2'    131.173 
LEU 'L-peptide linking' y LEUCINE                  ? 'C6 H13 N O2'    131.173 
LYS 'L-peptide linking' y LYSINE                   ? 'C6 H15 N2 O2 1' 147.195 
MET 'L-peptide linking' y METHIONINE               ? 'C5 H11 N O2 S'  149.211 
MG  non-polymer         . 'MAGNESIUM ION'          ? 'Mg 2'           24.305  
PHE 'L-peptide linking' y PHENYLALANINE            ? 'C9 H11 N O2'    165.189 
PRO 'L-peptide linking' y PROLINE                  ? 'C5 H9 N O2'     115.130 
SER 'L-peptide linking' y SERINE                   ? 'C3 H7 N O3'     105.093 
THR 'L-peptide linking' y THREONINE                ? 'C4 H9 N O3'     119.119 
TIH 'L-peptide linking' n 'BETA(2-THIENYL)ALANINE' ? 'C7 H9 N O2 S'   171.217 
TRP 'L-peptide linking' y TRYPTOPHAN               ? 'C11 H12 N2 O2'  204.225 
TYR 'L-peptide linking' y TYROSINE                 ? 'C9 H11 N O3'    181.189 
VAL 'L-peptide linking' y VALINE                   ? 'C5 H11 N O2'    117.146 
# 
loop_
_pdbx_poly_seq_scheme.asym_id 
_pdbx_poly_seq_scheme.entity_id 
_pdbx_poly_seq_scheme.seq_id 
_pdbx_poly_seq_scheme.mon_id 
_pdbx_poly_seq_scheme.ndb_seq_num 
_pdbx_poly_seq_scheme.pdb_seq_num 
_pdbx_poly_seq_scheme.auth_seq_num 
_pdbx_poly_seq_scheme.pdb_mon_id 
_pdbx_poly_seq_scheme.auth_mon_id 
_pdbx_poly_seq_scheme.pdb_strand_id 
_pdbx_poly_seq_scheme.pdb_ins_code 
_pdbx_poly_seq_scheme.hetero 
A 1 1   ALA 1   1   1   ALA ALA A . n 
A 1 2   ILE 2   2   2   ILE ILE A . n 
A 1 3   THR 3   3   3   THR THR A . n 
A 1 4   GLY 4   4   4   GLY GLY A . n 
A 1 5   ASP 5   5   5   ASP ASP A . n 
A 1 6   ALA 6   6   6   ALA ALA A . n 
A 1 7   LEU 7   7   7   LEU LEU A . n 
A 1 8   VAL 8   8   8   VAL VAL A . n 
A 1 9   ALA 9   9   9   ALA ALA A . n 
A 1 10  LEU 10  10  10  LEU LEU A . n 
A 1 11  PRO 11  11  11  PRO PRO A . n 
A 1 12  GLU 12  12  12  GLU GLU A . n 
A 1 13  GLY 13  13  13  GLY GLY A . n 
A 1 14  GLU 14  14  14  GLU GLU A . n 
A 1 15  SER 15  15  15  SER SER A . n 
A 1 16  VAL 16  16  16  VAL VAL A . n 
A 1 17  ARG 17  17  17  ARG ARG A . n 
A 1 18  ILE 18  18  18  ILE ILE A . n 
A 1 19  ALA 19  19  19  ALA ALA A . n 
A 1 20  ASP 20  20  20  ASP ASP A . n 
A 1 21  ILE 21  21  21  ILE ILE A . n 
A 1 22  VAL 22  22  22  VAL VAL A . n 
A 1 23  PRO 23  23  23  PRO PRO A . n 
A 1 24  GLY 24  24  24  GLY GLY A . n 
A 1 25  ALA 25  25  25  ALA ALA A . n 
A 1 26  ARG 26  26  26  ARG ARG A . n 
A 1 27  PRO 27  27  27  PRO PRO A . n 
A 1 28  ASN 28  28  28  ASN ASN A . n 
A 1 29  SER 29  29  29  SER SER A . n 
A 1 30  ASP 30  30  30  ASP ASP A . n 
A 1 31  ASN 31  31  31  ASN ASN A . n 
A 1 32  ALA 32  32  32  ALA ALA A . n 
A 1 33  ILE 33  33  33  ILE ILE A . n 
A 1 34  ASP 34  34  34  ASP ASP A . n 
A 1 35  LEU 35  35  35  LEU LEU A . n 
A 1 36  LYS 36  36  36  LYS LYS A . n 
A 1 37  VAL 37  37  37  VAL VAL A . n 
A 1 38  LEU 38  38  38  LEU LEU A . n 
A 1 39  ASP 39  39  39  ASP ASP A . n 
A 1 40  ARG 40  40  40  ARG ARG A . n 
A 1 41  HIS 41  41  41  HIS HIS A . n 
A 1 42  GLY 42  42  42  GLY GLY A . n 
A 1 43  ASN 43  43  43  ASN ASN A . n 
A 1 44  PRO 44  44  44  PRO PRO A . n 
A 1 45  VAL 45  45  45  VAL VAL A . n 
A 1 46  LEU 46  46  46  LEU LEU A . n 
A 1 47  ALA 47  47  47  ALA ALA A . n 
A 1 48  ASP 48  48  48  ASP ASP A . n 
A 1 49  ARG 49  49  49  ARG ARG A . n 
A 1 50  LEU 50  50  50  LEU LEU A . n 
A 1 51  PHE 51  51  51  PHE PHE A . n 
A 1 52  HIS 52  52  52  HIS HIS A . n 
A 1 53  SER 53  53  53  SER SER A . n 
A 1 54  GLY 54  54  54  GLY GLY A . n 
A 1 55  GLU 55  55  55  GLU GLU A . n 
A 1 56  HIS 56  56  56  HIS HIS A . n 
A 1 57  PRO 57  57  57  PRO PRO A . n 
A 1 58  VAL 58  58  58  VAL VAL A . n 
A 1 59  TYR 59  59  59  TYR TYR A . n 
A 1 60  THR 60  60  60  THR THR A . n 
A 1 61  VAL 61  61  61  VAL VAL A . n 
A 1 62  ARG 62  62  62  ARG ARG A . n 
A 1 63  THR 63  63  63  THR THR A . n 
A 1 64  VAL 64  64  64  VAL VAL A . n 
A 1 65  GLU 65  65  65  GLU GLU A . n 
A 1 66  GLY 66  66  66  GLY GLY A . n 
A 1 67  LEU 67  67  67  LEU LEU A . n 
A 1 68  ARG 68  68  68  ARG ARG A . n 
A 1 69  VAL 69  69  69  VAL VAL A . n 
A 1 70  THR 70  70  70  THR THR A . n 
A 1 71  GLY 71  71  71  GLY GLY A . n 
A 1 72  THR 72  72  72  THR THR A . n 
A 1 73  ALA 73  73  73  ALA ALA A . n 
A 1 74  ASN 74  74  74  ASN ASN A . n 
A 1 75  HIS 75  75  75  HIS HIS A . n 
A 1 76  PRO 76  76  76  PRO PRO A . n 
A 1 77  LEU 77  77  77  LEU LEU A . n 
A 1 78  LEU 78  78  78  LEU LEU A . n 
A 1 79  CYS 79  79  79  CYS CYS A . n 
A 1 80  LEU 80  80  80  LEU LEU A . n 
A 1 81  VAL 81  81  81  VAL VAL A . n 
A 1 82  ASP 82  82  82  ASP ASP A . n 
A 1 83  VAL 83  83  83  VAL VAL A . n 
A 1 84  ALA 84  84  84  ALA ALA A . n 
A 1 85  GLY 85  85  85  GLY GLY A . n 
A 1 86  VAL 86  86  86  VAL VAL A . n 
A 1 87  PRO 87  87  87  PRO PRO A . n 
A 1 88  THR 88  88  88  THR THR A . n 
A 1 89  LEU 89  89  89  LEU LEU A . n 
A 1 90  LEU 90  90  90  LEU LEU A . n 
A 1 91  TRP 91  91  91  TRP TRP A . n 
A 1 92  LYS 92  92  92  LYS LYS A . n 
A 1 93  LEU 93  93  93  LEU LEU A . n 
A 1 94  ILE 94  94  94  ILE ILE A . n 
A 1 95  ASP 95  95  95  ASP ASP A . n 
A 1 96  GLU 96  96  96  GLU GLU A . n 
A 1 97  ILE 97  97  97  ILE ILE A . n 
A 1 98  LYS 98  98  98  LYS LYS A . n 
A 1 99  PRO 99  99  99  PRO PRO A . n 
A 1 100 GLY 100 100 100 GLY GLY A . n 
A 1 101 ASP 101 101 101 ASP ASP A . n 
A 1 102 TYR 102 102 102 TYR TYR A . n 
A 1 103 ALA 103 103 103 ALA ALA A . n 
A 1 104 VAL 104 104 104 VAL VAL A . n 
A 1 105 ILE 105 105 105 ILE ILE A . n 
A 1 106 GLN 106 106 106 GLN GLN A . n 
A 1 107 ARG 107 107 107 ARG ARG A . n 
A 1 108 SER 108 108 108 SER SER A . n 
A 1 109 ALA 109 109 109 ALA ALA A . n 
A 1 110 PHE 110 110 110 PHE PHE A . n 
A 1 111 SER 111 111 ?   ?   ?   A . n 
A 1 112 VAL 112 112 ?   ?   ?   A . n 
A 1 113 ASP 113 113 ?   ?   ?   A . n 
A 1 114 CYS 114 114 ?   ?   ?   A . n 
A 1 115 ALA 115 115 ?   ?   ?   A . n 
A 1 116 GLY 116 116 ?   ?   ?   A . n 
A 1 117 PHE 117 117 ?   ?   ?   A . n 
A 1 118 ALA 118 118 ?   ?   ?   A . n 
A 1 119 ARG 119 119 ?   ?   ?   A . n 
A 1 120 GLY 120 120 ?   ?   ?   A . n 
A 1 121 LYS 121 121 ?   ?   ?   A . n 
A 1 122 PRO 122 122 ?   ?   ?   A . n 
A 1 123 GLU 123 123 ?   ?   ?   A . n 
A 1 124 PHE 124 124 ?   ?   ?   A . n 
A 1 125 ALA 125 125 ?   ?   ?   A . n 
A 1 126 PRO 126 126 ?   ?   ?   A . n 
A 1 127 THR 127 127 ?   ?   ?   A . n 
A 1 128 THR 128 128 ?   ?   ?   A . n 
A 1 129 TYR 129 129 ?   ?   ?   A . n 
A 1 130 THR 130 130 ?   ?   ?   A . n 
A 1 131 VAL 131 131 ?   ?   ?   A . n 
A 1 132 GLY 132 132 ?   ?   ?   A . n 
A 1 133 VAL 133 133 133 VAL VAL A . n 
A 1 134 PRO 134 134 134 PRO PRO A . n 
A 1 135 GLY 135 135 135 GLY GLY A . n 
A 1 136 LEU 136 136 136 LEU LEU A . n 
A 1 137 VAL 137 137 137 VAL VAL A . n 
A 1 138 ARG 138 138 138 ARG ARG A . n 
A 1 139 PHE 139 139 139 PHE PHE A . n 
A 1 140 LEU 140 140 140 LEU LEU A . n 
A 1 141 GLU 141 141 ?   ?   ?   A . n 
A 1 142 ALA 142 142 ?   ?   ?   A . n 
A 1 143 HIS 143 143 ?   ?   ?   A . n 
A 1 144 HIS 144 144 ?   ?   ?   A . n 
A 1 145 ARG 145 145 ?   ?   ?   A . n 
A 1 146 ASP 146 146 ?   ?   ?   A . n 
A 1 147 PRO 147 147 ?   ?   ?   A . n 
A 1 148 ASP 148 148 ?   ?   ?   A . n 
A 1 149 ALA 149 149 149 ALA ALA A . n 
A 1 150 GLN 150 150 150 GLN GLN A . n 
A 1 151 ALA 151 151 151 ALA ALA A . n 
A 1 152 ILE 152 152 152 ILE ILE A . n 
A 1 153 ALA 153 153 153 ALA ALA A . n 
A 1 154 ASP 154 154 154 ASP ASP A . n 
A 1 155 GLU 155 155 155 GLU GLU A . n 
A 1 156 LEU 156 156 156 LEU LEU A . n 
A 1 157 THR 157 157 157 THR THR A . n 
A 1 158 ASP 158 158 158 ASP ASP A . n 
A 1 159 GLY 159 159 159 GLY GLY A . n 
A 1 160 ARG 160 160 160 ARG ARG A . n 
A 1 161 PHE 161 161 161 PHE PHE A . n 
A 1 162 TYR 162 162 162 TYR TYR A . n 
A 1 163 TYR 163 163 163 TYR TYR A . n 
A 1 164 ALA 164 164 164 ALA ALA A . n 
A 1 165 LYS 165 165 165 LYS LYS A . n 
A 1 166 VAL 166 166 166 VAL VAL A . n 
A 1 167 ALA 167 167 167 ALA ALA A . n 
A 1 168 SER 168 168 168 SER SER A . n 
A 1 169 VAL 169 169 169 VAL VAL A . n 
A 1 170 THR 170 170 170 THR THR A . n 
A 1 171 ASP 171 171 171 ASP ASP A . n 
A 1 172 ALA 172 172 172 ALA ALA A . n 
A 1 173 GLY 173 173 173 GLY GLY A . n 
A 1 174 VAL 174 174 174 VAL VAL A . n 
A 1 175 GLN 175 175 175 GLN GLN A . n 
A 1 176 PRO 176 176 176 PRO PRO A . n 
A 1 177 VAL 177 177 177 VAL VAL A . n 
A 1 178 TYR 178 178 178 TYR TYR A . n 
A 1 179 SER 179 179 179 SER SER A . n 
A 1 180 LEU 180 180 180 LEU LEU A . n 
A 1 181 ARG 181 181 181 ARG ARG A . n 
A 1 182 VAL 182 182 182 VAL VAL A . n 
A 1 183 ASP 183 183 183 ASP ASP A . n 
A 1 184 ALA 184 184 184 ALA ALA A . n 
A 1 185 CYS 185 185 185 CYS CYS A . n 
A 1 186 ASP 186 186 186 ASP ASP A . n 
A 1 187 TIH 187 187 187 TIH TIH A . n 
A 1 188 ALA 188 188 188 ALA ALA A . n 
A 1 189 PHE 189 189 189 PHE PHE A . n 
A 1 190 ILE 190 190 190 ILE ILE A . n 
A 1 191 THR 191 191 191 THR THR A . n 
A 1 192 ASN 192 192 192 ASN ASN A . n 
A 1 193 GLY 193 193 193 GLY GLY A . n 
A 1 194 PHE 194 194 194 PHE PHE A . n 
A 1 195 VAL 195 195 195 VAL VAL A . n 
A 1 196 SER 196 196 196 SER SER A . n 
A 1 197 HIS 197 197 197 HIS HIS A . n 
A 1 198 ASN 198 198 198 ASN ASN A . n 
A 1 199 THR 199 199 199 THR THR A . n 
A 1 200 GLU 200 200 200 GLU GLU A . n 
A 1 201 ALA 201 201 201 ALA ALA A . n 
A 1 202 PRO 202 202 202 PRO PRO A . n 
B 2 1   ALA 1   62  62  ALA ALA B . n 
B 2 2   MET 2   63  63  MET MET B . n 
B 2 3   ARG 3   64  64  ARG ARG B . n 
B 2 4   TYR 4   65  65  TYR TYR B . n 
# 
loop_
_pdbx_nonpoly_scheme.asym_id 
_pdbx_nonpoly_scheme.entity_id 
_pdbx_nonpoly_scheme.mon_id 
_pdbx_nonpoly_scheme.ndb_seq_num 
_pdbx_nonpoly_scheme.pdb_seq_num 
_pdbx_nonpoly_scheme.auth_seq_num 
_pdbx_nonpoly_scheme.pdb_mon_id 
_pdbx_nonpoly_scheme.auth_mon_id 
_pdbx_nonpoly_scheme.pdb_strand_id 
_pdbx_nonpoly_scheme.pdb_ins_code 
C 3 MG  1  301 1  MG  MG  A . 
D 4 HOH 1  401 28 HOH HOH A . 
D 4 HOH 2  402 3  HOH HOH A . 
D 4 HOH 3  403 2  HOH HOH A . 
D 4 HOH 4  404 16 HOH HOH A . 
D 4 HOH 5  405 15 HOH HOH A . 
D 4 HOH 6  406 26 HOH HOH A . 
D 4 HOH 7  407 27 HOH HOH A . 
D 4 HOH 8  408 5  HOH HOH A . 
D 4 HOH 9  409 18 HOH HOH A . 
D 4 HOH 10 410 12 HOH HOH A . 
D 4 HOH 11 411 14 HOH HOH A . 
D 4 HOH 12 412 29 HOH HOH A . 
D 4 HOH 13 413 1  HOH HOH A . 
D 4 HOH 14 414 4  HOH HOH A . 
D 4 HOH 15 415 6  HOH HOH A . 
D 4 HOH 16 416 7  HOH HOH A . 
D 4 HOH 17 417 8  HOH HOH A . 
D 4 HOH 18 418 9  HOH HOH A . 
D 4 HOH 19 419 10 HOH HOH A . 
D 4 HOH 20 420 11 HOH HOH A . 
D 4 HOH 21 421 13 HOH HOH A . 
D 4 HOH 22 422 17 HOH HOH A . 
D 4 HOH 23 423 19 HOH HOH A . 
D 4 HOH 24 424 20 HOH HOH A . 
D 4 HOH 25 425 21 HOH HOH A . 
D 4 HOH 26 426 22 HOH HOH A . 
D 4 HOH 27 427 23 HOH HOH A . 
D 4 HOH 28 428 24 HOH HOH A . 
D 4 HOH 29 429 25 HOH HOH A . 
# 
loop_
_pdbx_unobs_or_zero_occ_atoms.id 
_pdbx_unobs_or_zero_occ_atoms.PDB_model_num 
_pdbx_unobs_or_zero_occ_atoms.polymer_flag 
_pdbx_unobs_or_zero_occ_atoms.occupancy_flag 
_pdbx_unobs_or_zero_occ_atoms.auth_asym_id 
_pdbx_unobs_or_zero_occ_atoms.auth_comp_id 
_pdbx_unobs_or_zero_occ_atoms.auth_seq_id 
_pdbx_unobs_or_zero_occ_atoms.PDB_ins_code 
_pdbx_unobs_or_zero_occ_atoms.auth_atom_id 
_pdbx_unobs_or_zero_occ_atoms.label_alt_id 
_pdbx_unobs_or_zero_occ_atoms.label_asym_id 
_pdbx_unobs_or_zero_occ_atoms.label_comp_id 
_pdbx_unobs_or_zero_occ_atoms.label_seq_id 
_pdbx_unobs_or_zero_occ_atoms.label_atom_id 
1  1 Y 1 A GLU 14  ? CD  ? A GLU 14  CD  
2  1 Y 1 A GLU 14  ? OE1 ? A GLU 14  OE1 
3  1 Y 1 A GLU 14  ? OE2 ? A GLU 14  OE2 
4  1 Y 1 A ARG 26  ? NE  ? A ARG 26  NE  
5  1 Y 1 A ARG 26  ? CZ  ? A ARG 26  CZ  
6  1 Y 1 A ARG 26  ? NH1 ? A ARG 26  NH1 
7  1 Y 1 A ARG 26  ? NH2 ? A ARG 26  NH2 
8  1 Y 1 A PHE 110 ? CG  ? A PHE 110 CG  
9  1 Y 1 A PHE 110 ? CD1 ? A PHE 110 CD1 
10 1 Y 1 A PHE 110 ? CD2 ? A PHE 110 CD2 
11 1 Y 1 A PHE 110 ? CE1 ? A PHE 110 CE1 
12 1 Y 1 A PHE 110 ? CE2 ? A PHE 110 CE2 
13 1 Y 1 A PHE 110 ? CZ  ? A PHE 110 CZ  
14 1 Y 1 A ARG 138 ? CG  ? A ARG 138 CG  
15 1 Y 1 A ARG 138 ? CD  ? A ARG 138 CD  
16 1 Y 1 A ARG 138 ? NE  ? A ARG 138 NE  
17 1 Y 1 A ARG 138 ? CZ  ? A ARG 138 CZ  
18 1 Y 1 A ARG 138 ? NH1 ? A ARG 138 NH1 
19 1 Y 1 A ARG 138 ? NH2 ? A ARG 138 NH2 
20 1 Y 1 B MET 63  ? CG  ? B MET 2   CG  
21 1 Y 1 B MET 63  ? SD  ? B MET 2   SD  
22 1 Y 1 B MET 63  ? CE  ? B MET 2   CE  
23 1 Y 1 B ARG 64  ? CG  ? B ARG 3   CG  
24 1 Y 1 B ARG 64  ? CD  ? B ARG 3   CD  
25 1 Y 1 B ARG 64  ? NE  ? B ARG 3   NE  
26 1 Y 1 B ARG 64  ? CZ  ? B ARG 3   CZ  
27 1 Y 1 B ARG 64  ? NH1 ? B ARG 3   NH1 
28 1 Y 1 B ARG 64  ? NH2 ? B ARG 3   NH2 
# 
loop_
_software.citation_id 
_software.classification 
_software.compiler_name 
_software.compiler_version 
_software.contact_author 
_software.contact_author_email 
_software.date 
_software.description 
_software.dependencies 
_software.hardware 
_software.language 
_software.location 
_software.mods 
_software.name 
_software.os 
_software.os_version 
_software.type 
_software.version 
_software.pdbx_ordinal 
? 'data scaling'    . . . . . . . . . . . HKL-2000    . . . .                          1 
? 'data extraction' . . . . . . . . . . . PDB_EXTRACT . . . 3.14                       2 
? refinement        . . . . . . . . . . . PHENIX      . . . '(phenix.refine: 1.7_650)' 3 
? phasing           . . . . . . . . . . . PHASER      . . . .                          4 
# 
_cell.length_a           58.746 
_cell.length_b           58.746 
_cell.length_c           111.762 
_cell.angle_alpha        90.000 
_cell.angle_beta         90.000 
_cell.angle_gamma        90.000 
_cell.entry_id           4OZ6 
_cell.Z_PDB              8 
_cell.pdbx_unique_axis   ? 
# 
_symmetry.entry_id                         4OZ6 
_symmetry.cell_setting                     . 
_symmetry.Int_Tables_number                92 
_symmetry.space_group_name_Hall            . 
_symmetry.space_group_name_H-M             'P 41 21 2' 
_symmetry.pdbx_full_space_group_name_H-M   . 
# 
_exptl.absorpt_coefficient_mu     . 
_exptl.absorpt_correction_T_max   . 
_exptl.absorpt_correction_T_min   . 
_exptl.absorpt_correction_type    . 
_exptl.absorpt_process_details    . 
_exptl.entry_id                   4OZ6 
_exptl.crystals_number            1 
_exptl.details                    . 
_exptl.method                     'X-RAY DIFFRACTION' 
_exptl.method_details             . 
# 
_exptl_crystal.colour                      . 
_exptl_crystal.density_diffrn              . 
_exptl_crystal.density_Matthews            2.17 
_exptl_crystal.density_method              . 
_exptl_crystal.density_percent_sol         43.20 
_exptl_crystal.description                 'Chunk-like, approximately 100 X 100 microns.  Numerous cracks present throughout.' 
_exptl_crystal.F_000                       . 
_exptl_crystal.id                          1 
_exptl_crystal.preparation                 . 
_exptl_crystal.size_max                    . 
_exptl_crystal.size_mid                    . 
_exptl_crystal.size_min                    . 
_exptl_crystal.size_rad                    . 
_exptl_crystal.colour_lustre               . 
_exptl_crystal.colour_modifier             . 
_exptl_crystal.colour_primary              . 
_exptl_crystal.density_meas                . 
_exptl_crystal.density_meas_esd            . 
_exptl_crystal.density_meas_gt             . 
_exptl_crystal.density_meas_lt             . 
_exptl_crystal.density_meas_temp           . 
_exptl_crystal.density_meas_temp_esd       . 
_exptl_crystal.density_meas_temp_gt        . 
_exptl_crystal.density_meas_temp_lt        . 
_exptl_crystal.pdbx_crystal_image_url      . 
_exptl_crystal.pdbx_crystal_image_format   . 
_exptl_crystal.pdbx_mosaicity              . 
_exptl_crystal.pdbx_mosaicity_esd          . 
# 
_exptl_crystal_grow.apparatus       . 
_exptl_crystal_grow.atmosphere      . 
_exptl_crystal_grow.crystal_id      1 
_exptl_crystal_grow.details         . 
_exptl_crystal_grow.method          'VAPOR DIFFUSION, HANGING DROP' 
_exptl_crystal_grow.method_ref      . 
_exptl_crystal_grow.pH              6.5 
_exptl_crystal_grow.pressure        . 
_exptl_crystal_grow.pressure_esd    . 
_exptl_crystal_grow.seeding         . 
_exptl_crystal_grow.seeding_ref     . 
_exptl_crystal_grow.temp            277 
_exptl_crystal_grow.temp_details    . 
_exptl_crystal_grow.temp_esd        . 
_exptl_crystal_grow.time            . 
_exptl_crystal_grow.pdbx_details    
;Crystals were obtained by mixing 1 ul of protein with 1 ul of crystallization solution (100mM sodium cacodylate, pH 6.5, 200mM magnesium acetate, and 20% (w/v) PEG 8000.
;
_exptl_crystal_grow.pdbx_pH_range   . 
# 
_diffrn.ambient_environment    . 
_diffrn.ambient_temp           100 
_diffrn.ambient_temp_details   . 
_diffrn.ambient_temp_esd       . 
_diffrn.crystal_id             1 
_diffrn.crystal_support        . 
_diffrn.crystal_treatment      . 
_diffrn.details                . 
_diffrn.id                     1 
_diffrn.ambient_pressure       . 
_diffrn.ambient_pressure_esd   . 
_diffrn.ambient_pressure_gt    . 
_diffrn.ambient_pressure_lt    . 
_diffrn.ambient_temp_gt        . 
_diffrn.ambient_temp_lt        . 
# 
_diffrn_detector.details                      . 
_diffrn_detector.detector                     CCD 
_diffrn_detector.diffrn_id                    1 
_diffrn_detector.type                         'ADSC QUANTUM 315' 
_diffrn_detector.area_resol_mean              . 
_diffrn_detector.dtime                        . 
_diffrn_detector.pdbx_frames_total            . 
_diffrn_detector.pdbx_collection_time_total   . 
_diffrn_detector.pdbx_collection_date         2011-03-25 
# 
_diffrn_radiation.collimation                      . 
_diffrn_radiation.diffrn_id                        1 
_diffrn_radiation.filter_edge                      . 
_diffrn_radiation.inhomogeneity                    . 
_diffrn_radiation.monochromator                    . 
_diffrn_radiation.polarisn_norm                    . 
_diffrn_radiation.polarisn_ratio                   . 
_diffrn_radiation.probe                            . 
_diffrn_radiation.type                             . 
_diffrn_radiation.xray_symbol                      . 
_diffrn_radiation.wavelength_id                    1 
_diffrn_radiation.pdbx_monochromatic_or_laue_m_l   . 
_diffrn_radiation.pdbx_wavelength_list             . 
_diffrn_radiation.pdbx_wavelength                  . 
_diffrn_radiation.pdbx_diffrn_protocol             'SINGLE WAVELENGTH' 
_diffrn_radiation.pdbx_analyzer                    . 
_diffrn_radiation.pdbx_scattering_type             x-ray 
# 
_diffrn_radiation_wavelength.id           1 
_diffrn_radiation_wavelength.wavelength   0.97923 
_diffrn_radiation_wavelength.wt           1.0 
# 
_diffrn_source.current                     . 
_diffrn_source.details                     . 
_diffrn_source.diffrn_id                   1 
_diffrn_source.power                       . 
_diffrn_source.size                        . 
_diffrn_source.source                      SYNCHROTRON 
_diffrn_source.target                      . 
_diffrn_source.type                        'APS BEAMLINE 24-ID-E' 
_diffrn_source.voltage                     . 
_diffrn_source.take-off_angle              . 
_diffrn_source.pdbx_wavelength_list        0.97923 
_diffrn_source.pdbx_wavelength             . 
_diffrn_source.pdbx_synchrotron_beamline   24-ID-E 
_diffrn_source.pdbx_synchrotron_site       APS 
# 
_reflns.B_iso_Wilson_estimate            37.300 
_reflns.entry_id                         4OZ6 
_reflns.data_reduction_details           . 
_reflns.data_reduction_method            . 
_reflns.d_resolution_high                2.78 
_reflns.d_resolution_low                 50.00 
_reflns.details                          . 
_reflns.limit_h_max                      . 
_reflns.limit_h_min                      . 
_reflns.limit_k_max                      . 
_reflns.limit_k_min                      . 
_reflns.limit_l_max                      . 
_reflns.limit_l_min                      . 
_reflns.number_all                       ? 
_reflns.number_obs                       5310 
_reflns.observed_criterion               . 
_reflns.observed_criterion_F_max         . 
_reflns.observed_criterion_F_min         . 
_reflns.observed_criterion_I_max         . 
_reflns.observed_criterion_I_min         . 
_reflns.observed_criterion_sigma_F       . 
_reflns.observed_criterion_sigma_I       . 
_reflns.percent_possible_obs             99.7 
_reflns.R_free_details                   . 
_reflns.Rmerge_F_all                     . 
_reflns.Rmerge_F_obs                     . 
_reflns.Friedel_coverage                 . 
_reflns.number_gt                        . 
_reflns.threshold_expression             . 
_reflns.pdbx_redundancy                  8.7 
_reflns.pdbx_Rmerge_I_obs                . 
_reflns.pdbx_Rmerge_I_all                . 
_reflns.pdbx_Rsym_value                  0.059 
_reflns.pdbx_netI_over_av_sigmaI         . 
_reflns.pdbx_netI_over_sigmaI            39.6 
_reflns.pdbx_res_netI_over_av_sigmaI_2   . 
_reflns.pdbx_res_netI_over_sigmaI_2      . 
_reflns.pdbx_chi_squared                 . 
_reflns.pdbx_scaling_rejects             . 
_reflns.pdbx_d_res_high_opt              . 
_reflns.pdbx_d_res_low_opt               . 
_reflns.pdbx_d_res_opt_method            . 
_reflns.phase_calculation_details        . 
_reflns.pdbx_Rrim_I_all                  . 
_reflns.pdbx_Rpim_I_all                  . 
_reflns.pdbx_d_opt                       . 
_reflns.pdbx_number_measured_all         . 
_reflns.pdbx_diffrn_id                   1 
_reflns.pdbx_ordinal                     1 
# 
_reflns_shell.d_res_high                  2.78 
_reflns_shell.d_res_low                   2.88 
_reflns_shell.meanI_over_sigI_all         . 
_reflns_shell.meanI_over_sigI_obs         9.7 
_reflns_shell.number_measured_all         . 
_reflns_shell.number_measured_obs         . 
_reflns_shell.number_possible             . 
_reflns_shell.number_unique_all           . 
_reflns_shell.number_unique_obs           . 
_reflns_shell.percent_possible_all        96.4 
_reflns_shell.percent_possible_obs        . 
_reflns_shell.Rmerge_F_all                . 
_reflns_shell.Rmerge_F_obs                . 
_reflns_shell.Rmerge_I_all                . 
_reflns_shell.Rmerge_I_obs                ? 
_reflns_shell.meanI_over_sigI_gt          . 
_reflns_shell.meanI_over_uI_all           . 
_reflns_shell.meanI_over_uI_gt            . 
_reflns_shell.number_measured_gt          . 
_reflns_shell.number_unique_gt            . 
_reflns_shell.percent_possible_gt         . 
_reflns_shell.Rmerge_F_gt                 . 
_reflns_shell.Rmerge_I_gt                 . 
_reflns_shell.pdbx_redundancy             7.2 
_reflns_shell.pdbx_Rsym_value             0.188 
_reflns_shell.pdbx_chi_squared            . 
_reflns_shell.pdbx_netI_over_sigmaI_all   . 
_reflns_shell.pdbx_netI_over_sigmaI_obs   . 
_reflns_shell.pdbx_Rrim_I_all             . 
_reflns_shell.pdbx_Rpim_I_all             . 
_reflns_shell.pdbx_rejects                . 
_reflns_shell.pdbx_ordinal                1 
_reflns_shell.pdbx_diffrn_id              1 
# 
_refine.aniso_B[1][1]                            1.1952 
_refine.aniso_B[1][2]                            -0.0000 
_refine.aniso_B[1][3]                            -0.0000 
_refine.aniso_B[2][2]                            1.1952 
_refine.aniso_B[2][3]                            -0.0000 
_refine.aniso_B[3][3]                            -2.3903 
_refine.B_iso_max                                81.380 
_refine.B_iso_mean                               35.9400 
_refine.B_iso_min                                15.470 
_refine.correlation_coeff_Fo_to_Fc               . 
_refine.correlation_coeff_Fo_to_Fc_free          . 
_refine.details                                  . 
_refine.diff_density_max                         . 
_refine.diff_density_max_esd                     . 
_refine.diff_density_min                         . 
_refine.diff_density_min_esd                     . 
_refine.diff_density_rms                         . 
_refine.diff_density_rms_esd                     . 
_refine.entry_id                                 4OZ6 
_refine.pdbx_refine_id                           'X-RAY DIFFRACTION' 
_refine.ls_abs_structure_details                 . 
_refine.ls_abs_structure_Flack                   . 
_refine.ls_abs_structure_Flack_esd               . 
_refine.ls_abs_structure_Rogers                  . 
_refine.ls_abs_structure_Rogers_esd              . 
_refine.ls_d_res_high                            2.7860 
_refine.ls_d_res_low                             40.4890 
_refine.ls_extinction_coef                       . 
_refine.ls_extinction_coef_esd                   . 
_refine.ls_extinction_expression                 . 
_refine.ls_extinction_method                     . 
_refine.ls_goodness_of_fit_all                   . 
_refine.ls_goodness_of_fit_all_esd               . 
_refine.ls_goodness_of_fit_obs                   . 
_refine.ls_goodness_of_fit_obs_esd               . 
_refine.ls_hydrogen_treatment                    . 
_refine.ls_matrix_type                           . 
_refine.ls_number_constraints                    . 
_refine.ls_number_parameters                     . 
_refine.ls_number_reflns_all                     . 
_refine.ls_number_reflns_obs                     5236 
_refine.ls_number_reflns_R_free                  241 
_refine.ls_number_reflns_R_work                  4995 
_refine.ls_number_restraints                     . 
_refine.ls_percent_reflns_obs                    98.8900 
_refine.ls_percent_reflns_R_free                 4.6000 
_refine.ls_R_factor_all                          . 
_refine.ls_R_factor_obs                          0.2314 
_refine.ls_R_factor_R_free                       0.2617 
_refine.ls_R_factor_R_free_error                 . 
_refine.ls_R_factor_R_free_error_details         . 
_refine.ls_R_factor_R_work                       0.2298 
_refine.ls_R_Fsqd_factor_obs                     . 
_refine.ls_R_I_factor_obs                        . 
_refine.ls_redundancy_reflns_all                 . 
_refine.ls_redundancy_reflns_obs                 . 
_refine.ls_restrained_S_all                      . 
_refine.ls_restrained_S_obs                      . 
_refine.ls_shift_over_esd_max                    . 
_refine.ls_shift_over_esd_mean                   . 
_refine.ls_structure_factor_coef                 . 
_refine.ls_weighting_details                     . 
_refine.ls_weighting_scheme                      . 
_refine.ls_wR_factor_all                         . 
_refine.ls_wR_factor_obs                         . 
_refine.ls_wR_factor_R_free                      . 
_refine.ls_wR_factor_R_work                      . 
_refine.occupancy_max                            . 
_refine.occupancy_min                            . 
_refine.overall_SU_B                             . 
_refine.overall_SU_ML                            0.4000 
_refine.overall_SU_R_Cruickshank_DPI             . 
_refine.overall_SU_R_free                        . 
_refine.overall_FOM_free_R_set                   . 
_refine.overall_FOM_work_R_set                   0.8037 
_refine.solvent_model_details                    'FLAT BULK SOLVENT MODEL' 
_refine.solvent_model_param_bsol                 23.2830 
_refine.solvent_model_param_ksol                 0.3470 
_refine.ls_R_factor_gt                           . 
_refine.ls_goodness_of_fit_gt                    . 
_refine.ls_goodness_of_fit_ref                   . 
_refine.ls_shift_over_su_max                     . 
_refine.ls_shift_over_su_max_lt                  . 
_refine.ls_shift_over_su_mean                    . 
_refine.ls_shift_over_su_mean_lt                 . 
_refine.pdbx_ls_sigma_I                          . 
_refine.pdbx_ls_sigma_F                          0.000 
_refine.pdbx_ls_sigma_Fsqd                       . 
_refine.pdbx_data_cutoff_high_absF               . 
_refine.pdbx_data_cutoff_high_rms_absF           . 
_refine.pdbx_data_cutoff_low_absF                . 
_refine.pdbx_isotropic_thermal_model             . 
_refine.pdbx_ls_cross_valid_method               'FREE R-VALUE' 
_refine.pdbx_method_to_determine_struct          'MOLECULAR REPLACEMENT' 
_refine.pdbx_starting_model                      1AM2 
_refine.pdbx_stereochemistry_target_values       ML 
_refine.pdbx_R_Free_selection_details            'Random selection' 
_refine.pdbx_stereochem_target_val_spec_case     . 
_refine.pdbx_overall_ESU_R                       . 
_refine.pdbx_overall_ESU_R_Free                  . 
_refine.pdbx_solvent_vdw_probe_radii             1.0000 
_refine.pdbx_solvent_ion_probe_radii             . 
_refine.pdbx_solvent_shrinkage_radii             0.7200 
_refine.pdbx_real_space_R                        . 
_refine.pdbx_density_correlation                 . 
_refine.pdbx_pd_number_of_powder_patterns        . 
_refine.pdbx_pd_number_of_points                 . 
_refine.pdbx_pd_meas_number_of_points            . 
_refine.pdbx_pd_proc_ls_prof_R_factor            . 
_refine.pdbx_pd_proc_ls_prof_wR_factor           . 
_refine.pdbx_pd_Marquardt_correlation_coeff      . 
_refine.pdbx_pd_Fsqrd_R_factor                   . 
_refine.pdbx_pd_ls_matrix_band_width             . 
_refine.pdbx_overall_phase_error                 24.8000 
_refine.pdbx_overall_SU_R_free_Cruickshank_DPI   . 
_refine.pdbx_overall_SU_R_free_Blow_DPI          . 
_refine.pdbx_overall_SU_R_Blow_DPI               . 
_refine.pdbx_TLS_residual_ADP_flag               . 
_refine.pdbx_diffrn_id                           1 
# 
_refine_hist.cycle_id                         final 
_refine_hist.pdbx_refine_id                   'X-RAY DIFFRACTION' 
_refine_hist.d_res_high                       2.7860 
_refine_hist.d_res_low                        40.4890 
_refine_hist.pdbx_number_atoms_ligand         1 
_refine_hist.number_atoms_solvent             29 
_refine_hist.number_atoms_total               1342 
_refine_hist.pdbx_B_iso_mean_ligand           24.27 
_refine_hist.pdbx_B_iso_mean_solvent          27.85 
_refine_hist.pdbx_number_atoms_protein        1312 
_refine_hist.pdbx_number_atoms_nucleic_acid   0 
# 
loop_
_refine_ls_restr.pdbx_refine_id 
_refine_ls_restr.criterion 
_refine_ls_restr.dev_ideal 
_refine_ls_restr.dev_ideal_target 
_refine_ls_restr.number 
_refine_ls_restr.rejects 
_refine_ls_restr.type 
_refine_ls_restr.weight 
_refine_ls_restr.pdbx_restraint_function 
'X-RAY DIFFRACTION' . 0.003  . 1339 . f_bond_d           . . 
'X-RAY DIFFRACTION' . 0.770  . 1831 . f_angle_d          . . 
'X-RAY DIFFRACTION' . 0.049  . 220  . f_chiral_restr     . . 
'X-RAY DIFFRACTION' . 0.003  . 238  . f_plane_restr      . . 
'X-RAY DIFFRACTION' . 14.204 . 465  . f_dihedral_angle_d . . 
# 
loop_
_refine_ls_shell.pdbx_refine_id 
_refine_ls_shell.d_res_high 
_refine_ls_shell.d_res_low 
_refine_ls_shell.number_reflns_all 
_refine_ls_shell.number_reflns_obs 
_refine_ls_shell.number_reflns_R_free 
_refine_ls_shell.number_reflns_R_work 
_refine_ls_shell.percent_reflns_obs 
_refine_ls_shell.percent_reflns_R_free 
_refine_ls_shell.R_factor_all 
_refine_ls_shell.R_factor_obs 
_refine_ls_shell.R_factor_R_free 
_refine_ls_shell.R_factor_R_free_error 
_refine_ls_shell.R_factor_R_work 
_refine_ls_shell.redundancy_reflns_all 
_refine_ls_shell.redundancy_reflns_obs 
_refine_ls_shell.wR_factor_all 
_refine_ls_shell.wR_factor_obs 
_refine_ls_shell.wR_factor_R_free 
_refine_ls_shell.wR_factor_R_work 
_refine_ls_shell.pdbx_total_number_of_bins_used 
_refine_ls_shell.pdbx_phase_error 
'X-RAY DIFFRACTION' 2.786  3.5103  2515 . 119 2396 98.0000  . . . 0.2972 . 0.2454 . . . . . . 2 . 
'X-RAY DIFFRACTION' 3.5103 40.4931 2721 . 122 2599 100.0000 . . . 0.2447 . 0.2219 . . . . . . 2 . 
# 
_struct.entry_id                     4OZ6 
_struct.title                        'Structure of the Branched Intermediate in Protein Splicing' 
_struct.pdbx_model_details           . 
_struct.pdbx_formula_weight          . 
_struct.pdbx_formula_weight_method   . 
_struct.pdbx_model_type_details      . 
_struct.pdbx_CASP_flag               . 
# 
_struct_keywords.entry_id        4OZ6 
_struct_keywords.text            'Intein, ISOMERASE' 
_struct_keywords.pdbx_keywords   ISOMERASE 
# 
loop_
_struct_asym.id 
_struct_asym.pdbx_blank_PDB_chainid_flag 
_struct_asym.pdbx_modified 
_struct_asym.entity_id 
_struct_asym.details 
A N N 1 ? 
B N N 2 ? 
C N N 3 ? 
D N N 4 ? 
# 
loop_
_struct_ref.id 
_struct_ref.db_name 
_struct_ref.db_code 
_struct_ref.pdbx_db_accession 
_struct_ref.entity_id 
_struct_ref.pdbx_seq_one_letter_code 
_struct_ref.pdbx_align_begin 
_struct_ref.pdbx_db_isoform 
1 UNP GYRA_MYCXE P72065 1 
;CITGDALVALPEGESVRIADIVPGARPNSDNAIDLKVLDRHGNPVLADRLFHSGEHPVYTVRTVEGLRVTGTANHPLLCL
VDVAGVPTLLWKLIDEIKPGDYAVIQRSAFSVDCAGFARGKPEFAPTTYTVGVPGLVRFLEAHHRDPDAQAIADELTDGR
FYYAKVASVTDAGVQPVYSLRVDTADHAFITNGFVSHNTEAP
;
66 ? 
2 UNP GYRA_MYCXE P72065 2 AMRY 62 ? 
# 
loop_
_struct_ref_seq.align_id 
_struct_ref_seq.ref_id 
_struct_ref_seq.pdbx_PDB_id_code 
_struct_ref_seq.pdbx_strand_id 
_struct_ref_seq.seq_align_beg 
_struct_ref_seq.pdbx_seq_align_beg_ins_code 
_struct_ref_seq.seq_align_end 
_struct_ref_seq.pdbx_seq_align_end_ins_code 
_struct_ref_seq.pdbx_db_accession 
_struct_ref_seq.db_align_beg 
_struct_ref_seq.pdbx_db_align_beg_ins_code 
_struct_ref_seq.db_align_end 
_struct_ref_seq.pdbx_db_align_end_ins_code 
_struct_ref_seq.pdbx_auth_seq_align_beg 
_struct_ref_seq.pdbx_auth_seq_align_end 
1 1 4OZ6 A 1 ? 202 ? P72065 66 ? 267 ? 1  202 
2 2 4OZ6 B 1 ? 4   ? P72065 62 ? 65  ? 62 65  
# 
loop_
_struct_ref_seq_dif.align_id 
_struct_ref_seq_dif.pdbx_pdb_id_code 
_struct_ref_seq_dif.mon_id 
_struct_ref_seq_dif.pdbx_pdb_strand_id 
_struct_ref_seq_dif.seq_num 
_struct_ref_seq_dif.pdbx_pdb_ins_code 
_struct_ref_seq_dif.pdbx_seq_db_name 
_struct_ref_seq_dif.pdbx_seq_db_accession_code 
_struct_ref_seq_dif.db_mon_id 
_struct_ref_seq_dif.pdbx_seq_db_seq_num 
_struct_ref_seq_dif.details 
_struct_ref_seq_dif.pdbx_auth_seq_num 
_struct_ref_seq_dif.pdbx_ordinal 
1 4OZ6 ALA A 1   ? UNP P72065 CYS 66  'engineered mutation' 1   1 
1 4OZ6 ALA A 184 ? UNP P72065 THR 249 'engineered mutation' 184 2 
1 4OZ6 CYS A 185 ? UNP P72065 ALA 250 'engineered mutation' 185 3 
1 4OZ6 TIH A 187 ? UNP P72065 HIS 252 'engineered mutation' 187 4 
# 
_pdbx_struct_assembly.id                   1 
_pdbx_struct_assembly.details              software_defined_assembly 
_pdbx_struct_assembly.method_details       PISA 
_pdbx_struct_assembly.oligomeric_details   dimeric 
_pdbx_struct_assembly.oligomeric_count     2 
# 
loop_
_pdbx_struct_assembly_prop.biol_id 
_pdbx_struct_assembly_prop.type 
_pdbx_struct_assembly_prop.value 
_pdbx_struct_assembly_prop.details 
1 'ABSA (A^2)' 570  ? 
1 MORE         -10  ? 
1 'SSA (A^2)'  8230 ? 
# 
_pdbx_struct_assembly_gen.assembly_id       1 
_pdbx_struct_assembly_gen.oper_expression   1 
_pdbx_struct_assembly_gen.asym_id_list      A,B,C,D 
# 
_pdbx_struct_oper_list.id                   1 
_pdbx_struct_oper_list.type                 'identity operation' 
_pdbx_struct_oper_list.name                 1_555 
_pdbx_struct_oper_list.symmetry_operation   x,y,z 
_pdbx_struct_oper_list.matrix[1][1]         1.0000000000 
_pdbx_struct_oper_list.matrix[1][2]         0.0000000000 
_pdbx_struct_oper_list.matrix[1][3]         0.0000000000 
_pdbx_struct_oper_list.vector[1]            0.0000000000 
_pdbx_struct_oper_list.matrix[2][1]         0.0000000000 
_pdbx_struct_oper_list.matrix[2][2]         1.0000000000 
_pdbx_struct_oper_list.matrix[2][3]         0.0000000000 
_pdbx_struct_oper_list.vector[2]            0.0000000000 
_pdbx_struct_oper_list.matrix[3][1]         0.0000000000 
_pdbx_struct_oper_list.matrix[3][2]         0.0000000000 
_pdbx_struct_oper_list.matrix[3][3]         1.0000000000 
_pdbx_struct_oper_list.vector[3]            0.0000000000 
# 
loop_
_struct_conf.conf_type_id 
_struct_conf.id 
_struct_conf.pdbx_PDB_helix_id 
_struct_conf.beg_label_comp_id 
_struct_conf.beg_label_asym_id 
_struct_conf.beg_label_seq_id 
_struct_conf.pdbx_beg_PDB_ins_code 
_struct_conf.end_label_comp_id 
_struct_conf.end_label_asym_id 
_struct_conf.end_label_seq_id 
_struct_conf.pdbx_end_PDB_ins_code 
_struct_conf.beg_auth_comp_id 
_struct_conf.beg_auth_asym_id 
_struct_conf.beg_auth_seq_id 
_struct_conf.end_auth_comp_id 
_struct_conf.end_auth_asym_id 
_struct_conf.end_auth_seq_id 
_struct_conf.pdbx_PDB_helix_class 
_struct_conf.details 
_struct_conf.pdbx_PDB_helix_length 
HELX_P HELX_P1 AA1 ASP A 95  ? ILE A 97  ? ASP A 95  ILE A 97  5 ? 3 
HELX_P HELX_P2 AA2 ALA A 151 ? LEU A 156 ? ALA A 151 LEU A 156 1 ? 6 
# 
_struct_conf_type.id          HELX_P 
_struct_conf_type.criteria    ? 
_struct_conf_type.reference   ? 
# 
loop_
_struct_conn.id 
_struct_conn.conn_type_id 
_struct_conn.pdbx_leaving_atom_flag 
_struct_conn.pdbx_PDB_id 
_struct_conn.ptnr1_label_asym_id 
_struct_conn.ptnr1_label_comp_id 
_struct_conn.ptnr1_label_seq_id 
_struct_conn.ptnr1_label_atom_id 
_struct_conn.pdbx_ptnr1_label_alt_id 
_struct_conn.pdbx_ptnr1_PDB_ins_code 
_struct_conn.pdbx_ptnr1_standard_comp_id 
_struct_conn.ptnr1_symmetry 
_struct_conn.ptnr2_label_asym_id 
_struct_conn.ptnr2_label_comp_id 
_struct_conn.ptnr2_label_seq_id 
_struct_conn.ptnr2_label_atom_id 
_struct_conn.pdbx_ptnr2_label_alt_id 
_struct_conn.pdbx_ptnr2_PDB_ins_code 
_struct_conn.ptnr1_auth_asym_id 
_struct_conn.ptnr1_auth_comp_id 
_struct_conn.ptnr1_auth_seq_id 
_struct_conn.ptnr2_auth_asym_id 
_struct_conn.ptnr2_auth_comp_id 
_struct_conn.ptnr2_auth_seq_id 
_struct_conn.ptnr2_symmetry 
_struct_conn.pdbx_ptnr3_label_atom_id 
_struct_conn.pdbx_ptnr3_label_seq_id 
_struct_conn.pdbx_ptnr3_label_comp_id 
_struct_conn.pdbx_ptnr3_label_asym_id 
_struct_conn.pdbx_ptnr3_label_alt_id 
_struct_conn.pdbx_ptnr3_PDB_ins_code 
_struct_conn.details 
_struct_conn.pdbx_dist_value 
_struct_conn.pdbx_value_order 
_struct_conn.pdbx_role 
covale1 covale both ? A ASP 186 C   ? ? ? 1_555 A TIH 187 N ? ? A ASP 186 A TIH 187 1_555 ? ? ? ? ? ? ? 1.329 ? ? 
covale2 covale both ? A TIH 187 C   ? ? ? 1_555 A ALA 188 N ? ? A TIH 187 A ALA 188 1_555 ? ? ? ? ? ? ? 1.329 ? ? 
covale3 covale one  ? A THR 199 OG1 ? ? ? 1_555 B TYR 4   C ? ? A THR 199 B TYR 65  1_555 ? ? ? ? ? ? ? 1.360 ? ? 
# 
_struct_conn_type.id          covale 
_struct_conn_type.criteria    ? 
_struct_conn_type.reference   ? 
# 
loop_
_pdbx_modification_feature.ordinal 
_pdbx_modification_feature.label_comp_id 
_pdbx_modification_feature.label_asym_id 
_pdbx_modification_feature.label_seq_id 
_pdbx_modification_feature.label_alt_id 
_pdbx_modification_feature.modified_residue_label_comp_id 
_pdbx_modification_feature.modified_residue_label_asym_id 
_pdbx_modification_feature.modified_residue_label_seq_id 
_pdbx_modification_feature.modified_residue_label_alt_id 
_pdbx_modification_feature.auth_comp_id 
_pdbx_modification_feature.auth_asym_id 
_pdbx_modification_feature.auth_seq_id 
_pdbx_modification_feature.PDB_ins_code 
_pdbx_modification_feature.symmetry 
_pdbx_modification_feature.modified_residue_auth_comp_id 
_pdbx_modification_feature.modified_residue_auth_asym_id 
_pdbx_modification_feature.modified_residue_auth_seq_id 
_pdbx_modification_feature.modified_residue_PDB_ins_code 
_pdbx_modification_feature.modified_residue_symmetry 
_pdbx_modification_feature.comp_id_linking_atom 
_pdbx_modification_feature.modified_residue_id_linking_atom 
_pdbx_modification_feature.modified_residue_id 
_pdbx_modification_feature.ref_pcm_id 
_pdbx_modification_feature.ref_comp_id 
_pdbx_modification_feature.type 
_pdbx_modification_feature.category 
1 TIH A 187 ? .   . . . TIH A 187 ? 1_555 .   . .  . .     .   . ALA 1 TIH None 'Non-standard residue' 
2 THR A 199 ? TYR B 4 ? THR A 199 ? 1_555 TYR B 65 ? 1_555 OG1 C .   . .   None 'Non-standard linkage' 
# 
loop_
_struct_sheet.id 
_struct_sheet.type 
_struct_sheet.number_strands 
_struct_sheet.details 
AA1 ? 6 ? 
AA2 ? 4 ? 
AA3 ? 2 ? 
AA4 ? 2 ? 
AA5 ? 2 ? 
# 
loop_
_struct_sheet_order.sheet_id 
_struct_sheet_order.range_id_1 
_struct_sheet_order.range_id_2 
_struct_sheet_order.offset 
_struct_sheet_order.sense 
AA1 1 2 ? anti-parallel 
AA1 2 3 ? anti-parallel 
AA1 3 4 ? anti-parallel 
AA1 4 5 ? anti-parallel 
AA1 5 6 ? anti-parallel 
AA2 1 2 ? anti-parallel 
AA2 2 3 ? anti-parallel 
AA2 3 4 ? anti-parallel 
AA3 1 2 ? anti-parallel 
AA4 1 2 ? anti-parallel 
AA5 1 2 ? anti-parallel 
# 
loop_
_struct_sheet_range.sheet_id 
_struct_sheet_range.id 
_struct_sheet_range.beg_label_comp_id 
_struct_sheet_range.beg_label_asym_id 
_struct_sheet_range.beg_label_seq_id 
_struct_sheet_range.pdbx_beg_PDB_ins_code 
_struct_sheet_range.end_label_comp_id 
_struct_sheet_range.end_label_asym_id 
_struct_sheet_range.end_label_seq_id 
_struct_sheet_range.pdbx_end_PDB_ins_code 
_struct_sheet_range.beg_auth_comp_id 
_struct_sheet_range.beg_auth_asym_id 
_struct_sheet_range.beg_auth_seq_id 
_struct_sheet_range.end_auth_comp_id 
_struct_sheet_range.end_auth_asym_id 
_struct_sheet_range.end_auth_seq_id 
AA1 1 SER A 29  ? LEU A 38  ? SER A 29  LEU A 38  
AA1 2 PRO A 44  ? THR A 63  ? PRO A 44  THR A 63  
AA1 3 ARG A 68  ? GLY A 71  ? ARG A 68  GLY A 71  
AA1 4 ILE A 2   ? THR A 3   ? ILE A 2   THR A 3   
AA1 5 TYR A 163 ? VAL A 182 ? TYR A 163 VAL A 182 
AA1 6 TYR A 102 ? VAL A 104 ? TYR A 102 VAL A 104 
AA2 1 SER A 29  ? LEU A 38  ? SER A 29  LEU A 38  
AA2 2 PRO A 44  ? THR A 63  ? PRO A 44  THR A 63  
AA2 3 TYR A 163 ? VAL A 182 ? TYR A 163 VAL A 182 
AA2 4 TYR A 102 ? VAL A 104 ? TYR A 102 VAL A 104 
AA3 1 LEU A 7   ? ALA A 9   ? LEU A 7   ALA A 9   
AA3 2 SER A 15  ? ARG A 17  ? SER A 15  ARG A 17  
AA4 1 PRO A 76  ? ASP A 82  ? PRO A 76  ASP A 82  
AA4 2 PRO A 87  ? LEU A 93  ? PRO A 87  LEU A 93  
AA5 1 ALA A 188 ? THR A 191 ? ALA A 188 THR A 191 
AA5 2 PHE A 194 ? HIS A 197 ? PHE A 194 HIS A 197 
# 
loop_
_pdbx_struct_sheet_hbond.sheet_id 
_pdbx_struct_sheet_hbond.range_id_1 
_pdbx_struct_sheet_hbond.range_id_2 
_pdbx_struct_sheet_hbond.range_1_label_atom_id 
_pdbx_struct_sheet_hbond.range_1_label_comp_id 
_pdbx_struct_sheet_hbond.range_1_label_asym_id 
_pdbx_struct_sheet_hbond.range_1_label_seq_id 
_pdbx_struct_sheet_hbond.range_1_PDB_ins_code 
_pdbx_struct_sheet_hbond.range_1_auth_atom_id 
_pdbx_struct_sheet_hbond.range_1_auth_comp_id 
_pdbx_struct_sheet_hbond.range_1_auth_asym_id 
_pdbx_struct_sheet_hbond.range_1_auth_seq_id 
_pdbx_struct_sheet_hbond.range_2_label_atom_id 
_pdbx_struct_sheet_hbond.range_2_label_comp_id 
_pdbx_struct_sheet_hbond.range_2_label_asym_id 
_pdbx_struct_sheet_hbond.range_2_label_seq_id 
_pdbx_struct_sheet_hbond.range_2_PDB_ins_code 
_pdbx_struct_sheet_hbond.range_2_auth_atom_id 
_pdbx_struct_sheet_hbond.range_2_auth_comp_id 
_pdbx_struct_sheet_hbond.range_2_auth_asym_id 
_pdbx_struct_sheet_hbond.range_2_auth_seq_id 
AA1 1 2 N VAL A 37  ? N VAL A 37  O VAL A 45  ? O VAL A 45  
AA1 2 3 N VAL A 61  ? N VAL A 61  O VAL A 69  ? O VAL A 69  
AA1 3 4 O THR A 70  ? O THR A 70  N THR A 3   ? N THR A 3   
AA1 4 5 N ILE A 2   ? N ILE A 2   O TYR A 178 ? O TYR A 178 
AA1 5 6 O ALA A 164 ? O ALA A 164 N ALA A 103 ? N ALA A 103 
AA2 1 2 N VAL A 37  ? N VAL A 37  O VAL A 45  ? O VAL A 45  
AA2 2 3 N PHE A 51  ? N PHE A 51  O SER A 179 ? O SER A 179 
AA2 3 4 O ALA A 164 ? O ALA A 164 N ALA A 103 ? N ALA A 103 
AA3 1 2 N VAL A 8   ? N VAL A 8   O VAL A 16  ? O VAL A 16  
AA4 1 2 N CYS A 79  ? N CYS A 79  O LEU A 90  ? O LEU A 90  
AA5 1 2 N PHE A 189 ? N PHE A 189 O SER A 196 ? O SER A 196 
# 
loop_
_struct_site.id 
_struct_site.pdbx_evidence_code 
_struct_site.pdbx_auth_asym_id 
_struct_site.pdbx_auth_comp_id 
_struct_site.pdbx_auth_seq_id 
_struct_site.pdbx_auth_ins_code 
_struct_site.pdbx_num_residues 
_struct_site.details 
AC1 Software A MG  301 ? 4 'binding site for residue MG A 301'           
AC2 Software B ALA 62  ? 6 'binding site for chain B of ALA-MET-ARG-TYR' 
# 
loop_
_struct_site_gen.id 
_struct_site_gen.site_id 
_struct_site_gen.pdbx_num_res 
_struct_site_gen.label_comp_id 
_struct_site_gen.label_asym_id 
_struct_site_gen.label_seq_id 
_struct_site_gen.pdbx_auth_ins_code 
_struct_site_gen.auth_comp_id 
_struct_site_gen.auth_asym_id 
_struct_site_gen.auth_seq_id 
_struct_site_gen.label_atom_id 
_struct_site_gen.label_alt_id 
_struct_site_gen.symmetry 
_struct_site_gen.details 
1  AC1 4 ILE A 94  ? ILE A 94  . ? 1_555 ? 
2  AC1 4 ASP A 95  ? ASP A 95  . ? 1_555 ? 
3  AC1 4 ILE A 97  ? ILE A 97  . ? 1_555 ? 
4  AC1 4 VAL A 169 ? VAL A 169 . ? 1_555 ? 
5  AC2 6 VAL A 64  ? VAL A 64  . ? 4_554 ? 
6  AC2 6 ASN A 74  ? ASN A 74  . ? 1_555 ? 
7  AC2 6 THR A 199 ? THR A 199 . ? 1_555 ? 
8  AC2 6 GLU A 200 ? GLU A 200 . ? 1_555 ? 
9  AC2 6 ALA A 201 ? ALA A 201 . ? 1_555 ? 
10 AC2 6 HOH D .   ? HOH A 401 . ? 4_554 ? 
# 
_pdbx_entry_details.compound_details           ? 
_pdbx_entry_details.entry_id                   4OZ6 
_pdbx_entry_details.nonpolymer_details         ? 
_pdbx_entry_details.sequence_details           
;Author stated that residues 185-202 of chain A were synthesized as a single peptide first and then ligated to residues 1-184 of Chain A to form the full-length protein.
;
_pdbx_entry_details.source_details             ? 
_pdbx_entry_details.has_ligand_of_interest     ? 
_pdbx_entry_details.has_protein_modification   Y 
# 
loop_
_pdbx_validate_torsion.id 
_pdbx_validate_torsion.PDB_model_num 
_pdbx_validate_torsion.auth_comp_id 
_pdbx_validate_torsion.auth_asym_id 
_pdbx_validate_torsion.auth_seq_id 
_pdbx_validate_torsion.PDB_ins_code 
_pdbx_validate_torsion.label_alt_id 
_pdbx_validate_torsion.phi 
_pdbx_validate_torsion.psi 
1 1 PRO A 99  ? ? -47.36 151.39 
2 1 ALA A 153 ? ? -79.43 32.32  
3 1 ASP A 158 ? ? -38.00 -37.89 
4 1 ASN A 198 ? ? -49.83 150.84 
# 
loop_
_pdbx_unobs_or_zero_occ_residues.id 
_pdbx_unobs_or_zero_occ_residues.PDB_model_num 
_pdbx_unobs_or_zero_occ_residues.polymer_flag 
_pdbx_unobs_or_zero_occ_residues.occupancy_flag 
_pdbx_unobs_or_zero_occ_residues.auth_asym_id 
_pdbx_unobs_or_zero_occ_residues.auth_comp_id 
_pdbx_unobs_or_zero_occ_residues.auth_seq_id 
_pdbx_unobs_or_zero_occ_residues.PDB_ins_code 
_pdbx_unobs_or_zero_occ_residues.label_asym_id 
_pdbx_unobs_or_zero_occ_residues.label_comp_id 
_pdbx_unobs_or_zero_occ_residues.label_seq_id 
1  1 Y 1 A SER 111 ? A SER 111 
2  1 Y 1 A VAL 112 ? A VAL 112 
3  1 Y 1 A ASP 113 ? A ASP 113 
4  1 Y 1 A CYS 114 ? A CYS 114 
5  1 Y 1 A ALA 115 ? A ALA 115 
6  1 Y 1 A GLY 116 ? A GLY 116 
7  1 Y 1 A PHE 117 ? A PHE 117 
8  1 Y 1 A ALA 118 ? A ALA 118 
9  1 Y 1 A ARG 119 ? A ARG 119 
10 1 Y 1 A GLY 120 ? A GLY 120 
11 1 Y 1 A LYS 121 ? A LYS 121 
12 1 Y 1 A PRO 122 ? A PRO 122 
13 1 Y 1 A GLU 123 ? A GLU 123 
14 1 Y 1 A PHE 124 ? A PHE 124 
15 1 Y 1 A ALA 125 ? A ALA 125 
16 1 Y 1 A PRO 126 ? A PRO 126 
17 1 Y 1 A THR 127 ? A THR 127 
18 1 Y 1 A THR 128 ? A THR 128 
19 1 Y 1 A TYR 129 ? A TYR 129 
20 1 Y 1 A THR 130 ? A THR 130 
21 1 Y 1 A VAL 131 ? A VAL 131 
22 1 Y 1 A GLY 132 ? A GLY 132 
23 1 Y 1 A GLU 141 ? A GLU 141 
24 1 Y 1 A ALA 142 ? A ALA 142 
25 1 Y 1 A HIS 143 ? A HIS 143 
26 1 Y 1 A HIS 144 ? A HIS 144 
27 1 Y 1 A ARG 145 ? A ARG 145 
28 1 Y 1 A ASP 146 ? A ASP 146 
29 1 Y 1 A PRO 147 ? A PRO 147 
30 1 Y 1 A ASP 148 ? A ASP 148 
# 
loop_
_chem_comp_atom.comp_id 
_chem_comp_atom.atom_id 
_chem_comp_atom.type_symbol 
_chem_comp_atom.pdbx_aromatic_flag 
_chem_comp_atom.pdbx_stereo_config 
_chem_comp_atom.pdbx_ordinal 
ALA N    N  N N 1   
ALA CA   C  N S 2   
ALA C    C  N N 3   
ALA O    O  N N 4   
ALA CB   C  N N 5   
ALA OXT  O  N N 6   
ALA H    H  N N 7   
ALA H2   H  N N 8   
ALA HA   H  N N 9   
ALA HB1  H  N N 10  
ALA HB2  H  N N 11  
ALA HB3  H  N N 12  
ALA HXT  H  N N 13  
ARG N    N  N N 14  
ARG CA   C  N S 15  
ARG C    C  N N 16  
ARG O    O  N N 17  
ARG CB   C  N N 18  
ARG CG   C  N N 19  
ARG CD   C  N N 20  
ARG NE   N  N N 21  
ARG CZ   C  N N 22  
ARG NH1  N  N N 23  
ARG NH2  N  N N 24  
ARG OXT  O  N N 25  
ARG H    H  N N 26  
ARG H2   H  N N 27  
ARG HA   H  N N 28  
ARG HB2  H  N N 29  
ARG HB3  H  N N 30  
ARG HG2  H  N N 31  
ARG HG3  H  N N 32  
ARG HD2  H  N N 33  
ARG HD3  H  N N 34  
ARG HE   H  N N 35  
ARG HH11 H  N N 36  
ARG HH12 H  N N 37  
ARG HH21 H  N N 38  
ARG HH22 H  N N 39  
ARG HXT  H  N N 40  
ASN N    N  N N 41  
ASN CA   C  N S 42  
ASN C    C  N N 43  
ASN O    O  N N 44  
ASN CB   C  N N 45  
ASN CG   C  N N 46  
ASN OD1  O  N N 47  
ASN ND2  N  N N 48  
ASN OXT  O  N N 49  
ASN H    H  N N 50  
ASN H2   H  N N 51  
ASN HA   H  N N 52  
ASN HB2  H  N N 53  
ASN HB3  H  N N 54  
ASN HD21 H  N N 55  
ASN HD22 H  N N 56  
ASN HXT  H  N N 57  
ASP N    N  N N 58  
ASP CA   C  N S 59  
ASP C    C  N N 60  
ASP O    O  N N 61  
ASP CB   C  N N 62  
ASP CG   C  N N 63  
ASP OD1  O  N N 64  
ASP OD2  O  N N 65  
ASP OXT  O  N N 66  
ASP H    H  N N 67  
ASP H2   H  N N 68  
ASP HA   H  N N 69  
ASP HB2  H  N N 70  
ASP HB3  H  N N 71  
ASP HD2  H  N N 72  
ASP HXT  H  N N 73  
CYS N    N  N N 74  
CYS CA   C  N R 75  
CYS C    C  N N 76  
CYS O    O  N N 77  
CYS CB   C  N N 78  
CYS SG   S  N N 79  
CYS OXT  O  N N 80  
CYS H    H  N N 81  
CYS H2   H  N N 82  
CYS HA   H  N N 83  
CYS HB2  H  N N 84  
CYS HB3  H  N N 85  
CYS HG   H  N N 86  
CYS HXT  H  N N 87  
GLN N    N  N N 88  
GLN CA   C  N S 89  
GLN C    C  N N 90  
GLN O    O  N N 91  
GLN CB   C  N N 92  
GLN CG   C  N N 93  
GLN CD   C  N N 94  
GLN OE1  O  N N 95  
GLN NE2  N  N N 96  
GLN OXT  O  N N 97  
GLN H    H  N N 98  
GLN H2   H  N N 99  
GLN HA   H  N N 100 
GLN HB2  H  N N 101 
GLN HB3  H  N N 102 
GLN HG2  H  N N 103 
GLN HG3  H  N N 104 
GLN HE21 H  N N 105 
GLN HE22 H  N N 106 
GLN HXT  H  N N 107 
GLU N    N  N N 108 
GLU CA   C  N S 109 
GLU C    C  N N 110 
GLU O    O  N N 111 
GLU CB   C  N N 112 
GLU CG   C  N N 113 
GLU CD   C  N N 114 
GLU OE1  O  N N 115 
GLU OE2  O  N N 116 
GLU OXT  O  N N 117 
GLU H    H  N N 118 
GLU H2   H  N N 119 
GLU HA   H  N N 120 
GLU HB2  H  N N 121 
GLU HB3  H  N N 122 
GLU HG2  H  N N 123 
GLU HG3  H  N N 124 
GLU HE2  H  N N 125 
GLU HXT  H  N N 126 
GLY N    N  N N 127 
GLY CA   C  N N 128 
GLY C    C  N N 129 
GLY O    O  N N 130 
GLY OXT  O  N N 131 
GLY H    H  N N 132 
GLY H2   H  N N 133 
GLY HA2  H  N N 134 
GLY HA3  H  N N 135 
GLY HXT  H  N N 136 
HIS N    N  N N 137 
HIS CA   C  N S 138 
HIS C    C  N N 139 
HIS O    O  N N 140 
HIS CB   C  N N 141 
HIS CG   C  Y N 142 
HIS ND1  N  Y N 143 
HIS CD2  C  Y N 144 
HIS CE1  C  Y N 145 
HIS NE2  N  Y N 146 
HIS OXT  O  N N 147 
HIS H    H  N N 148 
HIS H2   H  N N 149 
HIS HA   H  N N 150 
HIS HB2  H  N N 151 
HIS HB3  H  N N 152 
HIS HD1  H  N N 153 
HIS HD2  H  N N 154 
HIS HE1  H  N N 155 
HIS HE2  H  N N 156 
HIS HXT  H  N N 157 
HOH O    O  N N 158 
HOH H1   H  N N 159 
HOH H2   H  N N 160 
ILE N    N  N N 161 
ILE CA   C  N S 162 
ILE C    C  N N 163 
ILE O    O  N N 164 
ILE CB   C  N S 165 
ILE CG1  C  N N 166 
ILE CG2  C  N N 167 
ILE CD1  C  N N 168 
ILE OXT  O  N N 169 
ILE H    H  N N 170 
ILE H2   H  N N 171 
ILE HA   H  N N 172 
ILE HB   H  N N 173 
ILE HG12 H  N N 174 
ILE HG13 H  N N 175 
ILE HG21 H  N N 176 
ILE HG22 H  N N 177 
ILE HG23 H  N N 178 
ILE HD11 H  N N 179 
ILE HD12 H  N N 180 
ILE HD13 H  N N 181 
ILE HXT  H  N N 182 
LEU N    N  N N 183 
LEU CA   C  N S 184 
LEU C    C  N N 185 
LEU O    O  N N 186 
LEU CB   C  N N 187 
LEU CG   C  N N 188 
LEU CD1  C  N N 189 
LEU CD2  C  N N 190 
LEU OXT  O  N N 191 
LEU H    H  N N 192 
LEU H2   H  N N 193 
LEU HA   H  N N 194 
LEU HB2  H  N N 195 
LEU HB3  H  N N 196 
LEU HG   H  N N 197 
LEU HD11 H  N N 198 
LEU HD12 H  N N 199 
LEU HD13 H  N N 200 
LEU HD21 H  N N 201 
LEU HD22 H  N N 202 
LEU HD23 H  N N 203 
LEU HXT  H  N N 204 
LYS N    N  N N 205 
LYS CA   C  N S 206 
LYS C    C  N N 207 
LYS O    O  N N 208 
LYS CB   C  N N 209 
LYS CG   C  N N 210 
LYS CD   C  N N 211 
LYS CE   C  N N 212 
LYS NZ   N  N N 213 
LYS OXT  O  N N 214 
LYS H    H  N N 215 
LYS H2   H  N N 216 
LYS HA   H  N N 217 
LYS HB2  H  N N 218 
LYS HB3  H  N N 219 
LYS HG2  H  N N 220 
LYS HG3  H  N N 221 
LYS HD2  H  N N 222 
LYS HD3  H  N N 223 
LYS HE2  H  N N 224 
LYS HE3  H  N N 225 
LYS HZ1  H  N N 226 
LYS HZ2  H  N N 227 
LYS HZ3  H  N N 228 
LYS HXT  H  N N 229 
MET N    N  N N 230 
MET CA   C  N S 231 
MET C    C  N N 232 
MET O    O  N N 233 
MET CB   C  N N 234 
MET CG   C  N N 235 
MET SD   S  N N 236 
MET CE   C  N N 237 
MET OXT  O  N N 238 
MET H    H  N N 239 
MET H2   H  N N 240 
MET HA   H  N N 241 
MET HB2  H  N N 242 
MET HB3  H  N N 243 
MET HG2  H  N N 244 
MET HG3  H  N N 245 
MET HE1  H  N N 246 
MET HE2  H  N N 247 
MET HE3  H  N N 248 
MET HXT  H  N N 249 
MG  MG   MG N N 250 
PHE N    N  N N 251 
PHE CA   C  N S 252 
PHE C    C  N N 253 
PHE O    O  N N 254 
PHE CB   C  N N 255 
PHE CG   C  Y N 256 
PHE CD1  C  Y N 257 
PHE CD2  C  Y N 258 
PHE CE1  C  Y N 259 
PHE CE2  C  Y N 260 
PHE CZ   C  Y N 261 
PHE OXT  O  N N 262 
PHE H    H  N N 263 
PHE H2   H  N N 264 
PHE HA   H  N N 265 
PHE HB2  H  N N 266 
PHE HB3  H  N N 267 
PHE HD1  H  N N 268 
PHE HD2  H  N N 269 
PHE HE1  H  N N 270 
PHE HE2  H  N N 271 
PHE HZ   H  N N 272 
PHE HXT  H  N N 273 
PRO N    N  N N 274 
PRO CA   C  N S 275 
PRO C    C  N N 276 
PRO O    O  N N 277 
PRO CB   C  N N 278 
PRO CG   C  N N 279 
PRO CD   C  N N 280 
PRO OXT  O  N N 281 
PRO H    H  N N 282 
PRO HA   H  N N 283 
PRO HB2  H  N N 284 
PRO HB3  H  N N 285 
PRO HG2  H  N N 286 
PRO HG3  H  N N 287 
PRO HD2  H  N N 288 
PRO HD3  H  N N 289 
PRO HXT  H  N N 290 
SER N    N  N N 291 
SER CA   C  N S 292 
SER C    C  N N 293 
SER O    O  N N 294 
SER CB   C  N N 295 
SER OG   O  N N 296 
SER OXT  O  N N 297 
SER H    H  N N 298 
SER H2   H  N N 299 
SER HA   H  N N 300 
SER HB2  H  N N 301 
SER HB3  H  N N 302 
SER HG   H  N N 303 
SER HXT  H  N N 304 
THR N    N  N N 305 
THR CA   C  N S 306 
THR C    C  N N 307 
THR O    O  N N 308 
THR CB   C  N R 309 
THR OG1  O  N N 310 
THR CG2  C  N N 311 
THR OXT  O  N N 312 
THR H    H  N N 313 
THR H2   H  N N 314 
THR HA   H  N N 315 
THR HB   H  N N 316 
THR HG1  H  N N 317 
THR HG21 H  N N 318 
THR HG22 H  N N 319 
THR HG23 H  N N 320 
THR HXT  H  N N 321 
TIH N    N  N N 322 
TIH CA   C  N S 323 
TIH C    C  N N 324 
TIH O    O  N N 325 
TIH OXT  O  N N 326 
TIH CB   C  N N 327 
TIH CG   C  Y N 328 
TIH CD   C  Y N 329 
TIH CE1  C  Y N 330 
TIH CE2  C  Y N 331 
TIH SD   S  Y N 332 
TIH H    H  N N 333 
TIH H2   H  N N 334 
TIH HA   H  N N 335 
TIH HXT  H  N N 336 
TIH HB2  H  N N 337 
TIH HB3  H  N N 338 
TIH HD   H  N N 339 
TIH HE1  H  N N 340 
TIH HE2  H  N N 341 
TRP N    N  N N 342 
TRP CA   C  N S 343 
TRP C    C  N N 344 
TRP O    O  N N 345 
TRP CB   C  N N 346 
TRP CG   C  Y N 347 
TRP CD1  C  Y N 348 
TRP CD2  C  Y N 349 
TRP NE1  N  Y N 350 
TRP CE2  C  Y N 351 
TRP CE3  C  Y N 352 
TRP CZ2  C  Y N 353 
TRP CZ3  C  Y N 354 
TRP CH2  C  Y N 355 
TRP OXT  O  N N 356 
TRP H    H  N N 357 
TRP H2   H  N N 358 
TRP HA   H  N N 359 
TRP HB2  H  N N 360 
TRP HB3  H  N N 361 
TRP HD1  H  N N 362 
TRP HE1  H  N N 363 
TRP HE3  H  N N 364 
TRP HZ2  H  N N 365 
TRP HZ3  H  N N 366 
TRP HH2  H  N N 367 
TRP HXT  H  N N 368 
TYR N    N  N N 369 
TYR CA   C  N S 370 
TYR C    C  N N 371 
TYR O    O  N N 372 
TYR CB   C  N N 373 
TYR CG   C  Y N 374 
TYR CD1  C  Y N 375 
TYR CD2  C  Y N 376 
TYR CE1  C  Y N 377 
TYR CE2  C  Y N 378 
TYR CZ   C  Y N 379 
TYR OH   O  N N 380 
TYR OXT  O  N N 381 
TYR H    H  N N 382 
TYR H2   H  N N 383 
TYR HA   H  N N 384 
TYR HB2  H  N N 385 
TYR HB3  H  N N 386 
TYR HD1  H  N N 387 
TYR HD2  H  N N 388 
TYR HE1  H  N N 389 
TYR HE2  H  N N 390 
TYR HH   H  N N 391 
TYR HXT  H  N N 392 
VAL N    N  N N 393 
VAL CA   C  N S 394 
VAL C    C  N N 395 
VAL O    O  N N 396 
VAL CB   C  N N 397 
VAL CG1  C  N N 398 
VAL CG2  C  N N 399 
VAL OXT  O  N N 400 
VAL H    H  N N 401 
VAL H2   H  N N 402 
VAL HA   H  N N 403 
VAL HB   H  N N 404 
VAL HG11 H  N N 405 
VAL HG12 H  N N 406 
VAL HG13 H  N N 407 
VAL HG21 H  N N 408 
VAL HG22 H  N N 409 
VAL HG23 H  N N 410 
VAL HXT  H  N N 411 
# 
loop_
_chem_comp_bond.comp_id 
_chem_comp_bond.atom_id_1 
_chem_comp_bond.atom_id_2 
_chem_comp_bond.value_order 
_chem_comp_bond.pdbx_aromatic_flag 
_chem_comp_bond.pdbx_stereo_config 
_chem_comp_bond.pdbx_ordinal 
ALA N   CA   sing N N 1   
ALA N   H    sing N N 2   
ALA N   H2   sing N N 3   
ALA CA  C    sing N N 4   
ALA CA  CB   sing N N 5   
ALA CA  HA   sing N N 6   
ALA C   O    doub N N 7   
ALA C   OXT  sing N N 8   
ALA CB  HB1  sing N N 9   
ALA CB  HB2  sing N N 10  
ALA CB  HB3  sing N N 11  
ALA OXT HXT  sing N N 12  
ARG N   CA   sing N N 13  
ARG N   H    sing N N 14  
ARG N   H2   sing N N 15  
ARG CA  C    sing N N 16  
ARG CA  CB   sing N N 17  
ARG CA  HA   sing N N 18  
ARG C   O    doub N N 19  
ARG C   OXT  sing N N 20  
ARG CB  CG   sing N N 21  
ARG CB  HB2  sing N N 22  
ARG CB  HB3  sing N N 23  
ARG CG  CD   sing N N 24  
ARG CG  HG2  sing N N 25  
ARG CG  HG3  sing N N 26  
ARG CD  NE   sing N N 27  
ARG CD  HD2  sing N N 28  
ARG CD  HD3  sing N N 29  
ARG NE  CZ   sing N N 30  
ARG NE  HE   sing N N 31  
ARG CZ  NH1  sing N N 32  
ARG CZ  NH2  doub N N 33  
ARG NH1 HH11 sing N N 34  
ARG NH1 HH12 sing N N 35  
ARG NH2 HH21 sing N N 36  
ARG NH2 HH22 sing N N 37  
ARG OXT HXT  sing N N 38  
ASN N   CA   sing N N 39  
ASN N   H    sing N N 40  
ASN N   H2   sing N N 41  
ASN CA  C    sing N N 42  
ASN CA  CB   sing N N 43  
ASN CA  HA   sing N N 44  
ASN C   O    doub N N 45  
ASN C   OXT  sing N N 46  
ASN CB  CG   sing N N 47  
ASN CB  HB2  sing N N 48  
ASN CB  HB3  sing N N 49  
ASN CG  OD1  doub N N 50  
ASN CG  ND2  sing N N 51  
ASN ND2 HD21 sing N N 52  
ASN ND2 HD22 sing N N 53  
ASN OXT HXT  sing N N 54  
ASP N   CA   sing N N 55  
ASP N   H    sing N N 56  
ASP N   H2   sing N N 57  
ASP CA  C    sing N N 58  
ASP CA  CB   sing N N 59  
ASP CA  HA   sing N N 60  
ASP C   O    doub N N 61  
ASP C   OXT  sing N N 62  
ASP CB  CG   sing N N 63  
ASP CB  HB2  sing N N 64  
ASP CB  HB3  sing N N 65  
ASP CG  OD1  doub N N 66  
ASP CG  OD2  sing N N 67  
ASP OD2 HD2  sing N N 68  
ASP OXT HXT  sing N N 69  
CYS N   CA   sing N N 70  
CYS N   H    sing N N 71  
CYS N   H2   sing N N 72  
CYS CA  C    sing N N 73  
CYS CA  CB   sing N N 74  
CYS CA  HA   sing N N 75  
CYS C   O    doub N N 76  
CYS C   OXT  sing N N 77  
CYS CB  SG   sing N N 78  
CYS CB  HB2  sing N N 79  
CYS CB  HB3  sing N N 80  
CYS SG  HG   sing N N 81  
CYS OXT HXT  sing N N 82  
GLN N   CA   sing N N 83  
GLN N   H    sing N N 84  
GLN N   H2   sing N N 85  
GLN CA  C    sing N N 86  
GLN CA  CB   sing N N 87  
GLN CA  HA   sing N N 88  
GLN C   O    doub N N 89  
GLN C   OXT  sing N N 90  
GLN CB  CG   sing N N 91  
GLN CB  HB2  sing N N 92  
GLN CB  HB3  sing N N 93  
GLN CG  CD   sing N N 94  
GLN CG  HG2  sing N N 95  
GLN CG  HG3  sing N N 96  
GLN CD  OE1  doub N N 97  
GLN CD  NE2  sing N N 98  
GLN NE2 HE21 sing N N 99  
GLN NE2 HE22 sing N N 100 
GLN OXT HXT  sing N N 101 
GLU N   CA   sing N N 102 
GLU N   H    sing N N 103 
GLU N   H2   sing N N 104 
GLU CA  C    sing N N 105 
GLU CA  CB   sing N N 106 
GLU CA  HA   sing N N 107 
GLU C   O    doub N N 108 
GLU C   OXT  sing N N 109 
GLU CB  CG   sing N N 110 
GLU CB  HB2  sing N N 111 
GLU CB  HB3  sing N N 112 
GLU CG  CD   sing N N 113 
GLU CG  HG2  sing N N 114 
GLU CG  HG3  sing N N 115 
GLU CD  OE1  doub N N 116 
GLU CD  OE2  sing N N 117 
GLU OE2 HE2  sing N N 118 
GLU OXT HXT  sing N N 119 
GLY N   CA   sing N N 120 
GLY N   H    sing N N 121 
GLY N   H2   sing N N 122 
GLY CA  C    sing N N 123 
GLY CA  HA2  sing N N 124 
GLY CA  HA3  sing N N 125 
GLY C   O    doub N N 126 
GLY C   OXT  sing N N 127 
GLY OXT HXT  sing N N 128 
HIS N   CA   sing N N 129 
HIS N   H    sing N N 130 
HIS N   H2   sing N N 131 
HIS CA  C    sing N N 132 
HIS CA  CB   sing N N 133 
HIS CA  HA   sing N N 134 
HIS C   O    doub N N 135 
HIS C   OXT  sing N N 136 
HIS CB  CG   sing N N 137 
HIS CB  HB2  sing N N 138 
HIS CB  HB3  sing N N 139 
HIS CG  ND1  sing Y N 140 
HIS CG  CD2  doub Y N 141 
HIS ND1 CE1  doub Y N 142 
HIS ND1 HD1  sing N N 143 
HIS CD2 NE2  sing Y N 144 
HIS CD2 HD2  sing N N 145 
HIS CE1 NE2  sing Y N 146 
HIS CE1 HE1  sing N N 147 
HIS NE2 HE2  sing N N 148 
HIS OXT HXT  sing N N 149 
HOH O   H1   sing N N 150 
HOH O   H2   sing N N 151 
ILE N   CA   sing N N 152 
ILE N   H    sing N N 153 
ILE N   H2   sing N N 154 
ILE CA  C    sing N N 155 
ILE CA  CB   sing N N 156 
ILE CA  HA   sing N N 157 
ILE C   O    doub N N 158 
ILE C   OXT  sing N N 159 
ILE CB  CG1  sing N N 160 
ILE CB  CG2  sing N N 161 
ILE CB  HB   sing N N 162 
ILE CG1 CD1  sing N N 163 
ILE CG1 HG12 sing N N 164 
ILE CG1 HG13 sing N N 165 
ILE CG2 HG21 sing N N 166 
ILE CG2 HG22 sing N N 167 
ILE CG2 HG23 sing N N 168 
ILE CD1 HD11 sing N N 169 
ILE CD1 HD12 sing N N 170 
ILE CD1 HD13 sing N N 171 
ILE OXT HXT  sing N N 172 
LEU N   CA   sing N N 173 
LEU N   H    sing N N 174 
LEU N   H2   sing N N 175 
LEU CA  C    sing N N 176 
LEU CA  CB   sing N N 177 
LEU CA  HA   sing N N 178 
LEU C   O    doub N N 179 
LEU C   OXT  sing N N 180 
LEU CB  CG   sing N N 181 
LEU CB  HB2  sing N N 182 
LEU CB  HB3  sing N N 183 
LEU CG  CD1  sing N N 184 
LEU CG  CD2  sing N N 185 
LEU CG  HG   sing N N 186 
LEU CD1 HD11 sing N N 187 
LEU CD1 HD12 sing N N 188 
LEU CD1 HD13 sing N N 189 
LEU CD2 HD21 sing N N 190 
LEU CD2 HD22 sing N N 191 
LEU CD2 HD23 sing N N 192 
LEU OXT HXT  sing N N 193 
LYS N   CA   sing N N 194 
LYS N   H    sing N N 195 
LYS N   H2   sing N N 196 
LYS CA  C    sing N N 197 
LYS CA  CB   sing N N 198 
LYS CA  HA   sing N N 199 
LYS C   O    doub N N 200 
LYS C   OXT  sing N N 201 
LYS CB  CG   sing N N 202 
LYS CB  HB2  sing N N 203 
LYS CB  HB3  sing N N 204 
LYS CG  CD   sing N N 205 
LYS CG  HG2  sing N N 206 
LYS CG  HG3  sing N N 207 
LYS CD  CE   sing N N 208 
LYS CD  HD2  sing N N 209 
LYS CD  HD3  sing N N 210 
LYS CE  NZ   sing N N 211 
LYS CE  HE2  sing N N 212 
LYS CE  HE3  sing N N 213 
LYS NZ  HZ1  sing N N 214 
LYS NZ  HZ2  sing N N 215 
LYS NZ  HZ3  sing N N 216 
LYS OXT HXT  sing N N 217 
MET N   CA   sing N N 218 
MET N   H    sing N N 219 
MET N   H2   sing N N 220 
MET CA  C    sing N N 221 
MET CA  CB   sing N N 222 
MET CA  HA   sing N N 223 
MET C   O    doub N N 224 
MET C   OXT  sing N N 225 
MET CB  CG   sing N N 226 
MET CB  HB2  sing N N 227 
MET CB  HB3  sing N N 228 
MET CG  SD   sing N N 229 
MET CG  HG2  sing N N 230 
MET CG  HG3  sing N N 231 
MET SD  CE   sing N N 232 
MET CE  HE1  sing N N 233 
MET CE  HE2  sing N N 234 
MET CE  HE3  sing N N 235 
MET OXT HXT  sing N N 236 
PHE N   CA   sing N N 237 
PHE N   H    sing N N 238 
PHE N   H2   sing N N 239 
PHE CA  C    sing N N 240 
PHE CA  CB   sing N N 241 
PHE CA  HA   sing N N 242 
PHE C   O    doub N N 243 
PHE C   OXT  sing N N 244 
PHE CB  CG   sing N N 245 
PHE CB  HB2  sing N N 246 
PHE CB  HB3  sing N N 247 
PHE CG  CD1  doub Y N 248 
PHE CG  CD2  sing Y N 249 
PHE CD1 CE1  sing Y N 250 
PHE CD1 HD1  sing N N 251 
PHE CD2 CE2  doub Y N 252 
PHE CD2 HD2  sing N N 253 
PHE CE1 CZ   doub Y N 254 
PHE CE1 HE1  sing N N 255 
PHE CE2 CZ   sing Y N 256 
PHE CE2 HE2  sing N N 257 
PHE CZ  HZ   sing N N 258 
PHE OXT HXT  sing N N 259 
PRO N   CA   sing N N 260 
PRO N   CD   sing N N 261 
PRO N   H    sing N N 262 
PRO CA  C    sing N N 263 
PRO CA  CB   sing N N 264 
PRO CA  HA   sing N N 265 
PRO C   O    doub N N 266 
PRO C   OXT  sing N N 267 
PRO CB  CG   sing N N 268 
PRO CB  HB2  sing N N 269 
PRO CB  HB3  sing N N 270 
PRO CG  CD   sing N N 271 
PRO CG  HG2  sing N N 272 
PRO CG  HG3  sing N N 273 
PRO CD  HD2  sing N N 274 
PRO CD  HD3  sing N N 275 
PRO OXT HXT  sing N N 276 
SER N   CA   sing N N 277 
SER N   H    sing N N 278 
SER N   H2   sing N N 279 
SER CA  C    sing N N 280 
SER CA  CB   sing N N 281 
SER CA  HA   sing N N 282 
SER C   O    doub N N 283 
SER C   OXT  sing N N 284 
SER CB  OG   sing N N 285 
SER CB  HB2  sing N N 286 
SER CB  HB3  sing N N 287 
SER OG  HG   sing N N 288 
SER OXT HXT  sing N N 289 
THR N   CA   sing N N 290 
THR N   H    sing N N 291 
THR N   H2   sing N N 292 
THR CA  C    sing N N 293 
THR CA  CB   sing N N 294 
THR CA  HA   sing N N 295 
THR C   O    doub N N 296 
THR C   OXT  sing N N 297 
THR CB  OG1  sing N N 298 
THR CB  CG2  sing N N 299 
THR CB  HB   sing N N 300 
THR OG1 HG1  sing N N 301 
THR CG2 HG21 sing N N 302 
THR CG2 HG22 sing N N 303 
THR CG2 HG23 sing N N 304 
THR OXT HXT  sing N N 305 
TIH N   CA   sing N N 306 
TIH N   H    sing N N 307 
TIH N   H2   sing N N 308 
TIH CA  C    sing N N 309 
TIH CA  CB   sing N N 310 
TIH CA  HA   sing N N 311 
TIH C   O    doub N N 312 
TIH C   OXT  sing N N 313 
TIH OXT HXT  sing N N 314 
TIH CB  CG   sing N N 315 
TIH CB  HB2  sing N N 316 
TIH CB  HB3  sing N N 317 
TIH CG  CD   doub Y N 318 
TIH CG  SD   sing Y N 319 
TIH CD  CE1  sing Y N 320 
TIH CD  HD   sing N N 321 
TIH CE1 CE2  doub Y N 322 
TIH CE1 HE1  sing N N 323 
TIH CE2 SD   sing Y N 324 
TIH CE2 HE2  sing N N 325 
TRP N   CA   sing N N 326 
TRP N   H    sing N N 327 
TRP N   H2   sing N N 328 
TRP CA  C    sing N N 329 
TRP CA  CB   sing N N 330 
TRP CA  HA   sing N N 331 
TRP C   O    doub N N 332 
TRP C   OXT  sing N N 333 
TRP CB  CG   sing N N 334 
TRP CB  HB2  sing N N 335 
TRP CB  HB3  sing N N 336 
TRP CG  CD1  doub Y N 337 
TRP CG  CD2  sing Y N 338 
TRP CD1 NE1  sing Y N 339 
TRP CD1 HD1  sing N N 340 
TRP CD2 CE2  doub Y N 341 
TRP CD2 CE3  sing Y N 342 
TRP NE1 CE2  sing Y N 343 
TRP NE1 HE1  sing N N 344 
TRP CE2 CZ2  sing Y N 345 
TRP CE3 CZ3  doub Y N 346 
TRP CE3 HE3  sing N N 347 
TRP CZ2 CH2  doub Y N 348 
TRP CZ2 HZ2  sing N N 349 
TRP CZ3 CH2  sing Y N 350 
TRP CZ3 HZ3  sing N N 351 
TRP CH2 HH2  sing N N 352 
TRP OXT HXT  sing N N 353 
TYR N   CA   sing N N 354 
TYR N   H    sing N N 355 
TYR N   H2   sing N N 356 
TYR CA  C    sing N N 357 
TYR CA  CB   sing N N 358 
TYR CA  HA   sing N N 359 
TYR C   O    doub N N 360 
TYR C   OXT  sing N N 361 
TYR CB  CG   sing N N 362 
TYR CB  HB2  sing N N 363 
TYR CB  HB3  sing N N 364 
TYR CG  CD1  doub Y N 365 
TYR CG  CD2  sing Y N 366 
TYR CD1 CE1  sing Y N 367 
TYR CD1 HD1  sing N N 368 
TYR CD2 CE2  doub Y N 369 
TYR CD2 HD2  sing N N 370 
TYR CE1 CZ   doub Y N 371 
TYR CE1 HE1  sing N N 372 
TYR CE2 CZ   sing Y N 373 
TYR CE2 HE2  sing N N 374 
TYR CZ  OH   sing N N 375 
TYR OH  HH   sing N N 376 
TYR OXT HXT  sing N N 377 
VAL N   CA   sing N N 378 
VAL N   H    sing N N 379 
VAL N   H2   sing N N 380 
VAL CA  C    sing N N 381 
VAL CA  CB   sing N N 382 
VAL CA  HA   sing N N 383 
VAL C   O    doub N N 384 
VAL C   OXT  sing N N 385 
VAL CB  CG1  sing N N 386 
VAL CB  CG2  sing N N 387 
VAL CB  HB   sing N N 388 
VAL CG1 HG11 sing N N 389 
VAL CG1 HG12 sing N N 390 
VAL CG1 HG13 sing N N 391 
VAL CG2 HG21 sing N N 392 
VAL CG2 HG22 sing N N 393 
VAL CG2 HG23 sing N N 394 
VAL OXT HXT  sing N N 395 
# 
loop_
_pdbx_audit_support.funding_organization 
_pdbx_audit_support.country 
_pdbx_audit_support.grant_number 
_pdbx_audit_support.ordinal 
'National Institutes of Health/National Institute of General Medical Sciences (NIH/NIGMS)' 'United States' GM086868          1 
'National Institutes of Health/National Institute of General Medical Sciences (NIH/NIGMS)' 'United States' 'P41 GM103403'    2 
'Department of Energy (DOE, United States)'                                                'United States' DE-AC02-06CH11357 3 
# 
_pdbx_initial_refinement_model.id               1 
_pdbx_initial_refinement_model.entity_id_list   ? 
_pdbx_initial_refinement_model.type             'experimental model' 
_pdbx_initial_refinement_model.source_name      PDB 
_pdbx_initial_refinement_model.accession_code   1AM2 
_pdbx_initial_refinement_model.details          ? 
# 
_atom_sites.entry_id                    4OZ6 
_atom_sites.fract_transf_matrix[1][1]   -0.01428490 
_atom_sites.fract_transf_matrix[1][2]   -0.00372244 
_atom_sites.fract_transf_matrix[1][3]   0.00847547 
_atom_sites.fract_transf_matrix[2][1]   0.00102878 
_atom_sites.fract_transf_matrix[2][2]   0.01485012 
_atom_sites.fract_transf_matrix[2][3]   0.00825614 
_atom_sites.fract_transf_matrix[3][1]   -0.00483595 
_atom_sites.fract_transf_matrix[3][2]   0.00391143 
_atom_sites.fract_transf_matrix[3][3]   -0.00643280 
_atom_sites.fract_transf_vector[1]      0.389390 
_atom_sites.fract_transf_vector[2]      0.039120 
_atom_sites.fract_transf_vector[3]      -0.097182 
# 
loop_
_atom_type.symbol 
C  
MG 
N  
O  
S  
# 
loop_
_atom_site.group_PDB 
_atom_site.id 
_atom_site.type_symbol 
_atom_site.label_atom_id 
_atom_site.label_alt_id 
_atom_site.label_comp_id 
_atom_site.label_asym_id 
_atom_site.label_entity_id 
_atom_site.label_seq_id 
_atom_site.pdbx_PDB_ins_code 
_atom_site.Cartn_x 
_atom_site.Cartn_y 
_atom_site.Cartn_z 
_atom_site.occupancy 
_atom_site.B_iso_or_equiv 
_atom_site.pdbx_formal_charge 
_atom_site.auth_seq_id 
_atom_site.auth_comp_id 
_atom_site.auth_asym_id 
_atom_site.auth_atom_id 
_atom_site.pdbx_PDB_model_num 
ATOM   1    N  N   . ALA A 1 1   ? 6.465   6.568   1.835   1.00 21.29 ? 1   ALA A N   1 
ATOM   2    C  CA  . ALA A 1 1   ? 5.458   7.622   1.796   1.00 19.07 ? 1   ALA A CA  1 
ATOM   3    C  C   . ALA A 1 1   ? 4.836   7.761   0.407   1.00 18.80 ? 1   ALA A C   1 
ATOM   4    O  O   . ALA A 1 1   ? 5.468   7.451   -0.601  1.00 17.93 ? 1   ALA A O   1 
ATOM   5    C  CB  . ALA A 1 1   ? 6.055   8.945   2.255   1.00 19.57 ? 1   ALA A CB  1 
ATOM   6    N  N   . ILE A 1 2   ? 3.597   8.243   0.363   1.00 19.40 ? 2   ILE A N   1 
ATOM   7    C  CA  . ILE A 1 2   ? 2.862   8.362   -0.893  1.00 18.83 ? 2   ILE A CA  1 
ATOM   8    C  C   . ILE A 1 2   ? 2.268   9.758   -1.089  1.00 18.98 ? 2   ILE A C   1 
ATOM   9    O  O   . ILE A 1 2   ? 2.072   10.500  -0.130  1.00 20.09 ? 2   ILE A O   1 
ATOM   10   C  CB  . ILE A 1 2   ? 1.747   7.302   -0.990  1.00 18.45 ? 2   ILE A CB  1 
ATOM   11   C  CG1 . ILE A 1 2   ? 1.069   7.109   0.369   1.00 19.62 ? 2   ILE A CG1 1 
ATOM   12   C  CG2 . ILE A 1 2   ? 2.314   5.982   -1.458  1.00 18.00 ? 2   ILE A CG2 1 
ATOM   13   C  CD1 . ILE A 1 2   ? -0.129  8.007   0.586   1.00 20.69 ? 2   ILE A CD1 1 
ATOM   14   N  N   . THR A 1 3   ? 1.990   10.109  -2.340  1.00 19.48 ? 3   THR A N   1 
ATOM   15   C  CA  . THR A 1 3   ? 1.534   11.455  -2.670  1.00 19.60 ? 3   THR A CA  1 
ATOM   16   C  C   . THR A 1 3   ? 0.133   11.759  -2.146  1.00 21.13 ? 3   THR A C   1 
ATOM   17   O  O   . THR A 1 3   ? -0.642  10.857  -1.833  1.00 21.13 ? 3   THR A O   1 
ATOM   18   C  CB  . THR A 1 3   ? 1.600   11.727  -4.191  1.00 17.88 ? 3   THR A CB  1 
ATOM   19   O  OG1 . THR A 1 3   ? 0.910   10.690  -4.896  1.00 20.36 ? 3   THR A OG1 1 
ATOM   20   C  CG2 . THR A 1 3   ? 3.047   11.787  -4.664  1.00 16.59 ? 3   THR A CG2 1 
ATOM   21   N  N   . GLY A 1 4   ? -0.175  13.049  -2.056  1.00 21.57 ? 4   GLY A N   1 
ATOM   22   C  CA  . GLY A 1 4   ? -1.421  13.518  -1.481  1.00 20.28 ? 4   GLY A CA  1 
ATOM   23   C  C   . GLY A 1 4   ? -2.680  13.057  -2.189  1.00 22.84 ? 4   GLY A C   1 
ATOM   24   O  O   . GLY A 1 4   ? -3.765  13.112  -1.621  1.00 22.49 ? 4   GLY A O   1 
ATOM   25   N  N   . ASP A 1 5   ? -2.543  12.600  -3.427  1.00 22.57 ? 5   ASP A N   1 
ATOM   26   C  CA  . ASP A 1 5   ? -3.704  12.182  -4.206  1.00 23.35 ? 5   ASP A CA  1 
ATOM   27   C  C   . ASP A 1 5   ? -4.183  10.792  -3.804  1.00 23.65 ? 5   ASP A C   1 
ATOM   28   O  O   . ASP A 1 5   ? -5.300  10.399  -4.126  1.00 23.39 ? 5   ASP A O   1 
ATOM   29   C  CB  . ASP A 1 5   ? -3.389  12.200  -5.699  1.00 25.58 ? 5   ASP A CB  1 
ATOM   30   C  CG  . ASP A 1 5   ? -2.363  11.162  -6.082  1.00 28.06 ? 5   ASP A CG  1 
ATOM   31   O  OD1 . ASP A 1 5   ? -1.177  11.523  -6.224  1.00 27.03 ? 5   ASP A OD1 1 
ATOM   32   O  OD2 . ASP A 1 5   ? -2.742  9.980   -6.227  1.00 28.86 ? 5   ASP A OD2 1 
ATOM   33   N  N   . ALA A 1 6   ? -3.323  10.054  -3.111  1.00 24.46 ? 6   ALA A N   1 
ATOM   34   C  CA  . ALA A 1 6   ? -3.614  8.685   -2.700  1.00 23.91 ? 6   ALA A CA  1 
ATOM   35   C  C   . ALA A 1 6   ? -4.877  8.563   -1.843  1.00 24.14 ? 6   ALA A C   1 
ATOM   36   O  O   . ALA A 1 6   ? -5.080  9.338   -0.907  1.00 22.40 ? 6   ALA A O   1 
ATOM   37   C  CB  . ALA A 1 6   ? -2.407  8.091   -1.972  1.00 20.91 ? 6   ALA A CB  1 
ATOM   38   N  N   . LEU A 1 7   ? -5.723  7.589   -2.175  1.00 24.38 ? 7   LEU A N   1 
ATOM   39   C  CA  . LEU A 1 7   ? -6.971  7.356   -1.445  1.00 24.17 ? 7   LEU A CA  1 
ATOM   40   C  C   . LEU A 1 7   ? -6.830  6.240   -0.415  1.00 24.94 ? 7   LEU A C   1 
ATOM   41   O  O   . LEU A 1 7   ? -6.603  5.081   -0.767  1.00 24.03 ? 7   LEU A O   1 
ATOM   42   C  CB  . LEU A 1 7   ? -8.111  7.017   -2.416  1.00 25.59 ? 7   LEU A CB  1 
ATOM   43   C  CG  . LEU A 1 7   ? -8.633  8.161   -3.296  1.00 22.14 ? 7   LEU A CG  1 
ATOM   44   C  CD1 . LEU A 1 7   ? -9.627  7.659   -4.342  1.00 21.63 ? 7   LEU A CD1 1 
ATOM   45   C  CD2 . LEU A 1 7   ? -9.259  9.244   -2.430  1.00 21.95 ? 7   LEU A CD2 1 
ATOM   46   N  N   . VAL A 1 8   ? -6.959  6.593   0.858   1.00 26.10 ? 8   VAL A N   1 
ATOM   47   C  CA  . VAL A 1 8   ? -6.930  5.603   1.926   1.00 26.24 ? 8   VAL A CA  1 
ATOM   48   C  C   . VAL A 1 8   ? -8.315  4.988   2.080   1.00 26.87 ? 8   VAL A C   1 
ATOM   49   O  O   . VAL A 1 8   ? -9.325  5.697   2.080   1.00 27.59 ? 8   VAL A O   1 
ATOM   50   C  CB  . VAL A 1 8   ? -6.497  6.218   3.281   1.00 27.62 ? 8   VAL A CB  1 
ATOM   51   C  CG1 . VAL A 1 8   ? -6.312  5.121   4.323   1.00 26.39 ? 8   VAL A CG1 1 
ATOM   52   C  CG2 . VAL A 1 8   ? -5.215  7.025   3.112   1.00 23.66 ? 8   VAL A CG2 1 
ATOM   53   N  N   . ALA A 1 9   ? -8.365  3.668   2.201   1.00 28.39 ? 9   ALA A N   1 
ATOM   54   C  CA  . ALA A 1 9   ? -9.641  2.976   2.291   1.00 29.06 ? 9   ALA A CA  1 
ATOM   55   C  C   . ALA A 1 9   ? -10.198 3.008   3.708   1.00 30.58 ? 9   ALA A C   1 
ATOM   56   O  O   . ALA A 1 9   ? -9.644  2.397   4.625   1.00 31.15 ? 9   ALA A O   1 
ATOM   57   C  CB  . ALA A 1 9   ? -9.518  1.545   1.782   1.00 28.98 ? 9   ALA A CB  1 
ATOM   58   N  N   . LEU A 1 10  ? -11.291 3.743   3.877   1.00 33.13 ? 10  LEU A N   1 
ATOM   59   C  CA  . LEU A 1 10  ? -11.992 3.804   5.151   1.00 34.75 ? 10  LEU A CA  1 
ATOM   60   C  C   . LEU A 1 10  ? -13.102 2.763   5.127   1.00 36.65 ? 10  LEU A C   1 
ATOM   61   O  O   . LEU A 1 10  ? -13.503 2.313   4.055   1.00 36.39 ? 10  LEU A O   1 
ATOM   62   C  CB  . LEU A 1 10  ? -12.579 5.202   5.363   1.00 32.72 ? 10  LEU A CB  1 
ATOM   63   C  CG  . LEU A 1 10  ? -11.646 6.387   5.101   1.00 32.48 ? 10  LEU A CG  1 
ATOM   64   C  CD1 . LEU A 1 10  ? -12.393 7.701   5.265   1.00 32.03 ? 10  LEU A CD1 1 
ATOM   65   C  CD2 . LEU A 1 10  ? -10.417 6.341   6.002   1.00 29.74 ? 10  LEU A CD2 1 
ATOM   66   N  N   . PRO A 1 11  ? -13.596 2.364   6.307   1.00 38.78 ? 11  PRO A N   1 
ATOM   67   C  CA  . PRO A 1 11  ? -14.678 1.377   6.366   1.00 38.67 ? 11  PRO A CA  1 
ATOM   68   C  C   . PRO A 1 11  ? -15.916 1.812   5.588   1.00 39.87 ? 11  PRO A C   1 
ATOM   69   O  O   . PRO A 1 11  ? -16.055 2.978   5.237   1.00 37.93 ? 11  PRO A O   1 
ATOM   70   C  CB  . PRO A 1 11  ? -14.993 1.301   7.860   1.00 36.66 ? 11  PRO A CB  1 
ATOM   71   C  CG  . PRO A 1 11  ? -13.723 1.686   8.532   1.00 36.70 ? 11  PRO A CG  1 
ATOM   72   C  CD  . PRO A 1 11  ? -13.107 2.731   7.648   1.00 37.27 ? 11  PRO A CD  1 
ATOM   73   N  N   . GLU A 1 12  ? -16.810 0.865   5.336   1.00 39.18 ? 12  GLU A N   1 
ATOM   74   C  CA  . GLU A 1 12  ? -18.075 1.138   4.662   1.00 40.34 ? 12  GLU A CA  1 
ATOM   75   C  C   . GLU A 1 12  ? -17.920 1.794   3.292   1.00 39.94 ? 12  GLU A C   1 
ATOM   76   O  O   . GLU A 1 12  ? -18.712 2.653   2.918   1.00 38.86 ? 12  GLU A O   1 
ATOM   77   C  CB  . GLU A 1 12  ? -18.996 1.974   5.552   1.00 40.53 ? 12  GLU A CB  1 
ATOM   78   C  CG  . GLU A 1 12  ? -19.797 1.152   6.546   1.00 44.06 ? 12  GLU A CG  1 
ATOM   79   C  CD  . GLU A 1 12  ? -19.481 1.509   7.983   1.00 47.98 ? 12  GLU A CD  1 
ATOM   80   O  OE1 . GLU A 1 12  ? -19.611 2.695   8.345   1.00 47.62 ? 12  GLU A OE1 1 
ATOM   81   O  OE2 . GLU A 1 12  ? -19.094 0.603   8.749   1.00 47.12 ? 12  GLU A OE2 1 
ATOM   82   N  N   . GLY A 1 13  ? -16.895 1.380   2.552   1.00 39.17 ? 13  GLY A N   1 
ATOM   83   C  CA  . GLY A 1 13  ? -16.705 1.823   1.181   1.00 37.75 ? 13  GLY A CA  1 
ATOM   84   C  C   . GLY A 1 13  ? -16.249 3.262   1.043   1.00 38.29 ? 13  GLY A C   1 
ATOM   85   O  O   . GLY A 1 13  ? -16.031 3.753   -0.065  1.00 38.50 ? 13  GLY A O   1 
ATOM   86   N  N   . GLU A 1 14  ? -16.110 3.941   2.175   1.00 36.01 ? 14  GLU A N   1 
ATOM   87   C  CA  . GLU A 1 14  ? -15.646 5.323   2.183   1.00 35.18 ? 14  GLU A CA  1 
ATOM   88   C  C   . GLU A 1 14  ? -14.155 5.403   1.900   1.00 34.48 ? 14  GLU A C   1 
ATOM   89   O  O   . GLU A 1 14  ? -13.444 4.403   1.975   1.00 34.28 ? 14  GLU A O   1 
ATOM   90   C  CB  . GLU A 1 14  ? -15.955 5.990   3.525   1.00 36.06 ? 14  GLU A CB  1 
ATOM   91   C  CG  . GLU A 1 14  ? -17.431 6.205   3.795   1.00 36.27 ? 14  GLU A CG  1 
ATOM   92   N  N   . SER A 1 15  ? -13.690 6.603   1.576   1.00 32.53 ? 15  SER A N   1 
ATOM   93   C  CA  . SER A 1 15  ? -12.268 6.836   1.371   1.00 31.28 ? 15  SER A CA  1 
ATOM   94   C  C   . SER A 1 15  ? -11.936 8.313   1.520   1.00 29.72 ? 15  SER A C   1 
ATOM   95   O  O   . SER A 1 15  ? -12.829 9.155   1.606   1.00 30.43 ? 15  SER A O   1 
ATOM   96   C  CB  . SER A 1 15  ? -11.830 6.340   -0.008  1.00 29.80 ? 15  SER A CB  1 
ATOM   97   O  OG  . SER A 1 15  ? -12.335 7.183   -1.031  1.00 29.65 ? 15  SER A OG  1 
ATOM   98   N  N   . VAL A 1 16  ? -10.643 8.614   1.542   1.00 29.13 ? 16  VAL A N   1 
ATOM   99   C  CA  . VAL A 1 16  ? -10.178 9.982   1.704   1.00 26.83 ? 16  VAL A CA  1 
ATOM   100  C  C   . VAL A 1 16  ? -8.767  10.147  1.153   1.00 26.62 ? 16  VAL A C   1 
ATOM   101  O  O   . VAL A 1 16  ? -7.936  9.246   1.260   1.00 27.48 ? 16  VAL A O   1 
ATOM   102  C  CB  . VAL A 1 16  ? -10.185 10.401  3.187   1.00 25.81 ? 16  VAL A CB  1 
ATOM   103  C  CG1 . VAL A 1 16  ? -9.168  9.585   3.975   1.00 25.35 ? 16  VAL A CG1 1 
ATOM   104  C  CG2 . VAL A 1 16  ? -9.904  11.889  3.324   1.00 24.16 ? 16  VAL A CG2 1 
ATOM   105  N  N   . ARG A 1 17  ? -8.494  11.298  0.550   1.00 24.68 ? 17  ARG A N   1 
ATOM   106  C  CA  . ARG A 1 17  ? -7.139  11.598  0.104   1.00 24.32 ? 17  ARG A CA  1 
ATOM   107  C  C   . ARG A 1 17  ? -6.245  11.773  1.322   1.00 23.55 ? 17  ARG A C   1 
ATOM   108  O  O   . ARG A 1 17  ? -6.635  12.412  2.299   1.00 23.22 ? 17  ARG A O   1 
ATOM   109  C  CB  . ARG A 1 17  ? -7.112  12.853  -0.764  1.00 25.31 ? 17  ARG A CB  1 
ATOM   110  C  CG  . ARG A 1 17  ? -7.659  12.653  -2.163  1.00 25.97 ? 17  ARG A CG  1 
ATOM   111  C  CD  . ARG A 1 17  ? -7.577  13.953  -2.955  1.00 29.08 ? 17  ARG A CD  1 
ATOM   112  N  NE  . ARG A 1 17  ? -7.017  15.037  -2.156  1.00 31.20 ? 17  ARG A NE  1 
ATOM   113  C  CZ  . ARG A 1 17  ? -5.903  15.699  -2.462  1.00 31.34 ? 17  ARG A CZ  1 
ATOM   114  N  NH1 . ARG A 1 17  ? -5.476  16.676  -1.673  1.00 29.05 ? 17  ARG A NH1 1 
ATOM   115  N  NH2 . ARG A 1 17  ? -5.215  15.390  -3.555  1.00 28.70 ? 17  ARG A NH2 1 
ATOM   116  N  N   . ILE A 1 18  ? -5.047  11.200  1.267   1.00 24.20 ? 18  ILE A N   1 
ATOM   117  C  CA  . ILE A 1 18  ? -4.183  11.184  2.438   1.00 24.61 ? 18  ILE A CA  1 
ATOM   118  C  C   . ILE A 1 18  ? -3.721  12.584  2.820   1.00 24.41 ? 18  ILE A C   1 
ATOM   119  O  O   . ILE A 1 18  ? -3.228  12.809  3.928   1.00 24.37 ? 18  ILE A O   1 
ATOM   120  C  CB  . ILE A 1 18  ? -2.968  10.276  2.237   1.00 22.17 ? 18  ILE A CB  1 
ATOM   121  C  CG1 . ILE A 1 18  ? -2.253  10.073  3.574   1.00 22.49 ? 18  ILE A CG1 1 
ATOM   122  C  CG2 . ILE A 1 18  ? -2.037  10.860  1.184   1.00 21.09 ? 18  ILE A CG2 1 
ATOM   123  C  CD1 . ILE A 1 18  ? -1.386  8.852   3.629   1.00 20.59 ? 18  ILE A CD1 1 
ATOM   124  N  N   . ALA A 1 19  ? -3.893  13.525  1.900   1.00 22.95 ? 19  ALA A N   1 
ATOM   125  C  CA  . ALA A 1 19  ? -3.557  14.919  2.153   1.00 24.78 ? 19  ALA A CA  1 
ATOM   126  C  C   . ALA A 1 19  ? -4.731  15.643  2.789   1.00 26.27 ? 19  ALA A C   1 
ATOM   127  O  O   . ALA A 1 19  ? -4.586  16.745  3.314   1.00 25.34 ? 19  ALA A O   1 
ATOM   128  C  CB  . ALA A 1 19  ? -3.165  15.601  0.856   1.00 23.91 ? 19  ALA A CB  1 
ATOM   129  N  N   . ASP A 1 20  ? -5.899  15.016  2.734   1.00 24.96 ? 20  ASP A N   1 
ATOM   130  C  CA  . ASP A 1 20  ? -7.110  15.620  3.275   1.00 25.57 ? 20  ASP A CA  1 
ATOM   131  C  C   . ASP A 1 20  ? -7.328  15.214  4.723   1.00 26.30 ? 20  ASP A C   1 
ATOM   132  O  O   . ASP A 1 20  ? -8.260  15.690  5.374   1.00 26.92 ? 20  ASP A O   1 
ATOM   133  C  CB  . ASP A 1 20  ? -8.329  15.235  2.439   1.00 25.71 ? 20  ASP A CB  1 
ATOM   134  C  CG  . ASP A 1 20  ? -8.461  16.073  1.184   1.00 28.75 ? 20  ASP A CG  1 
ATOM   135  O  OD1 . ASP A 1 20  ? -7.900  17.190  1.150   1.00 30.17 ? 20  ASP A OD1 1 
ATOM   136  O  OD2 . ASP A 1 20  ? -9.133  15.621  0.235   1.00 28.39 ? 20  ASP A OD2 1 
ATOM   137  N  N   . ILE A 1 21  ? -6.466  14.340  5.230   1.00 25.77 ? 21  ILE A N   1 
ATOM   138  C  CA  . ILE A 1 21  ? -6.651  13.800  6.570   1.00 26.65 ? 21  ILE A CA  1 
ATOM   139  C  C   . ILE A 1 21  ? -6.349  14.838  7.648   1.00 28.19 ? 21  ILE A C   1 
ATOM   140  O  O   . ILE A 1 21  ? -7.158  15.060  8.549   1.00 26.97 ? 21  ILE A O   1 
ATOM   141  C  CB  . ILE A 1 21  ? -5.821  12.526  6.789   1.00 26.81 ? 21  ILE A CB  1 
ATOM   142  C  CG1 . ILE A 1 21  ? -6.308  11.418  5.854   1.00 26.77 ? 21  ILE A CG1 1 
ATOM   143  C  CG2 . ILE A 1 21  ? -5.924  12.076  8.229   1.00 24.88 ? 21  ILE A CG2 1 
ATOM   144  C  CD1 . ILE A 1 21  ? -5.717  10.060  6.157   1.00 24.89 ? 21  ILE A CD1 1 
ATOM   145  N  N   . VAL A 1 22  ? -5.179  15.462  7.558   1.00 27.87 ? 22  VAL A N   1 
ATOM   146  C  CA  . VAL A 1 22  ? -4.883  16.639  8.365   1.00 27.54 ? 22  VAL A CA  1 
ATOM   147  C  C   . VAL A 1 22  ? -4.678  17.817  7.426   1.00 28.63 ? 22  VAL A C   1 
ATOM   148  O  O   . VAL A 1 22  ? -3.543  18.176  7.108   1.00 28.97 ? 22  VAL A O   1 
ATOM   149  C  CB  . VAL A 1 22  ? -3.625  16.460  9.233   1.00 26.38 ? 22  VAL A CB  1 
ATOM   150  C  CG1 . VAL A 1 22  ? -3.322  17.753  9.990   1.00 24.60 ? 22  VAL A CG1 1 
ATOM   151  C  CG2 . VAL A 1 22  ? -3.808  15.301  10.192  1.00 24.57 ? 22  VAL A CG2 1 
ATOM   152  N  N   . PRO A 1 23  ? -5.783  18.415  6.968   1.00 29.13 ? 23  PRO A N   1 
ATOM   153  C  CA  . PRO A 1 23  ? -5.737  19.513  6.003   1.00 29.53 ? 23  PRO A CA  1 
ATOM   154  C  C   . PRO A 1 23  ? -4.858  20.651  6.500   1.00 31.33 ? 23  PRO A C   1 
ATOM   155  O  O   . PRO A 1 23  ? -5.088  21.171  7.587   1.00 32.61 ? 23  PRO A O   1 
ATOM   156  C  CB  . PRO A 1 23  ? -7.197  19.966  5.924   1.00 29.32 ? 23  PRO A CB  1 
ATOM   157  C  CG  . PRO A 1 23  ? -7.990  18.785  6.353   1.00 31.86 ? 23  PRO A CG  1 
ATOM   158  C  CD  . PRO A 1 23  ? -7.158  18.116  7.399   1.00 28.66 ? 23  PRO A CD  1 
ATOM   159  N  N   . GLY A 1 24  ? -3.862  21.025  5.708   1.00 30.76 ? 24  GLY A N   1 
ATOM   160  C  CA  . GLY A 1 24  ? -2.950  22.087  6.082   1.00 30.20 ? 24  GLY A CA  1 
ATOM   161  C  C   . GLY A 1 24  ? -1.804  21.560  6.917   1.00 31.08 ? 24  GLY A C   1 
ATOM   162  O  O   . GLY A 1 24  ? -1.173  22.302  7.667   1.00 30.49 ? 24  GLY A O   1 
ATOM   163  N  N   . ALA A 1 25  ? -1.539  20.264  6.794   1.00 31.81 ? 25  ALA A N   1 
ATOM   164  C  CA  . ALA A 1 25  ? -0.430  19.646  7.508   1.00 30.17 ? 25  ALA A CA  1 
ATOM   165  C  C   . ALA A 1 25  ? 0.880   20.317  7.121   1.00 30.94 ? 25  ALA A C   1 
ATOM   166  O  O   . ALA A 1 25  ? 1.197   20.439  5.942   1.00 30.52 ? 25  ALA A O   1 
ATOM   167  C  CB  . ALA A 1 25  ? -0.375  18.152  7.219   1.00 28.16 ? 25  ALA A CB  1 
ATOM   168  N  N   . ARG A 1 26  ? 1.633   20.764  8.118   1.00 30.28 ? 26  ARG A N   1 
ATOM   169  C  CA  . ARG A 1 26  ? 2.928   21.383  7.868   1.00 30.35 ? 26  ARG A CA  1 
ATOM   170  C  C   . ARG A 1 26  ? 3.910   20.368  7.295   1.00 29.42 ? 26  ARG A C   1 
ATOM   171  O  O   . ARG A 1 26  ? 3.951   19.222  7.736   1.00 28.84 ? 26  ARG A O   1 
ATOM   172  C  CB  . ARG A 1 26  ? 3.490   21.991  9.153   1.00 31.81 ? 26  ARG A CB  1 
ATOM   173  C  CG  . ARG A 1 26  ? 3.511   23.511  9.172   1.00 35.45 ? 26  ARG A CG  1 
ATOM   174  C  CD  . ARG A 1 26  ? 3.880   24.034  10.550  1.00 37.32 ? 26  ARG A CD  1 
ATOM   175  N  N   . PRO A 1 27  ? 4.702   20.782  6.296   1.00 29.73 ? 27  PRO A N   1 
ATOM   176  C  CA  . PRO A 1 27  ? 5.744   19.904  5.755   1.00 29.25 ? 27  PRO A CA  1 
ATOM   177  C  C   . PRO A 1 27  ? 6.668   19.400  6.862   1.00 28.64 ? 27  PRO A C   1 
ATOM   178  O  O   . PRO A 1 27  ? 7.045   20.173  7.746   1.00 27.67 ? 27  PRO A O   1 
ATOM   179  C  CB  . PRO A 1 27  ? 6.516   20.826  4.815   1.00 29.11 ? 27  PRO A CB  1 
ATOM   180  C  CG  . PRO A 1 27  ? 5.511   21.834  4.383   1.00 29.64 ? 27  PRO A CG  1 
ATOM   181  C  CD  . PRO A 1 27  ? 4.625   22.064  5.574   1.00 31.00 ? 27  PRO A CD  1 
ATOM   182  N  N   . ASN A 1 28  ? 7.019   18.118  6.808   1.00 27.98 ? 28  ASN A N   1 
ATOM   183  C  CA  . ASN A 1 28  ? 7.869   17.505  7.820   1.00 27.83 ? 28  ASN A CA  1 
ATOM   184  C  C   . ASN A 1 28  ? 7.272   17.613  9.223   1.00 28.23 ? 28  ASN A C   1 
ATOM   185  O  O   . ASN A 1 28  ? 7.921   18.100  10.148  1.00 28.35 ? 28  ASN A O   1 
ATOM   186  C  CB  . ASN A 1 28  ? 9.276   18.110  7.781   1.00 28.22 ? 28  ASN A CB  1 
ATOM   187  C  CG  . ASN A 1 28  ? 9.924   17.999  6.412   1.00 29.93 ? 28  ASN A CG  1 
ATOM   188  O  OD1 . ASN A 1 28  ? 10.102  18.998  5.716   1.00 31.76 ? 28  ASN A OD1 1 
ATOM   189  N  ND2 . ASN A 1 28  ? 10.282  16.783  6.020   1.00 29.42 ? 28  ASN A ND2 1 
ATOM   190  N  N   . SER A 1 29  ? 6.035   17.149  9.371   1.00 28.91 ? 29  SER A N   1 
ATOM   191  C  CA  . SER A 1 29  ? 5.325   17.243  10.641  1.00 28.28 ? 29  SER A CA  1 
ATOM   192  C  C   . SER A 1 29  ? 4.848   15.881  11.135  1.00 28.53 ? 29  SER A C   1 
ATOM   193  O  O   . SER A 1 29  ? 4.546   14.991  10.339  1.00 27.28 ? 29  SER A O   1 
ATOM   194  C  CB  . SER A 1 29  ? 4.124   18.172  10.498  1.00 26.39 ? 29  SER A CB  1 
ATOM   195  O  OG  . SER A 1 29  ? 3.190   17.641  9.575   1.00 25.55 ? 29  SER A OG  1 
ATOM   196  N  N   . ASP A 1 30  ? 4.784   15.729  12.456  1.00 29.96 ? 30  ASP A N   1 
ATOM   197  C  CA  . ASP A 1 30  ? 4.141   14.576  13.074  1.00 29.32 ? 30  ASP A CA  1 
ATOM   198  C  C   . ASP A 1 30  ? 2.774   15.038  13.552  1.00 29.09 ? 30  ASP A C   1 
ATOM   199  O  O   . ASP A 1 30  ? 2.670   16.026  14.277  1.00 30.39 ? 30  ASP A O   1 
ATOM   200  C  CB  . ASP A 1 30  ? 4.964   14.056  14.256  1.00 29.11 ? 30  ASP A CB  1 
ATOM   201  C  CG  . ASP A 1 30  ? 4.544   12.663  14.690  1.00 34.51 ? 30  ASP A CG  1 
ATOM   202  O  OD1 . ASP A 1 30  ? 3.388   12.284  14.420  1.00 36.53 ? 30  ASP A OD1 1 
ATOM   203  O  OD2 . ASP A 1 30  ? 5.371   11.949  15.292  1.00 33.67 ? 30  ASP A OD2 1 
ATOM   204  N  N   . ASN A 1 31  ? 1.725   14.332  13.143  1.00 28.70 ? 31  ASN A N   1 
ATOM   205  C  CA  . ASN A 1 31  ? 0.369   14.765  13.454  1.00 26.23 ? 31  ASN A CA  1 
ATOM   206  C  C   . ASN A 1 31  ? -0.476  13.670  14.084  1.00 26.52 ? 31  ASN A C   1 
ATOM   207  O  O   . ASN A 1 31  ? -0.738  12.640  13.464  1.00 26.11 ? 31  ASN A O   1 
ATOM   208  C  CB  . ASN A 1 31  ? -0.320  15.304  12.200  1.00 25.17 ? 31  ASN A CB  1 
ATOM   209  C  CG  . ASN A 1 31  ? 0.464   16.420  11.545  1.00 26.19 ? 31  ASN A CG  1 
ATOM   210  O  OD1 . ASN A 1 31  ? 0.381   17.577  11.957  1.00 26.30 ? 31  ASN A OD1 1 
ATOM   211  N  ND2 . ASN A 1 31  ? 1.230   16.080  10.517  1.00 25.84 ? 31  ASN A ND2 1 
ATOM   212  N  N   . ALA A 1 32  ? -0.902  13.902  15.319  1.00 27.80 ? 32  ALA A N   1 
ATOM   213  C  CA  . ALA A 1 32  ? -1.767  12.964  16.019  1.00 25.85 ? 32  ALA A CA  1 
ATOM   214  C  C   . ALA A 1 32  ? -3.165  12.994  15.423  1.00 25.79 ? 32  ALA A C   1 
ATOM   215  O  O   . ALA A 1 32  ? -3.774  14.056  15.296  1.00 26.81 ? 32  ALA A O   1 
ATOM   216  C  CB  . ALA A 1 32  ? -1.817  13.300  17.496  1.00 25.93 ? 32  ALA A CB  1 
ATOM   217  N  N   . ILE A 1 33  ? -3.668  11.823  15.050  1.00 26.69 ? 33  ILE A N   1 
ATOM   218  C  CA  . ILE A 1 33  ? -5.036  11.718  14.570  1.00 24.65 ? 33  ILE A CA  1 
ATOM   219  C  C   . ILE A 1 33  ? -5.762  10.570  15.258  1.00 24.01 ? 33  ILE A C   1 
ATOM   220  O  O   . ILE A 1 33  ? -5.159  9.792   15.997  1.00 25.46 ? 33  ILE A O   1 
ATOM   221  C  CB  . ILE A 1 33  ? -5.088  11.516  13.042  1.00 24.74 ? 33  ILE A CB  1 
ATOM   222  C  CG1 . ILE A 1 33  ? -4.453  10.180  12.655  1.00 23.65 ? 33  ILE A CG1 1 
ATOM   223  C  CG2 . ILE A 1 33  ? -4.390  12.665  12.329  1.00 23.62 ? 33  ILE A CG2 1 
ATOM   224  C  CD1 . ILE A 1 33  ? -4.513  9.903   11.163  1.00 23.18 ? 33  ILE A CD1 1 
ATOM   225  N  N   . ASP A 1 34  ? -7.065  10.481  15.015  1.00 25.27 ? 34  ASP A N   1 
ATOM   226  C  CA  . ASP A 1 34  ? -7.886  9.410   15.565  1.00 24.79 ? 34  ASP A CA  1 
ATOM   227  C  C   . ASP A 1 34  ? -8.833  8.919   14.477  1.00 27.31 ? 34  ASP A C   1 
ATOM   228  O  O   . ASP A 1 34  ? -9.990  9.339   14.417  1.00 28.80 ? 34  ASP A O   1 
ATOM   229  C  CB  . ASP A 1 34  ? -8.680  9.908   16.775  1.00 25.08 ? 34  ASP A CB  1 
ATOM   230  C  CG  . ASP A 1 34  ? -9.453  8.798   17.458  1.00 27.25 ? 34  ASP A CG  1 
ATOM   231  O  OD1 . ASP A 1 34  ? -9.448  7.669   16.930  1.00 27.69 ? 34  ASP A OD1 1 
ATOM   232  O  OD2 . ASP A 1 34  ? -10.064 9.052   18.515  1.00 26.63 ? 34  ASP A OD2 1 
ATOM   233  N  N   . LEU A 1 35  ? -8.339  8.025   13.623  1.00 27.66 ? 35  LEU A N   1 
ATOM   234  C  CA  . LEU A 1 35  ? -9.059  7.658   12.407  1.00 26.88 ? 35  LEU A CA  1 
ATOM   235  C  C   . LEU A 1 35  ? -9.138  6.152   12.159  1.00 29.41 ? 35  LEU A C   1 
ATOM   236  O  O   . LEU A 1 35  ? -8.130  5.447   12.219  1.00 29.86 ? 35  LEU A O   1 
ATOM   237  C  CB  . LEU A 1 35  ? -8.414  8.350   11.199  1.00 27.29 ? 35  LEU A CB  1 
ATOM   238  C  CG  . LEU A 1 35  ? -8.966  8.064   9.799   1.00 29.34 ? 35  LEU A CG  1 
ATOM   239  C  CD1 . LEU A 1 35  ? -10.365 8.638   9.636   1.00 29.27 ? 35  LEU A CD1 1 
ATOM   240  C  CD2 . LEU A 1 35  ? -8.027  8.626   8.743   1.00 29.55 ? 35  LEU A CD2 1 
ATOM   241  N  N   . LYS A 1 36  ? -10.341 5.666   11.868  1.00 30.72 ? 36  LYS A N   1 
ATOM   242  C  CA  . LYS A 1 36  ? -10.534 4.261   11.524  1.00 30.57 ? 36  LYS A CA  1 
ATOM   243  C  C   . LYS A 1 36  ? -10.226 4.037   10.048  1.00 31.01 ? 36  LYS A C   1 
ATOM   244  O  O   . LYS A 1 36  ? -10.760 4.732   9.182   1.00 32.62 ? 36  LYS A O   1 
ATOM   245  C  CB  . LYS A 1 36  ? -11.962 3.816   11.840  1.00 33.73 ? 36  LYS A CB  1 
ATOM   246  C  CG  . LYS A 1 36  ? -12.055 2.494   12.588  1.00 34.86 ? 36  LYS A CG  1 
ATOM   247  C  CD  . LYS A 1 36  ? -11.446 2.594   13.980  1.00 32.53 ? 36  LYS A CD  1 
ATOM   248  C  CE  . LYS A 1 36  ? -11.570 1.275   14.729  1.00 31.56 ? 36  LYS A CE  1 
ATOM   249  N  NZ  . LYS A 1 36  ? -10.984 1.337   16.094  1.00 31.58 ? 36  LYS A NZ  1 
ATOM   250  N  N   . VAL A 1 37  ? -9.357  3.073   9.767   1.00 32.36 ? 37  VAL A N   1 
ATOM   251  C  CA  . VAL A 1 37  ? -9.002  2.746   8.394   1.00 32.88 ? 37  VAL A CA  1 
ATOM   252  C  C   . VAL A 1 37  ? -9.075  1.241   8.181   1.00 33.35 ? 37  VAL A C   1 
ATOM   253  O  O   . VAL A 1 37  ? -9.080  0.470   9.142   1.00 34.93 ? 37  VAL A O   1 
ATOM   254  C  CB  . VAL A 1 37  ? -7.583  3.223   8.047   1.00 30.04 ? 37  VAL A CB  1 
ATOM   255  C  CG1 . VAL A 1 37  ? -7.427  4.704   8.355   1.00 26.92 ? 37  VAL A CG1 1 
ATOM   256  C  CG2 . VAL A 1 37  ? -6.554  2.408   8.810   1.00 30.67 ? 37  VAL A CG2 1 
ATOM   257  N  N   . LEU A 1 38  ? -9.137  0.831   6.919   1.00 33.63 ? 38  LEU A N   1 
ATOM   258  C  CA  . LEU A 1 38  ? -9.156  -0.585  6.573   1.00 34.82 ? 38  LEU A CA  1 
ATOM   259  C  C   . LEU A 1 38  ? -7.750  -1.174  6.623   1.00 36.83 ? 38  LEU A C   1 
ATOM   260  O  O   . LEU A 1 38  ? -6.784  -0.525  6.218   1.00 35.67 ? 38  LEU A O   1 
ATOM   261  C  CB  . LEU A 1 38  ? -9.760  -0.800  5.181   1.00 36.43 ? 38  LEU A CB  1 
ATOM   262  C  CG  . LEU A 1 38  ? -11.285 -0.769  5.048   1.00 38.47 ? 38  LEU A CG  1 
ATOM   263  C  CD1 . LEU A 1 38  ? -11.732 -1.558  3.821   1.00 40.61 ? 38  LEU A CD1 1 
ATOM   264  C  CD2 . LEU A 1 38  ? -11.935 -1.324  6.304   1.00 39.33 ? 38  LEU A CD2 1 
ATOM   265  N  N   . ASP A 1 39  ? -7.635  -2.399  7.126   1.00 40.73 ? 39  ASP A N   1 
ATOM   266  C  CA  . ASP A 1 39  ? -6.359  -3.103  7.117   1.00 42.92 ? 39  ASP A CA  1 
ATOM   267  C  C   . ASP A 1 39  ? -6.278  -4.026  5.908   1.00 45.57 ? 39  ASP A C   1 
ATOM   268  O  O   . ASP A 1 39  ? -7.124  -3.970  5.020   1.00 45.10 ? 39  ASP A O   1 
ATOM   269  C  CB  . ASP A 1 39  ? -6.147  -3.884  8.416   1.00 45.59 ? 39  ASP A CB  1 
ATOM   270  C  CG  . ASP A 1 39  ? -7.103  -5.052  8.559   1.00 48.36 ? 39  ASP A CG  1 
ATOM   271  O  OD1 . ASP A 1 39  ? -8.008  -5.192  7.712   1.00 46.84 ? 39  ASP A OD1 1 
ATOM   272  O  OD2 . ASP A 1 39  ? -6.955  -5.822  9.531   1.00 49.80 ? 39  ASP A OD2 1 
ATOM   273  N  N   . ARG A 1 40  ? -5.264  -4.885  5.891   1.00 47.89 ? 40  ARG A N   1 
ATOM   274  C  CA  . ARG A 1 40  ? -5.014  -5.770  4.758   1.00 48.40 ? 40  ARG A CA  1 
ATOM   275  C  C   . ARG A 1 40  ? -6.163  -6.746  4.499   1.00 51.62 ? 40  ARG A C   1 
ATOM   276  O  O   . ARG A 1 40  ? -6.108  -7.546  3.566   1.00 53.79 ? 40  ARG A O   1 
ATOM   277  C  CB  . ARG A 1 40  ? -3.716  -6.550  4.990   1.00 50.14 ? 40  ARG A CB  1 
ATOM   278  C  CG  . ARG A 1 40  ? -3.192  -7.289  3.771   1.00 49.68 ? 40  ARG A CG  1 
ATOM   279  C  CD  . ARG A 1 40  ? -2.002  -8.173  4.131   1.00 52.21 ? 40  ARG A CD  1 
ATOM   280  N  NE  . ARG A 1 40  ? -2.351  -9.590  4.127   1.00 55.06 ? 40  ARG A NE  1 
ATOM   281  C  CZ  . ARG A 1 40  ? -1.972  -10.458 5.060   1.00 53.75 ? 40  ARG A CZ  1 
ATOM   282  N  NH1 . ARG A 1 40  ? -2.335  -11.731 4.969   1.00 54.19 ? 40  ARG A NH1 1 
ATOM   283  N  NH2 . ARG A 1 40  ? -1.232  -10.058 6.085   1.00 50.76 ? 40  ARG A NH2 1 
ATOM   284  N  N   . HIS A 1 41  ? -7.206  -6.669  5.321   1.00 50.18 ? 41  HIS A N   1 
ATOM   285  C  CA  . HIS A 1 41  ? -8.278  -7.660  5.284   1.00 50.92 ? 41  HIS A CA  1 
ATOM   286  C  C   . HIS A 1 41  ? -9.684  -7.062  5.196   1.00 51.80 ? 41  HIS A C   1 
ATOM   287  O  O   . HIS A 1 41  ? -10.666 -7.794  5.061   1.00 54.22 ? 41  HIS A O   1 
ATOM   288  C  CB  . HIS A 1 41  ? -8.190  -8.570  6.512   1.00 51.58 ? 41  HIS A CB  1 
ATOM   289  C  CG  . HIS A 1 41  ? -6.889  -9.298  6.634   1.00 54.97 ? 41  HIS A CG  1 
ATOM   290  N  ND1 . HIS A 1 41  ? -6.604  -10.437 5.910   1.00 55.21 ? 41  HIS A ND1 1 
ATOM   291  C  CD2 . HIS A 1 41  ? -5.797  -9.057  7.397   1.00 54.07 ? 41  HIS A CD2 1 
ATOM   292  C  CE1 . HIS A 1 41  ? -5.395  -10.864 6.222   1.00 56.46 ? 41  HIS A CE1 1 
ATOM   293  N  NE2 . HIS A 1 41  ? -4.882  -10.044 7.122   1.00 55.47 ? 41  HIS A NE2 1 
ATOM   294  N  N   . GLY A 1 42  ? -9.784  -5.739  5.269   1.00 50.64 ? 42  GLY A N   1 
ATOM   295  C  CA  . GLY A 1 42  ? -11.079 -5.083  5.228   1.00 48.14 ? 42  GLY A CA  1 
ATOM   296  C  C   . GLY A 1 42  ? -11.628 -4.865  6.622   1.00 46.25 ? 42  GLY A C   1 
ATOM   297  O  O   . GLY A 1 42  ? -12.760 -4.415  6.802   1.00 47.03 ? 42  GLY A O   1 
ATOM   298  N  N   . ASN A 1 43  ? -10.812 -5.204  7.614   1.00 46.11 ? 43  ASN A N   1 
ATOM   299  C  CA  . ASN A 1 43  ? -11.141 -4.953  9.007   1.00 46.51 ? 43  ASN A CA  1 
ATOM   300  C  C   . ASN A 1 43  ? -10.697 -3.551  9.396   1.00 43.37 ? 43  ASN A C   1 
ATOM   301  O  O   . ASN A 1 43  ? -9.660  -3.072  8.932   1.00 42.24 ? 43  ASN A O   1 
ATOM   302  C  CB  . ASN A 1 43  ? -10.474 -5.990  9.910   1.00 47.27 ? 43  ASN A CB  1 
ATOM   303  C  CG  . ASN A 1 43  ? -10.867 -7.412  9.548   1.00 49.20 ? 43  ASN A CG  1 
ATOM   304  O  OD1 . ASN A 1 43  ? -11.935 -7.648  8.984   1.00 49.80 ? 43  ASN A OD1 1 
ATOM   305  N  ND2 . ASN A 1 43  ? -10.007 -8.367  9.875   1.00 48.22 ? 43  ASN A ND2 1 
ATOM   306  N  N   . PRO A 1 44  ? -11.489 -2.879  10.241  1.00 40.79 ? 44  PRO A N   1 
ATOM   307  C  CA  . PRO A 1 44  ? -11.159 -1.518  10.667  1.00 39.59 ? 44  PRO A CA  1 
ATOM   308  C  C   . PRO A 1 44  ? -10.095 -1.511  11.752  1.00 39.50 ? 44  PRO A C   1 
ATOM   309  O  O   . PRO A 1 44  ? -10.197 -2.249  12.729  1.00 39.37 ? 44  PRO A O   1 
ATOM   310  C  CB  . PRO A 1 44  ? -12.481 -1.005  11.232  1.00 39.67 ? 44  PRO A CB  1 
ATOM   311  C  CG  . PRO A 1 44  ? -13.163 -2.231  11.735  1.00 38.33 ? 44  PRO A CG  1 
ATOM   312  C  CD  . PRO A 1 44  ? -12.787 -3.328  10.774  1.00 41.28 ? 44  PRO A CD  1 
ATOM   313  N  N   . VAL A 1 45  ? -9.079  -0.680  11.567  1.00 36.56 ? 45  VAL A N   1 
ATOM   314  C  CA  . VAL A 1 45  ? -8.057  -0.481  12.580  1.00 33.99 ? 45  VAL A CA  1 
ATOM   315  C  C   . VAL A 1 45  ? -7.764  1.006   12.755  1.00 31.08 ? 45  VAL A C   1 
ATOM   316  O  O   . VAL A 1 45  ? -8.255  1.840   11.990  1.00 30.90 ? 45  VAL A O   1 
ATOM   317  C  CB  . VAL A 1 45  ? -6.758  -1.230  12.245  1.00 36.93 ? 45  VAL A CB  1 
ATOM   318  C  CG1 . VAL A 1 45  ? -6.996  -2.736  12.280  1.00 37.93 ? 45  VAL A CG1 1 
ATOM   319  C  CG2 . VAL A 1 45  ? -6.220  -0.790  10.894  1.00 36.94 ? 45  VAL A CG2 1 
ATOM   320  N  N   . LEU A 1 46  ? -6.952  1.324   13.758  1.00 31.61 ? 46  LEU A N   1 
ATOM   321  C  CA  . LEU A 1 46  ? -6.707  2.705   14.148  1.00 30.07 ? 46  LEU A CA  1 
ATOM   322  C  C   . LEU A 1 46  ? -5.462  3.307   13.510  1.00 30.11 ? 46  LEU A C   1 
ATOM   323  O  O   . LEU A 1 46  ? -4.367  2.755   13.616  1.00 30.67 ? 46  LEU A O   1 
ATOM   324  C  CB  . LEU A 1 46  ? -6.588  2.804   15.667  1.00 26.89 ? 46  LEU A CB  1 
ATOM   325  C  CG  . LEU A 1 46  ? -6.023  4.125   16.186  1.00 26.38 ? 46  LEU A CG  1 
ATOM   326  C  CD1 . LEU A 1 46  ? -7.101  5.197   16.195  1.00 25.49 ? 46  LEU A CD1 1 
ATOM   327  C  CD2 . LEU A 1 46  ? -5.436  3.946   17.576  1.00 26.55 ? 46  LEU A CD2 1 
ATOM   328  N  N   . ALA A 1 47  ? -5.642  4.445   12.848  1.00 28.27 ? 47  ALA A N   1 
ATOM   329  C  CA  . ALA A 1 47  ? -4.529  5.281   12.427  1.00 28.56 ? 47  ALA A CA  1 
ATOM   330  C  C   . ALA A 1 47  ? -4.439  6.427   13.427  1.00 26.42 ? 47  ALA A C   1 
ATOM   331  O  O   . ALA A 1 47  ? -5.436  7.104   13.684  1.00 26.41 ? 47  ALA A O   1 
ATOM   332  C  CB  . ALA A 1 47  ? -4.770  5.817   11.027  1.00 26.65 ? 47  ALA A CB  1 
ATOM   333  N  N   . ASP A 1 48  ? -3.265  6.639   14.011  1.00 25.91 ? 48  ASP A N   1 
ATOM   334  C  CA  . ASP A 1 48  ? -3.131  7.689   15.018  1.00 26.60 ? 48  ASP A CA  1 
ATOM   335  C  C   . ASP A 1 48  ? -1.998  8.664   14.723  1.00 25.79 ? 48  ASP A C   1 
ATOM   336  O  O   . ASP A 1 48  ? -1.694  9.540   15.529  1.00 25.36 ? 48  ASP A O   1 
ATOM   337  C  CB  . ASP A 1 48  ? -3.003  7.097   16.424  1.00 26.87 ? 48  ASP A CB  1 
ATOM   338  C  CG  . ASP A 1 48  ? -1.766  6.245   16.588  1.00 27.86 ? 48  ASP A CG  1 
ATOM   339  O  OD1 . ASP A 1 48  ? -1.064  6.017   15.583  1.00 27.62 ? 48  ASP A OD1 1 
ATOM   340  O  OD2 . ASP A 1 48  ? -1.503  5.794   17.724  1.00 27.92 ? 48  ASP A OD2 1 
ATOM   341  N  N   . ARG A 1 49  ? -1.383  8.510   13.556  1.00 25.03 ? 49  ARG A N   1 
ATOM   342  C  CA  . ARG A 1 49  ? -0.366  9.447   13.099  1.00 25.97 ? 49  ARG A CA  1 
ATOM   343  C  C   . ARG A 1 49  ? -0.539  9.752   11.617  1.00 24.27 ? 49  ARG A C   1 
ATOM   344  O  O   . ARG A 1 49  ? -0.705  8.847   10.800  1.00 23.93 ? 49  ARG A O   1 
ATOM   345  C  CB  . ARG A 1 49  ? 1.037   8.894   13.354  1.00 26.06 ? 49  ARG A CB  1 
ATOM   346  C  CG  . ARG A 1 49  ? 1.409   8.769   14.824  1.00 26.47 ? 49  ARG A CG  1 
ATOM   347  C  CD  . ARG A 1 49  ? 1.527   10.138  15.469  1.00 26.96 ? 49  ARG A CD  1 
ATOM   348  N  NE  . ARG A 1 49  ? 0.716   10.252  16.675  1.00 27.97 ? 49  ARG A NE  1 
ATOM   349  C  CZ  . ARG A 1 49  ? 1.193   10.154  17.912  1.00 26.56 ? 49  ARG A CZ  1 
ATOM   350  N  NH1 . ARG A 1 49  ? 2.486   9.944   18.113  1.00 27.69 ? 49  ARG A NH1 1 
ATOM   351  N  NH2 . ARG A 1 49  ? 0.375   10.273  18.950  1.00 27.46 ? 49  ARG A NH2 1 
ATOM   352  N  N   . LEU A 1 50  ? -0.521  11.037  11.282  1.00 24.11 ? 50  LEU A N   1 
ATOM   353  C  CA  . LEU A 1 50  ? -0.446  11.467  9.894   1.00 24.42 ? 50  LEU A CA  1 
ATOM   354  C  C   . LEU A 1 50  ? 0.891   12.163  9.693   1.00 24.46 ? 50  LEU A C   1 
ATOM   355  O  O   . LEU A 1 50  ? 1.169   13.188  10.319  1.00 24.83 ? 50  LEU A O   1 
ATOM   356  C  CB  . LEU A 1 50  ? -1.604  12.404  9.543   1.00 23.39 ? 50  LEU A CB  1 
ATOM   357  C  CG  . LEU A 1 50  ? -1.677  12.942  8.108   1.00 22.91 ? 50  LEU A CG  1 
ATOM   358  C  CD1 . LEU A 1 50  ? -0.700  14.092  7.885   1.00 22.35 ? 50  LEU A CD1 1 
ATOM   359  C  CD2 . LEU A 1 50  ? -1.454  11.835  7.084   1.00 24.33 ? 50  LEU A CD2 1 
ATOM   360  N  N   . PHE A 1 51  ? 1.726   11.595  8.832   1.00 23.67 ? 51  PHE A N   1 
ATOM   361  C  CA  . PHE A 1 51  ? 3.055   12.141  8.602   1.00 24.61 ? 51  PHE A CA  1 
ATOM   362  C  C   . PHE A 1 51  ? 3.142   12.891  7.279   1.00 23.82 ? 51  PHE A C   1 
ATOM   363  O  O   . PHE A 1 51  ? 2.833   12.343  6.223   1.00 24.63 ? 51  PHE A O   1 
ATOM   364  C  CB  . PHE A 1 51  ? 4.110   11.030  8.618   1.00 26.17 ? 51  PHE A CB  1 
ATOM   365  C  CG  . PHE A 1 51  ? 4.155   10.246  9.898   1.00 26.52 ? 51  PHE A CG  1 
ATOM   366  C  CD1 . PHE A 1 51  ? 4.738   10.780  11.033  1.00 28.77 ? 51  PHE A CD1 1 
ATOM   367  C  CD2 . PHE A 1 51  ? 3.630   8.967   9.959   1.00 25.55 ? 51  PHE A CD2 1 
ATOM   368  C  CE1 . PHE A 1 51  ? 4.785   10.056  12.209  1.00 29.02 ? 51  PHE A CE1 1 
ATOM   369  C  CE2 . PHE A 1 51  ? 3.676   8.238   11.130  1.00 27.43 ? 51  PHE A CE2 1 
ATOM   370  C  CZ  . PHE A 1 51  ? 4.254   8.783   12.255  1.00 28.36 ? 51  PHE A CZ  1 
ATOM   371  N  N   . HIS A 1 52  ? 3.559   14.150  7.349   1.00 23.50 ? 52  HIS A N   1 
ATOM   372  C  CA  . HIS A 1 52  ? 3.922   14.898  6.157   1.00 25.01 ? 52  HIS A CA  1 
ATOM   373  C  C   . HIS A 1 52  ? 5.436   14.868  6.038   1.00 26.22 ? 52  HIS A C   1 
ATOM   374  O  O   . HIS A 1 52  ? 6.138   15.494  6.827   1.00 26.27 ? 52  HIS A O   1 
ATOM   375  C  CB  . HIS A 1 52  ? 3.425   16.340  6.245   1.00 26.66 ? 52  HIS A CB  1 
ATOM   376  C  CG  . HIS A 1 52  ? 3.570   17.105  4.963   1.00 26.60 ? 52  HIS A CG  1 
ATOM   377  N  ND1 . HIS A 1 52  ? 4.635   16.937  4.111   1.00 26.57 ? 52  HIS A ND1 1 
ATOM   378  C  CD2 . HIS A 1 52  ? 2.770   18.038  4.391   1.00 27.51 ? 52  HIS A CD2 1 
ATOM   379  C  CE1 . HIS A 1 52  ? 4.493   17.738  3.065   1.00 26.16 ? 52  HIS A CE1 1 
ATOM   380  N  NE2 . HIS A 1 52  ? 3.372   18.413  3.213   1.00 26.90 ? 52  HIS A NE2 1 
ATOM   381  N  N   . SER A 1 53  ? 5.938   14.130  5.053   1.00 25.50 ? 53  SER A N   1 
ATOM   382  C  CA  . SER A 1 53  ? 7.372   13.875  4.956   1.00 24.38 ? 53  SER A CA  1 
ATOM   383  C  C   . SER A 1 53  ? 8.115   14.912  4.117   1.00 26.46 ? 53  SER A C   1 
ATOM   384  O  O   . SER A 1 53  ? 9.341   14.867  4.007   1.00 28.25 ? 53  SER A O   1 
ATOM   385  C  CB  . SER A 1 53  ? 7.617   12.472  4.395   1.00 24.41 ? 53  SER A CB  1 
ATOM   386  O  OG  . SER A 1 53  ? 6.896   11.497  5.131   1.00 26.16 ? 53  SER A OG  1 
ATOM   387  N  N   . GLY A 1 54  ? 7.373   15.845  3.532   1.00 26.59 ? 54  GLY A N   1 
ATOM   388  C  CA  . GLY A 1 54  ? 7.974   16.881  2.712   1.00 25.46 ? 54  GLY A CA  1 
ATOM   389  C  C   . GLY A 1 54  ? 8.154   16.443  1.274   1.00 24.98 ? 54  GLY A C   1 
ATOM   390  O  O   . GLY A 1 54  ? 7.520   15.493  0.820   1.00 23.67 ? 54  GLY A O   1 
ATOM   391  N  N   . GLU A 1 55  ? 9.035   17.133  0.559   1.00 26.41 ? 55  GLU A N   1 
ATOM   392  C  CA  . GLU A 1 55  ? 9.255   16.862  -0.856  1.00 24.79 ? 55  GLU A CA  1 
ATOM   393  C  C   . GLU A 1 55  ? 10.283  15.753  -1.084  1.00 25.16 ? 55  GLU A C   1 
ATOM   394  O  O   . GLU A 1 55  ? 11.432  15.860  -0.653  1.00 26.18 ? 55  GLU A O   1 
ATOM   395  C  CB  . GLU A 1 55  ? 9.717   18.140  -1.556  1.00 26.87 ? 55  GLU A CB  1 
ATOM   396  C  CG  . GLU A 1 55  ? 8.821   19.330  -1.303  1.00 28.86 ? 55  GLU A CG  1 
ATOM   397  C  CD  . GLU A 1 55  ? 7.768   19.499  -2.373  1.00 29.86 ? 55  GLU A CD  1 
ATOM   398  O  OE1 . GLU A 1 55  ? 7.747   18.679  -3.311  1.00 27.92 ? 55  GLU A OE1 1 
ATOM   399  O  OE2 . GLU A 1 55  ? 6.972   20.454  -2.278  1.00 31.70 ? 55  GLU A OE2 1 
ATOM   400  N  N   . HIS A 1 56  ? 9.860   14.694  -1.767  1.00 24.40 ? 56  HIS A N   1 
ATOM   401  C  CA  . HIS A 1 56  ? 10.749  13.589  -2.116  1.00 23.64 ? 56  HIS A CA  1 
ATOM   402  C  C   . HIS A 1 56  ? 10.596  13.212  -3.581  1.00 23.15 ? 56  HIS A C   1 
ATOM   403  O  O   . HIS A 1 56  ? 9.548   13.450  -4.178  1.00 22.24 ? 56  HIS A O   1 
ATOM   404  C  CB  . HIS A 1 56  ? 10.429  12.361  -1.265  1.00 24.57 ? 56  HIS A CB  1 
ATOM   405  C  CG  . HIS A 1 56  ? 10.706  12.542  0.194   1.00 23.72 ? 56  HIS A CG  1 
ATOM   406  N  ND1 . HIS A 1 56  ? 11.738  11.896  0.838   1.00 25.48 ? 56  HIS A ND1 1 
ATOM   407  C  CD2 . HIS A 1 56  ? 10.084  13.291  1.135   1.00 23.87 ? 56  HIS A CD2 1 
ATOM   408  C  CE1 . HIS A 1 56  ? 11.742  12.239  2.113   1.00 26.74 ? 56  HIS A CE1 1 
ATOM   409  N  NE2 . HIS A 1 56  ? 10.749  13.084  2.320   1.00 25.18 ? 56  HIS A NE2 1 
ATOM   410  N  N   . PRO A 1 57  ? 11.643  12.613  -4.168  1.00 23.23 ? 57  PRO A N   1 
ATOM   411  C  CA  . PRO A 1 57  ? 11.472  12.023  -5.496  1.00 21.19 ? 57  PRO A CA  1 
ATOM   412  C  C   . PRO A 1 57  ? 10.417  10.930  -5.420  1.00 21.68 ? 57  PRO A C   1 
ATOM   413  O  O   . PRO A 1 57  ? 10.442  10.128  -4.490  1.00 21.93 ? 57  PRO A O   1 
ATOM   414  C  CB  . PRO A 1 57  ? 12.845  11.412  -5.784  1.00 21.22 ? 57  PRO A CB  1 
ATOM   415  C  CG  . PRO A 1 57  ? 13.793  12.197  -4.941  1.00 23.44 ? 57  PRO A CG  1 
ATOM   416  C  CD  . PRO A 1 57  ? 13.030  12.503  -3.688  1.00 24.14 ? 57  PRO A CD  1 
ATOM   417  N  N   . VAL A 1 58  ? 9.490   10.904  -6.368  1.00 20.91 ? 58  VAL A N   1 
ATOM   418  C  CA  . VAL A 1 58  ? 8.437   9.899   -6.340  1.00 19.79 ? 58  VAL A CA  1 
ATOM   419  C  C   . VAL A 1 58  ? 8.346   9.131   -7.646  1.00 19.75 ? 58  VAL A C   1 
ATOM   420  O  O   . VAL A 1 58  ? 8.884   9.549   -8.669  1.00 19.95 ? 58  VAL A O   1 
ATOM   421  C  CB  . VAL A 1 58  ? 7.061   10.513  -6.011  1.00 19.51 ? 58  VAL A CB  1 
ATOM   422  C  CG1 . VAL A 1 58  ? 7.014   10.940  -4.553  1.00 19.97 ? 58  VAL A CG1 1 
ATOM   423  C  CG2 . VAL A 1 58  ? 6.763   11.680  -6.939  1.00 18.28 ? 58  VAL A CG2 1 
ATOM   424  N  N   . TYR A 1 59  ? 7.669   7.991   -7.596  1.00 19.63 ? 59  TYR A N   1 
ATOM   425  C  CA  . TYR A 1 59  ? 7.543   7.123   -8.753  1.00 19.31 ? 59  TYR A CA  1 
ATOM   426  C  C   . TYR A 1 59  ? 6.144   6.534   -8.778  1.00 18.03 ? 59  TYR A C   1 
ATOM   427  O  O   . TYR A 1 59  ? 5.562   6.243   -7.735  1.00 16.89 ? 59  TYR A O   1 
ATOM   428  C  CB  . TYR A 1 59  ? 8.591   6.014   -8.699  1.00 18.96 ? 59  TYR A CB  1 
ATOM   429  C  CG  . TYR A 1 59  ? 10.005  6.528   -8.517  1.00 18.69 ? 59  TYR A CG  1 
ATOM   430  C  CD1 . TYR A 1 59  ? 10.490  6.846   -7.256  1.00 19.49 ? 59  TYR A CD1 1 
ATOM   431  C  CD2 . TYR A 1 59  ? 10.853  6.693   -9.603  1.00 19.12 ? 59  TYR A CD2 1 
ATOM   432  C  CE1 . TYR A 1 59  ? 11.777  7.316   -7.081  1.00 20.16 ? 59  TYR A CE1 1 
ATOM   433  C  CE2 . TYR A 1 59  ? 12.144  7.162   -9.441  1.00 19.13 ? 59  TYR A CE2 1 
ATOM   434  C  CZ  . TYR A 1 59  ? 12.600  7.472   -8.177  1.00 20.01 ? 59  TYR A CZ  1 
ATOM   435  O  OH  . TYR A 1 59  ? 13.884  7.940   -8.012  1.00 20.20 ? 59  TYR A OH  1 
ATOM   436  N  N   . THR A 1 60  ? 5.600   6.373   -9.976  1.00 17.11 ? 60  THR A N   1 
ATOM   437  C  CA  . THR A 1 60  ? 4.255   5.845   -10.124 1.00 17.59 ? 60  THR A CA  1 
ATOM   438  C  C   . THR A 1 60  ? 4.271   4.377   -10.516 1.00 18.42 ? 60  THR A C   1 
ATOM   439  O  O   . THR A 1 60  ? 4.776   4.010   -11.579 1.00 18.29 ? 60  THR A O   1 
ATOM   440  C  CB  . THR A 1 60  ? 3.454   6.626   -11.181 1.00 16.19 ? 60  THR A CB  1 
ATOM   441  O  OG1 . THR A 1 60  ? 3.424   8.018   -10.839 1.00 17.35 ? 60  THR A OG1 1 
ATOM   442  C  CG2 . THR A 1 60  ? 2.035   6.093   -11.253 1.00 17.53 ? 60  THR A CG2 1 
ATOM   443  N  N   . VAL A 1 61  ? 3.730   3.537   -9.643  1.00 19.13 ? 61  VAL A N   1 
ATOM   444  C  CA  . VAL A 1 61  ? 3.553   2.129   -9.964  1.00 20.79 ? 61  VAL A CA  1 
ATOM   445  C  C   . VAL A 1 61  ? 2.203   1.940   -10.642 1.00 22.43 ? 61  VAL A C   1 
ATOM   446  O  O   . VAL A 1 61  ? 1.158   2.158   -10.031 1.00 22.06 ? 61  VAL A O   1 
ATOM   447  C  CB  . VAL A 1 61  ? 3.599   1.244   -8.712  1.00 19.38 ? 61  VAL A CB  1 
ATOM   448  C  CG1 . VAL A 1 61  ? 3.301   -0.202  -9.083  1.00 19.16 ? 61  VAL A CG1 1 
ATOM   449  C  CG2 . VAL A 1 61  ? 4.956   1.359   -8.023  1.00 18.71 ? 61  VAL A CG2 1 
ATOM   450  N  N   . ARG A 1 62  ? 2.224   1.544   -11.907 1.00 24.87 ? 62  ARG A N   1 
ATOM   451  C  CA  . ARG A 1 62  ? 0.988   1.343   -12.649 1.00 25.01 ? 62  ARG A CA  1 
ATOM   452  C  C   . ARG A 1 62  ? 0.864   -0.111  -13.068 1.00 25.95 ? 62  ARG A C   1 
ATOM   453  O  O   . ARG A 1 62  ? 1.831   -0.718  -13.524 1.00 25.95 ? 62  ARG A O   1 
ATOM   454  C  CB  . ARG A 1 62  ? 0.939   2.263   -13.873 1.00 24.20 ? 62  ARG A CB  1 
ATOM   455  C  CG  . ARG A 1 62  ? -0.455  2.481   -14.446 1.00 27.30 ? 62  ARG A CG  1 
ATOM   456  C  CD  . ARG A 1 62  ? -0.444  3.584   -15.502 1.00 28.12 ? 62  ARG A CD  1 
ATOM   457  N  NE  . ARG A 1 62  ? -1.753  4.215   -15.654 1.00 30.39 ? 62  ARG A NE  1 
ATOM   458  C  CZ  . ARG A 1 62  ? -2.028  5.461   -15.278 1.00 31.88 ? 62  ARG A CZ  1 
ATOM   459  N  NH1 . ARG A 1 62  ? -3.245  5.955   -15.455 1.00 34.49 ? 62  ARG A NH1 1 
ATOM   460  N  NH2 . ARG A 1 62  ? -1.084  6.217   -14.728 1.00 27.46 ? 62  ARG A NH2 1 
ATOM   461  N  N   . THR A 1 63  ? -0.326  -0.675  -12.902 1.00 26.92 ? 63  THR A N   1 
ATOM   462  C  CA  . THR A 1 63  ? -0.557  -2.059  -13.284 1.00 28.84 ? 63  THR A CA  1 
ATOM   463  C  C   . THR A 1 63  ? -1.047  -2.126  -14.723 1.00 29.21 ? 63  THR A C   1 
ATOM   464  O  O   . THR A 1 63  ? -1.149  -1.102  -15.399 1.00 28.28 ? 63  THR A O   1 
ATOM   465  C  CB  . THR A 1 63  ? -1.579  -2.740  -12.362 1.00 29.78 ? 63  THR A CB  1 
ATOM   466  O  OG1 . THR A 1 63  ? -2.869  -2.141  -12.543 1.00 28.91 ? 63  THR A OG1 1 
ATOM   467  C  CG2 . THR A 1 63  ? -1.157  -2.592  -10.908 1.00 29.43 ? 63  THR A CG2 1 
ATOM   468  N  N   . VAL A 1 64  ? -1.344  -3.332  -15.192 1.00 30.40 ? 64  VAL A N   1 
ATOM   469  C  CA  . VAL A 1 64  ? -1.798  -3.507  -16.562 1.00 29.94 ? 64  VAL A CA  1 
ATOM   470  C  C   . VAL A 1 64  ? -3.273  -3.170  -16.726 1.00 30.27 ? 64  VAL A C   1 
ATOM   471  O  O   . VAL A 1 64  ? -3.761  -3.052  -17.849 1.00 30.34 ? 64  VAL A O   1 
ATOM   472  C  CB  . VAL A 1 64  ? -1.527  -4.930  -17.074 1.00 29.38 ? 64  VAL A CB  1 
ATOM   473  C  CG1 . VAL A 1 64  ? -0.036  -5.124  -17.287 1.00 26.91 ? 64  VAL A CG1 1 
ATOM   474  C  CG2 . VAL A 1 64  ? -2.085  -5.958  -16.107 1.00 29.77 ? 64  VAL A CG2 1 
ATOM   475  N  N   . GLU A 1 65  ? -3.987  -3.009  -15.617 1.00 30.32 ? 65  GLU A N   1 
ATOM   476  C  CA  . GLU A 1 65  ? -5.384  -2.594  -15.700 1.00 31.39 ? 65  GLU A CA  1 
ATOM   477  C  C   . GLU A 1 65  ? -5.521  -1.109  -15.395 1.00 33.30 ? 65  GLU A C   1 
ATOM   478  O  O   . GLU A 1 65  ? -6.604  -0.538  -15.506 1.00 34.71 ? 65  GLU A O   1 
ATOM   479  C  CB  . GLU A 1 65  ? -6.272  -3.411  -14.760 1.00 32.42 ? 65  GLU A CB  1 
ATOM   480  C  CG  . GLU A 1 65  ? -5.960  -4.891  -14.721 1.00 35.36 ? 65  GLU A CG  1 
ATOM   481  C  CD  . GLU A 1 65  ? -4.928  -5.225  -13.669 1.00 34.41 ? 65  GLU A CD  1 
ATOM   482  O  OE1 . GLU A 1 65  ? -4.397  -4.285  -13.044 1.00 34.35 ? 65  GLU A OE1 1 
ATOM   483  O  OE2 . GLU A 1 65  ? -4.652  -6.424  -13.460 1.00 34.12 ? 65  GLU A OE2 1 
ATOM   484  N  N   . GLY A 1 66  ? -4.418  -0.487  -14.999 1.00 30.39 ? 66  GLY A N   1 
ATOM   485  C  CA  . GLY A 1 66  ? -4.403  0.948   -14.774 1.00 29.02 ? 66  GLY A CA  1 
ATOM   486  C  C   . GLY A 1 66  ? -4.554  1.373   -13.329 1.00 31.24 ? 66  GLY A C   1 
ATOM   487  O  O   . GLY A 1 66  ? -4.767  2.553   -13.047 1.00 33.44 ? 66  GLY A O   1 
ATOM   488  N  N   . LEU A 1 67  ? -4.465  0.420   -12.409 1.00 31.34 ? 67  LEU A N   1 
ATOM   489  C  CA  . LEU A 1 67  ? -4.366  0.774   -11.003 1.00 29.03 ? 67  LEU A CA  1 
ATOM   490  C  C   . LEU A 1 67  ? -3.010  1.430   -10.813 1.00 27.87 ? 67  LEU A C   1 
ATOM   491  O  O   . LEU A 1 67  ? -2.023  0.994   -11.404 1.00 27.79 ? 67  LEU A O   1 
ATOM   492  C  CB  . LEU A 1 67  ? -4.469  -0.466  -10.116 1.00 29.04 ? 67  LEU A CB  1 
ATOM   493  C  CG  . LEU A 1 67  ? -5.766  -1.278  -10.149 1.00 32.45 ? 67  LEU A CG  1 
ATOM   494  C  CD1 . LEU A 1 67  ? -5.569  -2.602  -9.428  1.00 32.55 ? 67  LEU A CD1 1 
ATOM   495  C  CD2 . LEU A 1 67  ? -6.927  -0.493  -9.550  1.00 32.17 ? 67  LEU A CD2 1 
ATOM   496  N  N   . ARG A 1 68  ? -2.949  2.483   -10.008 1.00 26.54 ? 68  ARG A N   1 
ATOM   497  C  CA  . ARG A 1 68  ? -1.667  3.135   -9.781  1.00 24.59 ? 68  ARG A CA  1 
ATOM   498  C  C   . ARG A 1 68  ? -1.569  3.841   -8.440  1.00 23.63 ? 68  ARG A C   1 
ATOM   499  O  O   . ARG A 1 68  ? -2.566  4.293   -7.879  1.00 23.76 ? 68  ARG A O   1 
ATOM   500  C  CB  . ARG A 1 68  ? -1.350  4.124   -10.902 1.00 26.74 ? 68  ARG A CB  1 
ATOM   501  C  CG  . ARG A 1 68  ? -2.195  5.376   -10.862 1.00 27.56 ? 68  ARG A CG  1 
ATOM   502  C  CD  . ARG A 1 68  ? -3.202  5.376   -11.998 1.00 30.75 ? 68  ARG A CD  1 
ATOM   503  N  NE  . ARG A 1 68  ? -4.206  6.415   -11.821 1.00 37.70 ? 68  ARG A NE  1 
ATOM   504  C  CZ  . ARG A 1 68  ? -5.512  6.224   -11.972 1.00 43.06 ? 68  ARG A CZ  1 
ATOM   505  N  NH1 . ARG A 1 68  ? -6.353  7.231   -11.792 1.00 44.80 ? 68  ARG A NH1 1 
ATOM   506  N  NH2 . ARG A 1 68  ? -5.981  5.029   -12.305 1.00 38.84 ? 68  ARG A NH2 1 
ATOM   507  N  N   . VAL A 1 69  ? -0.343  3.932   -7.942  1.00 22.98 ? 69  VAL A N   1 
ATOM   508  C  CA  . VAL A 1 69  ? -0.044  4.670   -6.728  1.00 21.21 ? 69  VAL A CA  1 
ATOM   509  C  C   . VAL A 1 69  ? 1.328   5.308   -6.884  1.00 17.73 ? 69  VAL A C   1 
ATOM   510  O  O   . VAL A 1 69  ? 2.222   4.726   -7.502  1.00 16.29 ? 69  VAL A O   1 
ATOM   511  C  CB  . VAL A 1 69  ? -0.027  3.756   -5.497  1.00 21.26 ? 69  VAL A CB  1 
ATOM   512  C  CG1 . VAL A 1 69  ? 1.131   2.776   -5.582  1.00 19.52 ? 69  VAL A CG1 1 
ATOM   513  C  CG2 . VAL A 1 69  ? 0.063   4.595   -4.225  1.00 19.00 ? 69  VAL A CG2 1 
ATOM   514  N  N   . THR A 1 70  ? 1.488   6.506   -6.334  1.00 18.97 ? 70  THR A N   1 
ATOM   515  C  CA  . THR A 1 70  ? 2.739   7.235   -6.480  1.00 18.43 ? 70  THR A CA  1 
ATOM   516  C  C   . THR A 1 70  ? 3.385   7.490   -5.127  1.00 17.82 ? 70  THR A C   1 
ATOM   517  O  O   . THR A 1 70  ? 2.765   8.056   -4.229  1.00 16.43 ? 70  THR A O   1 
ATOM   518  C  CB  . THR A 1 70  ? 2.533   8.584   -7.192  1.00 18.37 ? 70  THR A CB  1 
ATOM   519  O  OG1 . THR A 1 70  ? 1.843   8.372   -8.428  1.00 16.78 ? 70  THR A OG1 1 
ATOM   520  C  CG2 . THR A 1 70  ? 3.876   9.242   -7.469  1.00 17.58 ? 70  THR A CG2 1 
ATOM   521  N  N   . GLY A 1 71  ? 4.636   7.067   -4.988  1.00 18.73 ? 71  GLY A N   1 
ATOM   522  C  CA  . GLY A 1 71  ? 5.334   7.198   -3.725  1.00 19.77 ? 71  GLY A CA  1 
ATOM   523  C  C   . GLY A 1 71  ? 6.846   7.195   -3.829  1.00 19.83 ? 71  GLY A C   1 
ATOM   524  O  O   . GLY A 1 71  ? 7.413   7.141   -4.921  1.00 19.41 ? 71  GLY A O   1 
ATOM   525  N  N   . THR A 1 72  ? 7.500   7.252   -2.675  1.00 20.36 ? 72  THR A N   1 
ATOM   526  C  CA  . THR A 1 72  ? 8.954   7.289   -2.616  1.00 20.92 ? 72  THR A CA  1 
ATOM   527  C  C   . THR A 1 72  ? 9.580   5.945   -2.973  1.00 21.51 ? 72  THR A C   1 
ATOM   528  O  O   . THR A 1 72  ? 8.905   4.917   -3.017  1.00 22.04 ? 72  THR A O   1 
ATOM   529  C  CB  . THR A 1 72  ? 9.454   7.714   -1.221  1.00 20.29 ? 72  THR A CB  1 
ATOM   530  O  OG1 . THR A 1 72  ? 8.928   6.820   -0.232  1.00 19.79 ? 72  THR A OG1 1 
ATOM   531  C  CG2 . THR A 1 72  ? 9.015   9.134   -0.899  1.00 17.50 ? 72  THR A CG2 1 
ATOM   532  N  N   . ALA A 1 73  ? 10.884  5.970   -3.221  1.00 22.42 ? 73  ALA A N   1 
ATOM   533  C  CA  . ALA A 1 73  ? 11.621  4.773   -3.605  1.00 22.10 ? 73  ALA A CA  1 
ATOM   534  C  C   . ALA A 1 73  ? 11.632  3.727   -2.496  1.00 23.59 ? 73  ALA A C   1 
ATOM   535  O  O   . ALA A 1 73  ? 11.684  2.527   -2.763  1.00 23.83 ? 73  ALA A O   1 
ATOM   536  C  CB  . ALA A 1 73  ? 13.043  5.135   -4.013  1.00 19.96 ? 73  ALA A CB  1 
ATOM   537  N  N   . ASN A 1 74  ? 11.583  4.189   -1.251  1.00 23.20 ? 74  ASN A N   1 
ATOM   538  C  CA  . ASN A 1 74  ? 11.629  3.298   -0.097  1.00 22.52 ? 74  ASN A CA  1 
ATOM   539  C  C   . ASN A 1 74  ? 10.244  2.960   0.455   1.00 22.67 ? 74  ASN A C   1 
ATOM   540  O  O   . ASN A 1 74  ? 10.120  2.493   1.588   1.00 23.21 ? 74  ASN A O   1 
ATOM   541  C  CB  . ASN A 1 74  ? 12.496  3.903   1.009   1.00 22.00 ? 74  ASN A CB  1 
ATOM   542  C  CG  . ASN A 1 74  ? 11.885  5.156   1.599   1.00 23.45 ? 74  ASN A CG  1 
ATOM   543  O  OD1 . ASN A 1 74  ? 11.138  5.868   0.931   1.00 24.07 ? 74  ASN A OD1 1 
ATOM   544  N  ND2 . ASN A 1 74  ? 12.197  5.431   2.855   1.00 22.20 ? 74  ASN A ND2 1 
ATOM   545  N  N   . HIS A 1 75  ? 9.207   3.198   -0.346  1.00 24.38 ? 75  HIS A N   1 
ATOM   546  C  CA  . HIS A 1 75  ? 7.842   2.854   0.048   1.00 22.84 ? 75  HIS A CA  1 
ATOM   547  C  C   . HIS A 1 75  ? 7.557   1.382   -0.229  1.00 22.89 ? 75  HIS A C   1 
ATOM   548  O  O   . HIS A 1 75  ? 7.740   0.917   -1.352  1.00 22.72 ? 75  HIS A O   1 
ATOM   549  C  CB  . HIS A 1 75  ? 6.825   3.722   -0.698  1.00 20.09 ? 75  HIS A CB  1 
ATOM   550  C  CG  . HIS A 1 75  ? 5.417   3.551   -0.216  1.00 21.61 ? 75  HIS A CG  1 
ATOM   551  N  ND1 . HIS A 1 75  ? 4.968   4.082   0.974   1.00 20.84 ? 75  HIS A ND1 1 
ATOM   552  C  CD2 . HIS A 1 75  ? 4.356   2.912   -0.765  1.00 19.98 ? 75  HIS A CD2 1 
ATOM   553  C  CE1 . HIS A 1 75  ? 3.693   3.778   1.139   1.00 21.42 ? 75  HIS A CE1 1 
ATOM   554  N  NE2 . HIS A 1 75  ? 3.297   3.068   0.097   1.00 20.38 ? 75  HIS A NE2 1 
ATOM   555  N  N   . PRO A 1 76  ? 7.102   0.644   0.798   1.00 23.28 ? 76  PRO A N   1 
ATOM   556  C  CA  . PRO A 1 76  ? 6.811   -0.787  0.670   1.00 24.37 ? 76  PRO A CA  1 
ATOM   557  C  C   . PRO A 1 76  ? 5.365   -1.092  0.280   1.00 23.86 ? 76  PRO A C   1 
ATOM   558  O  O   . PRO A 1 76  ? 4.439   -0.703  0.993   1.00 22.30 ? 76  PRO A O   1 
ATOM   559  C  CB  . PRO A 1 76  ? 7.097   -1.330  2.080   1.00 23.29 ? 76  PRO A CB  1 
ATOM   560  C  CG  . PRO A 1 76  ? 7.421   -0.112  2.954   1.00 24.50 ? 76  PRO A CG  1 
ATOM   561  C  CD  . PRO A 1 76  ? 6.973   1.094   2.190   1.00 23.40 ? 76  PRO A CD  1 
ATOM   562  N  N   . LEU A 1 77  ? 5.183   -1.781  -0.843  1.00 24.23 ? 77  LEU A N   1 
ATOM   563  C  CA  . LEU A 1 77  ? 3.876   -2.307  -1.228  1.00 24.49 ? 77  LEU A CA  1 
ATOM   564  C  C   . LEU A 1 77  ? 3.920   -3.831  -1.171  1.00 26.02 ? 77  LEU A C   1 
ATOM   565  O  O   . LEU A 1 77  ? 4.969   -4.437  -1.395  1.00 28.27 ? 77  LEU A O   1 
ATOM   566  C  CB  . LEU A 1 77  ? 3.503   -1.865  -2.647  1.00 24.83 ? 77  LEU A CB  1 
ATOM   567  C  CG  . LEU A 1 77  ? 3.473   -0.361  -2.944  1.00 22.60 ? 77  LEU A CG  1 
ATOM   568  C  CD1 . LEU A 1 77  ? 3.211   -0.129  -4.423  1.00 21.52 ? 77  LEU A CD1 1 
ATOM   569  C  CD2 . LEU A 1 77  ? 2.434   0.351   -2.094  1.00 21.42 ? 77  LEU A CD2 1 
ATOM   570  N  N   . LEU A 1 78  ? 2.783   -4.447  -0.863  1.00 27.29 ? 78  LEU A N   1 
ATOM   571  C  CA  . LEU A 1 78  ? 2.709   -5.901  -0.763  1.00 28.58 ? 78  LEU A CA  1 
ATOM   572  C  C   . LEU A 1 78  ? 2.585   -6.536  -2.145  1.00 30.29 ? 78  LEU A C   1 
ATOM   573  O  O   . LEU A 1 78  ? 1.670   -6.217  -2.902  1.00 28.41 ? 78  LEU A O   1 
ATOM   574  C  CB  . LEU A 1 78  ? 1.536   -6.319  0.129   1.00 28.42 ? 78  LEU A CB  1 
ATOM   575  C  CG  . LEU A 1 78  ? 1.501   -7.772  0.611   1.00 30.47 ? 78  LEU A CG  1 
ATOM   576  C  CD1 . LEU A 1 78  ? 2.699   -8.071  1.495   1.00 30.43 ? 78  LEU A CD1 1 
ATOM   577  C  CD2 . LEU A 1 78  ? 0.208   -8.060  1.357   1.00 33.39 ? 78  LEU A CD2 1 
ATOM   578  N  N   . CYS A 1 79  ? 3.513   -7.431  -2.471  1.00 31.88 ? 79  CYS A N   1 
ATOM   579  C  CA  . CYS A 1 79  ? 3.513   -8.100  -3.770  1.00 32.21 ? 79  CYS A CA  1 
ATOM   580  C  C   . CYS A 1 79  ? 3.410   -9.614  -3.620  1.00 33.99 ? 79  CYS A C   1 
ATOM   581  O  O   . CYS A 1 79  ? 3.616   -10.155 -2.535  1.00 35.76 ? 79  CYS A O   1 
ATOM   582  C  CB  . CYS A 1 79  ? 4.776   -7.746  -4.561  1.00 32.17 ? 79  CYS A CB  1 
ATOM   583  S  SG  . CYS A 1 79  ? 5.008   -5.980  -4.869  1.00 27.53 ? 79  CYS A SG  1 
ATOM   584  N  N   . LEU A 1 80  ? 3.088   -10.294 -4.716  1.00 33.89 ? 80  LEU A N   1 
ATOM   585  C  CA  . LEU A 1 80  ? 3.014   -11.751 -4.723  1.00 37.14 ? 80  LEU A CA  1 
ATOM   586  C  C   . LEU A 1 80  ? 4.245   -12.327 -5.412  1.00 38.55 ? 80  LEU A C   1 
ATOM   587  O  O   . LEU A 1 80  ? 4.362   -12.274 -6.637  1.00 37.43 ? 80  LEU A O   1 
ATOM   588  C  CB  . LEU A 1 80  ? 1.750   -12.222 -5.444  1.00 39.77 ? 80  LEU A CB  1 
ATOM   589  C  CG  . LEU A 1 80  ? 1.436   -13.714 -5.300  1.00 40.67 ? 80  LEU A CG  1 
ATOM   590  C  CD1 . LEU A 1 80  ? 0.937   -14.012 -3.895  1.00 40.68 ? 80  LEU A CD1 1 
ATOM   591  C  CD2 . LEU A 1 80  ? 0.414   -14.154 -6.334  1.00 46.08 ? 80  LEU A CD2 1 
ATOM   592  N  N   . VAL A 1 81  ? 5.157   -12.883 -4.623  1.00 41.18 ? 81  VAL A N   1 
ATOM   593  C  CA  . VAL A 1 81  ? 6.451   -13.305 -5.141  1.00 44.74 ? 81  VAL A CA  1 
ATOM   594  C  C   . VAL A 1 81  ? 6.654   -14.817 -5.102  1.00 48.34 ? 81  VAL A C   1 
ATOM   595  O  O   . VAL A 1 81  ? 6.185   -15.501 -4.194  1.00 49.48 ? 81  VAL A O   1 
ATOM   596  C  CB  . VAL A 1 81  ? 7.602   -12.644 -4.355  1.00 43.64 ? 81  VAL A CB  1 
ATOM   597  C  CG1 . VAL A 1 81  ? 8.923   -12.812 -5.098  1.00 43.77 ? 81  VAL A CG1 1 
ATOM   598  C  CG2 . VAL A 1 81  ? 7.299   -11.172 -4.119  1.00 39.09 ? 81  VAL A CG2 1 
ATOM   599  N  N   . ASP A 1 82  ? 7.363   -15.324 -6.104  1.00 50.30 ? 82  ASP A N   1 
ATOM   600  C  CA  . ASP A 1 82  ? 7.764   -16.719 -6.146  1.00 56.27 ? 82  ASP A CA  1 
ATOM   601  C  C   . ASP A 1 82  ? 9.058   -16.871 -5.357  1.00 57.36 ? 82  ASP A C   1 
ATOM   602  O  O   . ASP A 1 82  ? 10.104  -16.385 -5.781  1.00 55.47 ? 82  ASP A O   1 
ATOM   603  C  CB  . ASP A 1 82  ? 7.988   -17.152 -7.596  1.00 60.14 ? 82  ASP A CB  1 
ATOM   604  C  CG  . ASP A 1 82  ? 7.259   -18.435 -7.944  1.00 62.38 ? 82  ASP A CG  1 
ATOM   605  O  OD1 . ASP A 1 82  ? 7.887   -19.335 -8.541  1.00 62.50 ? 82  ASP A OD1 1 
ATOM   606  O  OD2 . ASP A 1 82  ? 6.056   -18.539 -7.631  1.00 62.23 ? 82  ASP A OD2 1 
ATOM   607  N  N   . VAL A 1 83  ? 8.995   -17.534 -4.208  1.00 60.36 ? 83  VAL A N   1 
ATOM   608  C  CA  . VAL A 1 83  ? 10.195  -17.730 -3.399  1.00 62.44 ? 83  VAL A CA  1 
ATOM   609  C  C   . VAL A 1 83  ? 10.931  -19.008 -3.792  1.00 65.62 ? 83  VAL A C   1 
ATOM   610  O  O   . VAL A 1 83  ? 12.098  -18.965 -4.179  1.00 66.20 ? 83  VAL A O   1 
ATOM   611  C  CB  . VAL A 1 83  ? 9.885   -17.729 -1.888  1.00 60.62 ? 83  VAL A CB  1 
ATOM   612  C  CG1 . VAL A 1 83  ? 11.041  -18.333 -1.109  1.00 62.44 ? 83  VAL A CG1 1 
ATOM   613  C  CG2 . VAL A 1 83  ? 9.607   -16.311 -1.416  1.00 56.87 ? 83  VAL A CG2 1 
ATOM   614  N  N   . ALA A 1 84  ? 10.244  -20.140 -3.696  1.00 64.95 ? 84  ALA A N   1 
ATOM   615  C  CA  . ALA A 1 84  ? 10.791  -21.414 -4.145  1.00 66.94 ? 84  ALA A CA  1 
ATOM   616  C  C   . ALA A 1 84  ? 10.018  -21.874 -5.372  1.00 68.28 ? 84  ALA A C   1 
ATOM   617  O  O   . ALA A 1 84  ? 10.523  -22.623 -6.207  1.00 70.09 ? 84  ALA A O   1 
ATOM   618  C  CB  . ALA A 1 84  ? 10.690  -22.452 -3.032  1.00 65.02 ? 84  ALA A CB  1 
ATOM   619  N  N   . GLY A 1 85  ? 8.796   -21.372 -5.480  1.00 65.78 ? 85  GLY A N   1 
ATOM   620  C  CA  . GLY A 1 85  ? 7.810   -21.859 -6.424  1.00 64.07 ? 85  GLY A CA  1 
ATOM   621  C  C   . GLY A 1 85  ? 6.541   -21.795 -5.609  1.00 66.19 ? 85  GLY A C   1 
ATOM   622  O  O   . GLY A 1 85  ? 5.426   -21.925 -6.110  1.00 67.65 ? 85  GLY A O   1 
ATOM   623  N  N   . VAL A 1 86  ? 6.748   -21.597 -4.313  1.00 64.20 ? 86  VAL A N   1 
ATOM   624  C  CA  . VAL A 1 86  ? 5.683   -21.280 -3.382  1.00 63.68 ? 86  VAL A CA  1 
ATOM   625  C  C   . VAL A 1 86  ? 5.393   -19.794 -3.501  1.00 62.39 ? 86  VAL A C   1 
ATOM   626  O  O   . VAL A 1 86  ? 6.252   -18.968 -3.191  1.00 60.81 ? 86  VAL A O   1 
ATOM   627  C  CB  . VAL A 1 86  ? 6.118   -21.574 -1.936  1.00 63.47 ? 86  VAL A CB  1 
ATOM   628  C  CG1 . VAL A 1 86  ? 4.993   -21.248 -0.962  1.00 58.86 ? 86  VAL A CG1 1 
ATOM   629  C  CG2 . VAL A 1 86  ? 6.561   -23.018 -1.798  1.00 66.49 ? 86  VAL A CG2 1 
ATOM   630  N  N   . PRO A 1 87  ? 4.188   -19.443 -3.968  1.00 61.89 ? 87  PRO A N   1 
ATOM   631  C  CA  . PRO A 1 87  ? 3.806   -18.035 -4.083  1.00 58.53 ? 87  PRO A CA  1 
ATOM   632  C  C   . PRO A 1 87  ? 3.536   -17.463 -2.696  1.00 54.84 ? 87  PRO A C   1 
ATOM   633  O  O   . PRO A 1 87  ? 2.794   -18.072 -1.930  1.00 56.02 ? 87  PRO A O   1 
ATOM   634  C  CB  . PRO A 1 87  ? 2.511   -18.102 -4.887  1.00 58.68 ? 87  PRO A CB  1 
ATOM   635  C  CG  . PRO A 1 87  ? 1.922   -19.417 -4.509  1.00 61.43 ? 87  PRO A CG  1 
ATOM   636  C  CD  . PRO A 1 87  ? 3.095   -20.347 -4.363  1.00 62.44 ? 87  PRO A CD  1 
ATOM   637  N  N   . THR A 1 88  ? 4.134   -16.322 -2.373  1.00 51.14 ? 88  THR A N   1 
ATOM   638  C  CA  . THR A 1 88  ? 4.019   -15.766 -1.028  1.00 50.04 ? 88  THR A CA  1 
ATOM   639  C  C   . THR A 1 88  ? 4.089   -14.246 -0.986  1.00 44.14 ? 88  THR A C   1 
ATOM   640  O  O   . THR A 1 88  ? 4.656   -13.611 -1.877  1.00 42.74 ? 88  THR A O   1 
ATOM   641  C  CB  . THR A 1 88  ? 5.107   -16.326 -0.104  1.00 49.86 ? 88  THR A CB  1 
ATOM   642  O  OG1 . THR A 1 88  ? 5.334   -15.409 0.972   1.00 46.01 ? 88  THR A OG1 1 
ATOM   643  C  CG2 . THR A 1 88  ? 6.395   -16.510 -0.872  1.00 49.66 ? 88  THR A CG2 1 
ATOM   644  N  N   . LEU A 1 89  ? 3.522   -13.672 0.070   1.00 41.59 ? 89  LEU A N   1 
ATOM   645  C  CA  . LEU A 1 89  ? 3.418   -12.223 0.209   1.00 39.39 ? 89  LEU A CA  1 
ATOM   646  C  C   . LEU A 1 89  ? 4.674   -11.599 0.811   1.00 39.10 ? 89  LEU A C   1 
ATOM   647  O  O   . LEU A 1 89  ? 5.026   -11.863 1.958   1.00 40.29 ? 89  LEU A O   1 
ATOM   648  C  CB  . LEU A 1 89  ? 2.199   -11.858 1.062   1.00 40.01 ? 89  LEU A CB  1 
ATOM   649  C  CG  . LEU A 1 89  ? 0.851   -12.452 0.646   1.00 41.77 ? 89  LEU A CG  1 
ATOM   650  C  CD1 . LEU A 1 89  ? -0.252  -11.993 1.594   1.00 41.42 ? 89  LEU A CD1 1 
ATOM   651  C  CD2 . LEU A 1 89  ? 0.507   -12.098 -0.797  1.00 40.69 ? 89  LEU A CD2 1 
ATOM   652  N  N   . LEU A 1 90  ? 5.346   -10.763 0.028   1.00 37.19 ? 90  LEU A N   1 
ATOM   653  C  CA  . LEU A 1 90  ? 6.523   -10.054 0.512   1.00 34.17 ? 90  LEU A CA  1 
ATOM   654  C  C   . LEU A 1 90  ? 6.379   -8.570  0.214   1.00 33.12 ? 90  LEU A C   1 
ATOM   655  O  O   . LEU A 1 90  ? 5.741   -8.187  -0.765  1.00 33.00 ? 90  LEU A O   1 
ATOM   656  C  CB  . LEU A 1 90  ? 7.792   -10.597 -0.147  1.00 34.47 ? 90  LEU A CB  1 
ATOM   657  C  CG  . LEU A 1 90  ? 8.060   -12.103 -0.070  1.00 38.95 ? 90  LEU A CG  1 
ATOM   658  C  CD1 . LEU A 1 90  ? 9.251   -12.471 -0.945  1.00 39.12 ? 90  LEU A CD1 1 
ATOM   659  C  CD2 . LEU A 1 90  ? 8.268   -12.569 1.370   1.00 37.06 ? 90  LEU A CD2 1 
ATOM   660  N  N   . TRP A 1 91  ? 6.963   -7.737  1.066   1.00 30.99 ? 91  TRP A N   1 
ATOM   661  C  CA  . TRP A 1 91  ? 6.991   -6.308  0.806   1.00 29.35 ? 91  TRP A CA  1 
ATOM   662  C  C   . TRP A 1 91  ? 8.155   -5.984  -0.112  1.00 29.86 ? 91  TRP A C   1 
ATOM   663  O  O   . TRP A 1 91  ? 9.311   -6.213  0.236   1.00 29.61 ? 91  TRP A O   1 
ATOM   664  C  CB  . TRP A 1 91  ? 7.140   -5.514  2.108   1.00 27.77 ? 91  TRP A CB  1 
ATOM   665  C  CG  . TRP A 1 91  ? 6.050   -5.739  3.110   1.00 29.44 ? 91  TRP A CG  1 
ATOM   666  C  CD1 . TRP A 1 91  ? 6.051   -6.644  4.131   1.00 28.42 ? 91  TRP A CD1 1 
ATOM   667  C  CD2 . TRP A 1 91  ? 4.802   -5.036  3.200   1.00 29.60 ? 91  TRP A CD2 1 
ATOM   668  N  NE1 . TRP A 1 91  ? 4.883   -6.554  4.846   1.00 30.08 ? 91  TRP A NE1 1 
ATOM   669  C  CE2 . TRP A 1 91  ? 4.100   -5.576  4.295   1.00 31.03 ? 91  TRP A CE2 1 
ATOM   670  C  CE3 . TRP A 1 91  ? 4.212   -4.008  2.460   1.00 27.04 ? 91  TRP A CE3 1 
ATOM   671  C  CZ2 . TRP A 1 91  ? 2.837   -5.121  4.668   1.00 30.01 ? 91  TRP A CZ2 1 
ATOM   672  C  CZ3 . TRP A 1 91  ? 2.958   -3.558  2.831   1.00 27.48 ? 91  TRP A CZ3 1 
ATOM   673  C  CH2 . TRP A 1 91  ? 2.284   -4.114  3.926   1.00 28.26 ? 91  TRP A CH2 1 
ATOM   674  N  N   . LYS A 1 92  ? 7.848   -5.464  -1.294  1.00 28.29 ? 92  LYS A N   1 
ATOM   675  C  CA  . LYS A 1 92  ? 8.883   -4.926  -2.162  1.00 28.25 ? 92  LYS A CA  1 
ATOM   676  C  C   . LYS A 1 92  ? 8.848   -3.414  -2.051  1.00 28.12 ? 92  LYS A C   1 
ATOM   677  O  O   . LYS A 1 92  ? 7.775   -2.815  -1.980  1.00 28.44 ? 92  LYS A O   1 
ATOM   678  C  CB  . LYS A 1 92  ? 8.654   -5.335  -3.619  1.00 29.29 ? 92  LYS A CB  1 
ATOM   679  C  CG  . LYS A 1 92  ? 8.762   -6.826  -3.898  1.00 30.47 ? 92  LYS A CG  1 
ATOM   680  C  CD  . LYS A 1 92  ? 8.672   -7.100  -5.393  1.00 30.21 ? 92  LYS A CD  1 
ATOM   681  C  CE  . LYS A 1 92  ? 10.026  -6.965  -6.074  1.00 30.79 ? 92  LYS A CE  1 
ATOM   682  N  NZ  . LYS A 1 92  ? 10.864  -8.183  -5.886  1.00 32.99 ? 92  LYS A NZ  1 
ATOM   683  N  N   . LEU A 1 93  ? 10.021  -2.794  -2.015  1.00 26.20 ? 93  LEU A N   1 
ATOM   684  C  CA  . LEU A 1 93  ? 10.098  -1.341  -2.075  1.00 26.02 ? 93  LEU A CA  1 
ATOM   685  C  C   . LEU A 1 93  ? 9.824   -0.909  -3.505  1.00 25.79 ? 93  LEU A C   1 
ATOM   686  O  O   . LEU A 1 93  ? 10.089  -1.656  -4.449  1.00 25.34 ? 93  LEU A O   1 
ATOM   687  C  CB  . LEU A 1 93  ? 11.471  -0.842  -1.629  1.00 26.67 ? 93  LEU A CB  1 
ATOM   688  C  CG  . LEU A 1 93  ? 11.917  -1.187  -0.204  1.00 25.81 ? 93  LEU A CG  1 
ATOM   689  C  CD1 . LEU A 1 93  ? 13.143  -0.368  0.158   1.00 23.45 ? 93  LEU A CD1 1 
ATOM   690  C  CD2 . LEU A 1 93  ? 10.798  -0.942  0.798   1.00 23.65 ? 93  LEU A CD2 1 
ATOM   691  N  N   . ILE A 1 94  ? 9.286   0.294   -3.669  1.00 25.21 ? 94  ILE A N   1 
ATOM   692  C  CA  . ILE A 1 94  ? 8.948   0.786   -4.998  1.00 25.50 ? 94  ILE A CA  1 
ATOM   693  C  C   . ILE A 1 94  ? 10.158  0.785   -5.934  1.00 25.49 ? 94  ILE A C   1 
ATOM   694  O  O   . ILE A 1 94  ? 10.023  0.534   -7.128  1.00 24.80 ? 94  ILE A O   1 
ATOM   695  C  CB  . ILE A 1 94  ? 8.324   2.190   -4.941  1.00 23.22 ? 94  ILE A CB  1 
ATOM   696  C  CG1 . ILE A 1 94  ? 6.870   2.099   -4.481  1.00 21.51 ? 94  ILE A CG1 1 
ATOM   697  C  CG2 . ILE A 1 94  ? 8.402   2.858   -6.299  1.00 21.52 ? 94  ILE A CG2 1 
ATOM   698  C  CD1 . ILE A 1 94  ? 6.152   3.428   -4.447  1.00 19.39 ? 94  ILE A CD1 1 
ATOM   699  N  N   . ASP A 1 95  ? 11.338  1.055   -5.387  1.00 25.15 ? 95  ASP A N   1 
ATOM   700  C  CA  . ASP A 1 95  ? 12.547  1.095   -6.203  1.00 25.81 ? 95  ASP A CA  1 
ATOM   701  C  C   . ASP A 1 95  ? 12.987  -0.292  -6.662  1.00 26.23 ? 95  ASP A C   1 
ATOM   702  O  O   . ASP A 1 95  ? 13.839  -0.418  -7.536  1.00 23.74 ? 95  ASP A O   1 
ATOM   703  C  CB  . ASP A 1 95  ? 13.691  1.819   -5.480  1.00 25.84 ? 95  ASP A CB  1 
ATOM   704  C  CG  . ASP A 1 95  ? 14.126  1.112   -4.210  1.00 31.05 ? 95  ASP A CG  1 
ATOM   705  O  OD1 . ASP A 1 95  ? 14.866  1.731   -3.420  1.00 32.87 ? 95  ASP A OD1 1 
ATOM   706  O  OD2 . ASP A 1 95  ? 13.729  -0.054  -3.994  1.00 32.28 ? 95  ASP A OD2 1 
ATOM   707  N  N   . GLU A 1 96  ? 12.415  -1.333  -6.069  1.00 27.19 ? 96  GLU A N   1 
ATOM   708  C  CA  . GLU A 1 96  ? 12.789  -2.691  -6.448  1.00 27.26 ? 96  GLU A CA  1 
ATOM   709  C  C   . GLU A 1 96  ? 11.636  -3.451  -7.097  1.00 27.60 ? 96  GLU A C   1 
ATOM   710  O  O   . GLU A 1 96  ? 11.768  -4.627  -7.436  1.00 29.15 ? 96  GLU A O   1 
ATOM   711  C  CB  . GLU A 1 96  ? 13.337  -3.462  -5.249  1.00 27.37 ? 96  GLU A CB  1 
ATOM   712  C  CG  . GLU A 1 96  ? 12.304  -3.807  -4.205  1.00 29.22 ? 96  GLU A CG  1 
ATOM   713  C  CD  . GLU A 1 96  ? 12.937  -4.122  -2.872  1.00 30.54 ? 96  GLU A CD  1 
ATOM   714  O  OE1 . GLU A 1 96  ? 14.100  -3.721  -2.666  1.00 28.67 ? 96  GLU A OE1 1 
ATOM   715  O  OE2 . GLU A 1 96  ? 12.276  -4.770  -2.036  1.00 30.76 ? 96  GLU A OE2 1 
ATOM   716  N  N   . ILE A 1 97  ? 10.508  -2.769  -7.268  1.00 29.51 ? 97  ILE A N   1 
ATOM   717  C  CA  . ILE A 1 97  ? 9.383   -3.328  -8.006  1.00 29.53 ? 97  ILE A CA  1 
ATOM   718  C  C   . ILE A 1 97  ? 9.611   -3.118  -9.496  1.00 29.66 ? 97  ILE A C   1 
ATOM   719  O  O   . ILE A 1 97  ? 10.014  -2.038  -9.923  1.00 28.63 ? 97  ILE A O   1 
ATOM   720  C  CB  . ILE A 1 97  ? 8.051   -2.663  -7.615  1.00 28.22 ? 97  ILE A CB  1 
ATOM   721  C  CG1 . ILE A 1 97  ? 7.723   -2.924  -6.144  1.00 28.97 ? 97  ILE A CG1 1 
ATOM   722  C  CG2 . ILE A 1 97  ? 6.929   -3.176  -8.498  1.00 26.53 ? 97  ILE A CG2 1 
ATOM   723  C  CD1 . ILE A 1 97  ? 6.436   -2.272  -5.675  1.00 25.95 ? 97  ILE A CD1 1 
ATOM   724  N  N   . LYS A 1 98  ? 9.347   -4.152  -10.286 1.00 31.78 ? 98  LYS A N   1 
ATOM   725  C  CA  . LYS A 1 98  ? 9.533   -4.074  -11.729 1.00 33.03 ? 98  LYS A CA  1 
ATOM   726  C  C   . LYS A 1 98  ? 8.390   -4.776  -12.457 1.00 32.69 ? 98  LYS A C   1 
ATOM   727  O  O   . LYS A 1 98  ? 7.651   -5.552  -11.852 1.00 32.63 ? 98  LYS A O   1 
ATOM   728  C  CB  . LYS A 1 98  ? 10.873  -4.697  -12.113 1.00 37.55 ? 98  LYS A CB  1 
ATOM   729  C  CG  . LYS A 1 98  ? 11.094  -6.073  -11.518 1.00 37.47 ? 98  LYS A CG  1 
ATOM   730  C  CD  . LYS A 1 98  ? 11.213  -7.115  -12.607 1.00 41.77 ? 98  LYS A CD  1 
ATOM   731  C  CE  . LYS A 1 98  ? 10.840  -8.487  -12.088 1.00 45.24 ? 98  LYS A CE  1 
ATOM   732  N  NZ  . LYS A 1 98  ? 10.354  -9.356  -13.192 1.00 47.42 ? 98  LYS A NZ  1 
ATOM   733  N  N   . PRO A 1 99  ? 8.237   -4.499  -13.762 1.00 34.72 ? 99  PRO A N   1 
ATOM   734  C  CA  . PRO A 1 99  ? 7.184   -5.133  -14.561 1.00 33.71 ? 99  PRO A CA  1 
ATOM   735  C  C   . PRO A 1 99  ? 7.129   -6.641  -14.342 1.00 34.77 ? 99  PRO A C   1 
ATOM   736  O  O   . PRO A 1 99  ? 8.146   -7.260  -14.031 1.00 37.83 ? 99  PRO A O   1 
ATOM   737  C  CB  . PRO A 1 99  ? 7.612   -4.820  -15.995 1.00 33.29 ? 99  PRO A CB  1 
ATOM   738  C  CG  . PRO A 1 99  ? 8.338   -3.525  -15.883 1.00 35.14 ? 99  PRO A CG  1 
ATOM   739  C  CD  . PRO A 1 99  ? 9.067   -3.586  -14.569 1.00 35.53 ? 99  PRO A CD  1 
ATOM   740  N  N   . GLY A 1 100 ? 5.947   -7.223  -14.504 1.00 31.87 ? 100 GLY A N   1 
ATOM   741  C  CA  . GLY A 1 100 ? 5.780   -8.653  -14.327 1.00 33.67 ? 100 GLY A CA  1 
ATOM   742  C  C   . GLY A 1 100 ? 5.535   -9.016  -12.877 1.00 35.42 ? 100 GLY A C   1 
ATOM   743  O  O   . GLY A 1 100 ? 4.973   -10.065 -12.578 1.00 35.84 ? 100 GLY A O   1 
ATOM   744  N  N   . ASP A 1 101 ? 5.972   -8.145  -11.975 1.00 34.03 ? 101 ASP A N   1 
ATOM   745  C  CA  . ASP A 1 101 ? 5.675   -8.301  -10.559 1.00 33.25 ? 101 ASP A CA  1 
ATOM   746  C  C   . ASP A 1 101 ? 4.175   -8.193  -10.362 1.00 33.87 ? 101 ASP A C   1 
ATOM   747  O  O   . ASP A 1 101 ? 3.477   -7.586  -11.171 1.00 33.00 ? 101 ASP A O   1 
ATOM   748  C  CB  . ASP A 1 101 ? 6.371   -7.223  -9.729  1.00 31.62 ? 101 ASP A CB  1 
ATOM   749  C  CG  . ASP A 1 101 ? 7.844   -7.500  -9.533  1.00 35.60 ? 101 ASP A CG  1 
ATOM   750  O  OD1 . ASP A 1 101 ? 8.371   -8.416  -10.199 1.00 37.50 ? 101 ASP A OD1 1 
ATOM   751  O  OD2 . ASP A 1 101 ? 8.475   -6.799  -8.716  1.00 34.21 ? 101 ASP A OD2 1 
ATOM   752  N  N   . TYR A 1 102 ? 3.678   -8.776  -9.282  1.00 33.22 ? 102 TYR A N   1 
ATOM   753  C  CA  . TYR A 1 102 ? 2.254   -8.728  -8.997  1.00 32.71 ? 102 TYR A CA  1 
ATOM   754  C  C   . TYR A 1 102 ? 1.974   -7.999  -7.697  1.00 32.76 ? 102 TYR A C   1 
ATOM   755  O  O   . TYR A 1 102 ? 2.413   -8.419  -6.629  1.00 31.73 ? 102 TYR A O   1 
ATOM   756  C  CB  . TYR A 1 102 ? 1.670   -10.136 -8.947  1.00 35.11 ? 102 TYR A CB  1 
ATOM   757  C  CG  . TYR A 1 102 ? 1.628   -10.825 -10.287 1.00 36.02 ? 102 TYR A CG  1 
ATOM   758  C  CD1 . TYR A 1 102 ? 0.463   -10.841 -11.042 1.00 37.09 ? 102 TYR A CD1 1 
ATOM   759  C  CD2 . TYR A 1 102 ? 2.749   -11.465 -10.797 1.00 35.23 ? 102 TYR A CD2 1 
ATOM   760  C  CE1 . TYR A 1 102 ? 0.416   -11.474 -12.266 1.00 36.53 ? 102 TYR A CE1 1 
ATOM   761  C  CE2 . TYR A 1 102 ? 2.711   -12.101 -12.022 1.00 38.21 ? 102 TYR A CE2 1 
ATOM   762  C  CZ  . TYR A 1 102 ? 1.542   -12.102 -12.751 1.00 40.09 ? 102 TYR A CZ  1 
ATOM   763  O  OH  . TYR A 1 102 ? 1.502   -12.736 -13.973 1.00 42.53 ? 102 TYR A OH  1 
ATOM   764  N  N   . ALA A 1 103 ? 1.237   -6.902  -7.797  1.00 32.79 ? 103 ALA A N   1 
ATOM   765  C  CA  . ALA A 1 103 ? 0.854   -6.143  -6.619  1.00 31.43 ? 103 ALA A CA  1 
ATOM   766  C  C   . ALA A 1 103 ? -0.382  -6.767  -5.983  1.00 31.89 ? 103 ALA A C   1 
ATOM   767  O  O   . ALA A 1 103 ? -1.266  -7.267  -6.678  1.00 32.01 ? 103 ALA A O   1 
ATOM   768  C  CB  . ALA A 1 103 ? 0.597   -4.690  -6.986  1.00 27.86 ? 103 ALA A CB  1 
ATOM   769  N  N   . VAL A 1 104 ? -0.438  -6.753  -4.657  1.00 32.03 ? 104 VAL A N   1 
ATOM   770  C  CA  . VAL A 1 104 ? -1.620  -7.242  -3.958  1.00 32.43 ? 104 VAL A CA  1 
ATOM   771  C  C   . VAL A 1 104 ? -2.627  -6.110  -3.795  1.00 32.91 ? 104 VAL A C   1 
ATOM   772  O  O   . VAL A 1 104 ? -2.328  -5.084  -3.185  1.00 31.14 ? 104 VAL A O   1 
ATOM   773  C  CB  . VAL A 1 104 ? -1.269  -7.821  -2.576  1.00 32.41 ? 104 VAL A CB  1 
ATOM   774  C  CG1 . VAL A 1 104 ? -2.531  -8.288  -1.862  1.00 36.27 ? 104 VAL A CG1 1 
ATOM   775  C  CG2 . VAL A 1 104 ? -0.271  -8.965  -2.716  1.00 33.63 ? 104 VAL A CG2 1 
ATOM   776  N  N   . ILE A 1 105 ? -3.821  -6.299  -4.346  1.00 34.71 ? 105 ILE A N   1 
ATOM   777  C  CA  . ILE A 1 105 ? -4.860  -5.279  -4.277  1.00 35.41 ? 105 ILE A CA  1 
ATOM   778  C  C   . ILE A 1 105 ? -6.013  -5.711  -3.378  1.00 39.78 ? 105 ILE A C   1 
ATOM   779  O  O   . ILE A 1 105 ? -6.536  -6.814  -3.519  1.00 41.35 ? 105 ILE A O   1 
ATOM   780  C  CB  . ILE A 1 105 ? -5.413  -4.944  -5.675  1.00 35.72 ? 105 ILE A CB  1 
ATOM   781  C  CG1 . ILE A 1 105 ? -4.279  -4.521  -6.611  1.00 33.64 ? 105 ILE A CG1 1 
ATOM   782  C  CG2 . ILE A 1 105 ? -6.479  -3.863  -5.583  1.00 34.81 ? 105 ILE A CG2 1 
ATOM   783  C  CD1 . ILE A 1 105 ? -3.571  -3.255  -6.177  1.00 28.83 ? 105 ILE A CD1 1 
ATOM   784  N  N   . GLN A 1 106 ? -6.400  -4.840  -2.452  1.00 40.27 ? 106 GLN A N   1 
ATOM   785  C  CA  . GLN A 1 106 ? -7.535  -5.105  -1.573  1.00 44.80 ? 106 GLN A CA  1 
ATOM   786  C  C   . GLN A 1 106 ? -8.847  -4.847  -2.306  1.00 48.23 ? 106 GLN A C   1 
ATOM   787  O  O   . GLN A 1 106 ? -9.240  -3.699  -2.519  1.00 47.38 ? 106 GLN A O   1 
ATOM   788  C  CB  . GLN A 1 106 ? -7.451  -4.245  -0.308  1.00 43.57 ? 106 GLN A CB  1 
ATOM   789  C  CG  . GLN A 1 106 ? -8.693  -4.296  0.567   1.00 47.46 ? 106 GLN A CG  1 
ATOM   790  C  CD  . GLN A 1 106 ? -8.881  -5.638  1.243   1.00 52.64 ? 106 GLN A CD  1 
ATOM   791  O  OE1 . GLN A 1 106 ? -10.003 -6.039  1.545   1.00 54.39 ? 106 GLN A OE1 1 
ATOM   792  N  NE2 . GLN A 1 106 ? -7.779  -6.335  1.492   1.00 52.71 ? 106 GLN A NE2 1 
ATOM   793  N  N   . ARG A 1 107 ? -9.520  -5.928  -2.686  1.00 50.80 ? 107 ARG A N   1 
ATOM   794  C  CA  . ARG A 1 107 ? -10.725 -5.856  -3.509  1.00 51.49 ? 107 ARG A CA  1 
ATOM   795  C  C   . ARG A 1 107 ? -11.854 -5.067  -2.849  1.00 55.07 ? 107 ARG A C   1 
ATOM   796  O  O   . ARG A 1 107 ? -12.785 -4.625  -3.522  1.00 56.14 ? 107 ARG A O   1 
ATOM   797  C  CB  . ARG A 1 107 ? -11.207 -7.269  -3.859  1.00 52.18 ? 107 ARG A CB  1 
ATOM   798  C  CG  . ARG A 1 107 ? -12.229 -7.326  -4.984  1.00 54.31 ? 107 ARG A CG  1 
ATOM   799  C  CD  . ARG A 1 107 ? -12.729 -8.748  -5.206  1.00 54.63 ? 107 ARG A CD  1 
ATOM   800  N  NE  . ARG A 1 107 ? -11.654 -9.666  -5.576  1.00 54.57 ? 107 ARG A NE  1 
ATOM   801  C  CZ  . ARG A 1 107 ? -11.367 -10.015 -6.827  1.00 56.33 ? 107 ARG A CZ  1 
ATOM   802  N  NH1 . ARG A 1 107 ? -12.075 -9.522  -7.835  1.00 58.90 ? 107 ARG A NH1 1 
ATOM   803  N  NH2 . ARG A 1 107 ? -10.374 -10.858 -7.071  1.00 52.20 ? 107 ARG A NH2 1 
ATOM   804  N  N   . SER A 1 108 ? -11.770 -4.890  -1.535  1.00 53.55 ? 108 SER A N   1 
ATOM   805  C  CA  . SER A 1 108 ? -12.819 -4.199  -0.792  1.00 54.35 ? 108 SER A CA  1 
ATOM   806  C  C   . SER A 1 108 ? -13.017 -2.761  -1.264  1.00 58.69 ? 108 SER A C   1 
ATOM   807  O  O   . SER A 1 108 ? -13.971 -2.097  -0.861  1.00 59.39 ? 108 SER A O   1 
ATOM   808  C  CB  . SER A 1 108 ? -12.523 -4.222  0.711   1.00 52.71 ? 108 SER A CB  1 
ATOM   809  O  OG  . SER A 1 108 ? -12.682 -5.524  1.248   1.00 56.26 ? 108 SER A OG  1 
ATOM   810  N  N   . ALA A 1 109 ? -12.119 -2.288  -2.123  1.00 59.90 ? 109 ALA A N   1 
ATOM   811  C  CA  . ALA A 1 109 ? -12.143 -0.897  -2.566  1.00 58.78 ? 109 ALA A CA  1 
ATOM   812  C  C   . ALA A 1 109 ? -12.419 -0.745  -4.060  1.00 61.84 ? 109 ALA A C   1 
ATOM   813  O  O   . ALA A 1 109 ? -12.954 0.272   -4.497  1.00 62.79 ? 109 ALA A O   1 
ATOM   814  C  CB  . ALA A 1 109 ? -10.836 -0.206  -2.192  1.00 53.84 ? 109 ALA A CB  1 
ATOM   815  N  N   . PHE A 1 110 ? -12.055 -1.759  -4.840  1.00 61.01 ? 110 PHE A N   1 
ATOM   816  C  CA  . PHE A 1 110 ? -12.187 -1.696  -6.294  1.00 63.50 ? 110 PHE A CA  1 
ATOM   817  C  C   . PHE A 1 110 ? -13.630 -1.473  -6.747  1.00 65.78 ? 110 PHE A C   1 
ATOM   818  O  O   . PHE A 1 110 ? -14.520 -1.229  -5.934  1.00 65.82 ? 110 PHE A O   1 
ATOM   819  C  CB  . PHE A 1 110 ? -11.631 -2.968  -6.940  1.00 62.10 ? 110 PHE A CB  1 
ATOM   820  N  N   . VAL A 1 133 ? -4.658  -16.011 -8.955  1.00 55.94 ? 133 VAL A N   1 
ATOM   821  C  CA  . VAL A 1 133 ? -3.559  -16.181 -8.015  1.00 57.52 ? 133 VAL A CA  1 
ATOM   822  C  C   . VAL A 1 133 ? -2.429  -16.958 -8.678  1.00 58.58 ? 133 VAL A C   1 
ATOM   823  O  O   . VAL A 1 133 ? -2.330  -18.176 -8.531  1.00 61.98 ? 133 VAL A O   1 
ATOM   824  C  CB  . VAL A 1 133 ? -4.011  -16.912 -6.742  1.00 58.41 ? 133 VAL A CB  1 
ATOM   825  C  CG1 . VAL A 1 133 ? -2.951  -16.791 -5.657  1.00 59.58 ? 133 VAL A CG1 1 
ATOM   826  C  CG2 . VAL A 1 133 ? -5.335  -16.352 -6.256  1.00 57.07 ? 133 VAL A CG2 1 
ATOM   827  N  N   . PRO A 1 134 ? -1.573  -16.242 -9.419  1.00 60.86 ? 134 PRO A N   1 
ATOM   828  C  CA  . PRO A 1 134 ? -0.467  -16.789 -10.209 1.00 60.65 ? 134 PRO A CA  1 
ATOM   829  C  C   . PRO A 1 134 ? 0.423   -17.744 -9.423  1.00 61.16 ? 134 PRO A C   1 
ATOM   830  O  O   . PRO A 1 134 ? 0.806   -17.454 -8.289  1.00 59.57 ? 134 PRO A O   1 
ATOM   831  C  CB  . PRO A 1 134 ? 0.324   -15.538 -10.598 1.00 54.50 ? 134 PRO A CB  1 
ATOM   832  C  CG  . PRO A 1 134 ? -0.701  -14.463 -10.646 1.00 51.92 ? 134 PRO A CG  1 
ATOM   833  C  CD  . PRO A 1 134 ? -1.664  -14.778 -9.542  1.00 55.56 ? 134 PRO A CD  1 
ATOM   834  N  N   . GLY A 1 135 ? 0.740   -18.880 -10.036 1.00 64.56 ? 135 GLY A N   1 
ATOM   835  C  CA  . GLY A 1 135 ? 1.689   -19.823 -9.474  1.00 64.35 ? 135 GLY A CA  1 
ATOM   836  C  C   . GLY A 1 135 ? 1.132   -20.649 -8.334  1.00 68.02 ? 135 GLY A C   1 
ATOM   837  O  O   . GLY A 1 135 ? 1.866   -21.380 -7.671  1.00 68.40 ? 135 GLY A O   1 
ATOM   838  N  N   . LEU A 1 136 ? -0.171  -20.540 -8.110  1.00 68.17 ? 136 LEU A N   1 
ATOM   839  C  CA  . LEU A 1 136 ? -0.805  -21.235 -6.998  1.00 69.30 ? 136 LEU A CA  1 
ATOM   840  C  C   . LEU A 1 136 ? -1.362  -22.598 -7.394  1.00 73.79 ? 136 LEU A C   1 
ATOM   841  O  O   . LEU A 1 136 ? -1.251  -23.561 -6.635  1.00 75.78 ? 136 LEU A O   1 
ATOM   842  C  CB  . LEU A 1 136 ? -1.907  -20.373 -6.386  1.00 65.56 ? 136 LEU A CB  1 
ATOM   843  C  CG  . LEU A 1 136 ? -2.754  -21.070 -5.321  1.00 69.73 ? 136 LEU A CG  1 
ATOM   844  C  CD1 . LEU A 1 136 ? -1.879  -21.648 -4.215  1.00 69.25 ? 136 LEU A CD1 1 
ATOM   845  C  CD2 . LEU A 1 136 ? -3.781  -20.108 -4.755  1.00 67.98 ? 136 LEU A CD2 1 
ATOM   846  N  N   . VAL A 1 137 ? -1.969  -22.680 -8.573  1.00 74.07 ? 137 VAL A N   1 
ATOM   847  C  CA  . VAL A 1 137 ? -2.511  -23.946 -9.053  1.00 75.99 ? 137 VAL A CA  1 
ATOM   848  C  C   . VAL A 1 137 ? -1.384  -24.856 -9.520  1.00 75.62 ? 137 VAL A C   1 
ATOM   849  O  O   . VAL A 1 137 ? -1.465  -26.078 -9.401  1.00 77.45 ? 137 VAL A O   1 
ATOM   850  C  CB  . VAL A 1 137 ? -3.502  -23.743 -10.210 1.00 76.04 ? 137 VAL A CB  1 
ATOM   851  C  CG1 . VAL A 1 137 ? -4.129  -25.075 -10.600 1.00 75.77 ? 137 VAL A CG1 1 
ATOM   852  C  CG2 . VAL A 1 137 ? -4.574  -22.740 -9.818  1.00 73.57 ? 137 VAL A CG2 1 
ATOM   853  N  N   . ARG A 1 138 ? -0.333  -24.244 -10.055 1.00 74.09 ? 138 ARG A N   1 
ATOM   854  C  CA  . ARG A 1 138 ? 0.863   -24.974 -10.449 1.00 74.84 ? 138 ARG A CA  1 
ATOM   855  C  C   . ARG A 1 138 ? 1.597   -25.434 -9.198  1.00 74.25 ? 138 ARG A C   1 
ATOM   856  O  O   . ARG A 1 138 ? 2.453   -26.315 -9.251  1.00 75.15 ? 138 ARG A O   1 
ATOM   857  C  CB  . ARG A 1 138 ? 1.775   -24.086 -11.298 1.00 72.33 ? 138 ARG A CB  1 
ATOM   858  N  N   . PHE A 1 139 ? 1.246   -24.822 -8.071  1.00 73.61 ? 139 PHE A N   1 
ATOM   859  C  CA  . PHE A 1 139 ? 1.858   -25.135 -6.787  1.00 74.13 ? 139 PHE A CA  1 
ATOM   860  C  C   . PHE A 1 139 ? 1.280   -26.422 -6.220  1.00 75.17 ? 139 PHE A C   1 
ATOM   861  O  O   . PHE A 1 139 ? 2.008   -27.287 -5.735  1.00 74.41 ? 139 PHE A O   1 
ATOM   862  C  CB  . PHE A 1 139 ? 1.638   -23.974 -5.812  1.00 71.66 ? 139 PHE A CB  1 
ATOM   863  C  CG  . PHE A 1 139 ? 2.117   -24.249 -4.414  1.00 71.22 ? 139 PHE A CG  1 
ATOM   864  C  CD1 . PHE A 1 139 ? 3.411   -24.677 -4.182  1.00 68.70 ? 139 PHE A CD1 1 
ATOM   865  C  CD2 . PHE A 1 139 ? 1.278   -24.058 -3.328  1.00 72.01 ? 139 PHE A CD2 1 
ATOM   866  C  CE1 . PHE A 1 139 ? 3.857   -24.924 -2.898  1.00 67.57 ? 139 PHE A CE1 1 
ATOM   867  C  CE2 . PHE A 1 139 ? 1.718   -24.302 -2.043  1.00 69.29 ? 139 PHE A CE2 1 
ATOM   868  C  CZ  . PHE A 1 139 ? 3.010   -24.735 -1.827  1.00 67.34 ? 139 PHE A CZ  1 
ATOM   869  N  N   . LEU A 1 140 ? -0.039  -26.545 -6.295  1.00 76.30 ? 140 LEU A N   1 
ATOM   870  C  CA  . LEU A 1 140 ? -0.737  -27.687 -5.722  1.00 77.45 ? 140 LEU A CA  1 
ATOM   871  C  C   . LEU A 1 140 ? -0.672  -28.915 -6.622  1.00 75.28 ? 140 LEU A C   1 
ATOM   872  O  O   . LEU A 1 140 ? -0.661  -28.800 -7.845  1.00 71.10 ? 140 LEU A O   1 
ATOM   873  C  CB  . LEU A 1 140 ? -2.191  -27.316 -5.434  1.00 76.26 ? 140 LEU A CB  1 
ATOM   874  C  CG  . LEU A 1 140 ? -2.360  -26.270 -4.332  1.00 76.89 ? 140 LEU A CG  1 
ATOM   875  C  CD1 . LEU A 1 140 ? -3.804  -25.814 -4.255  1.00 72.77 ? 140 LEU A CD1 1 
ATOM   876  C  CD2 . LEU A 1 140 ? -1.887  -26.826 -2.997  1.00 77.23 ? 140 LEU A CD2 1 
ATOM   877  N  N   . ALA A 1 149 ? -1.219  -26.999 4.063   1.00 68.21 ? 149 ALA A N   1 
ATOM   878  C  CA  . ALA A 1 149 ? -0.953  -26.181 2.886   1.00 70.44 ? 149 ALA A CA  1 
ATOM   879  C  C   . ALA A 1 149 ? -2.254  -25.710 2.249   1.00 70.26 ? 149 ALA A C   1 
ATOM   880  O  O   . ALA A 1 149 ? -2.314  -25.452 1.046   1.00 70.13 ? 149 ALA A O   1 
ATOM   881  C  CB  . ALA A 1 149 ? -0.114  -26.953 1.882   1.00 67.48 ? 149 ALA A CB  1 
ATOM   882  N  N   . GLN A 1 150 ? -3.301  -25.613 3.062   1.00 68.07 ? 150 GLN A N   1 
ATOM   883  C  CA  . GLN A 1 150 ? -4.573  -25.073 2.602   1.00 66.64 ? 150 GLN A CA  1 
ATOM   884  C  C   . GLN A 1 150 ? -4.777  -23.688 3.196   1.00 69.12 ? 150 GLN A C   1 
ATOM   885  O  O   . GLN A 1 150 ? -5.380  -22.817 2.570   1.00 69.55 ? 150 GLN A O   1 
ATOM   886  C  CB  . GLN A 1 150 ? -5.732  -25.989 2.983   1.00 64.04 ? 150 GLN A CB  1 
ATOM   887  C  CG  . GLN A 1 150 ? -7.082  -25.490 2.498   1.00 56.89 ? 150 GLN A CG  1 
ATOM   888  C  CD  . GLN A 1 150 ? -7.251  -25.618 0.996   1.00 55.24 ? 150 GLN A CD  1 
ATOM   889  O  OE1 . GLN A 1 150 ? -6.896  -26.635 0.402   1.00 53.57 ? 150 GLN A OE1 1 
ATOM   890  N  NE2 . GLN A 1 150 ? -7.797  -24.580 0.373   1.00 57.32 ? 150 GLN A NE2 1 
ATOM   891  N  N   . ALA A 1 151 ? -4.272  -23.493 4.412   1.00 70.75 ? 151 ALA A N   1 
ATOM   892  C  CA  . ALA A 1 151 ? -4.249  -22.174 5.021   1.00 73.16 ? 151 ALA A CA  1 
ATOM   893  C  C   . ALA A 1 151 ? -3.458  -21.250 4.110   1.00 72.28 ? 151 ALA A C   1 
ATOM   894  O  O   . ALA A 1 151 ? -3.610  -20.032 4.152   1.00 71.20 ? 151 ALA A O   1 
ATOM   895  C  CB  . ALA A 1 151 ? -3.612  -22.233 6.400   1.00 73.11 ? 151 ALA A CB  1 
ATOM   896  N  N   . ILE A 1 152 ? -2.609  -21.848 3.282   1.00 71.39 ? 152 ILE A N   1 
ATOM   897  C  CA  . ILE A 1 152 ? -1.847  -21.104 2.292   1.00 72.73 ? 152 ILE A CA  1 
ATOM   898  C  C   . ILE A 1 152 ? -2.776  -20.546 1.222   1.00 71.86 ? 152 ILE A C   1 
ATOM   899  O  O   . ILE A 1 152 ? -2.959  -19.335 1.114   1.00 70.99 ? 152 ILE A O   1 
ATOM   900  C  CB  . ILE A 1 152 ? -0.771  -21.984 1.626   1.00 71.78 ? 152 ILE A CB  1 
ATOM   901  C  CG1 . ILE A 1 152 ? 0.317   -22.354 2.635   1.00 69.27 ? 152 ILE A CG1 1 
ATOM   902  C  CG2 . ILE A 1 152 ? -0.156  -21.269 0.434   1.00 69.08 ? 152 ILE A CG2 1 
ATOM   903  C  CD1 . ILE A 1 152 ? 1.522   -23.031 2.013   1.00 66.21 ? 152 ILE A CD1 1 
ATOM   904  N  N   . ALA A 1 153 ? -3.370  -21.442 0.439   1.00 70.77 ? 153 ALA A N   1 
ATOM   905  C  CA  . ALA A 1 153 ? -4.261  -21.047 -0.645  1.00 68.49 ? 153 ALA A CA  1 
ATOM   906  C  C   . ALA A 1 153 ? -5.647  -20.693 -0.123  1.00 68.81 ? 153 ALA A C   1 
ATOM   907  O  O   . ALA A 1 153 ? -6.654  -20.917 -0.797  1.00 71.46 ? 153 ALA A O   1 
ATOM   908  C  CB  . ALA A 1 153 ? -4.351  -22.150 -1.689  1.00 67.23 ? 153 ALA A CB  1 
ATOM   909  N  N   . ASP A 1 154 ? -5.692  -20.151 1.090   1.00 68.08 ? 154 ASP A N   1 
ATOM   910  C  CA  . ASP A 1 154 ? -6.932  -19.631 1.649   1.00 69.81 ? 154 ASP A CA  1 
ATOM   911  C  C   . ASP A 1 154 ? -6.737  -18.176 2.043   1.00 69.88 ? 154 ASP A C   1 
ATOM   912  O  O   . ASP A 1 154 ? -7.679  -17.384 2.026   1.00 69.36 ? 154 ASP A O   1 
ATOM   913  C  CB  . ASP A 1 154 ? -7.393  -20.454 2.846   1.00 72.36 ? 154 ASP A CB  1 
ATOM   914  C  CG  . ASP A 1 154 ? -8.768  -21.047 2.638   1.00 70.92 ? 154 ASP A CG  1 
ATOM   915  O  OD1 . ASP A 1 154 ? -9.453  -20.620 1.687   1.00 69.60 ? 154 ASP A OD1 1 
ATOM   916  O  OD2 . ASP A 1 154 ? -9.164  -21.932 3.424   1.00 66.72 ? 154 ASP A OD2 1 
ATOM   917  N  N   . GLU A 1 155 ? -5.506  -17.834 2.407   1.00 71.54 ? 155 GLU A N   1 
ATOM   918  C  CA  . GLU A 1 155 ? -5.125  -16.443 2.564   1.00 71.57 ? 155 GLU A CA  1 
ATOM   919  C  C   . GLU A 1 155 ? -5.105  -15.836 1.173   1.00 68.57 ? 155 GLU A C   1 
ATOM   920  O  O   . GLU A 1 155 ? -5.562  -14.714 0.958   1.00 68.76 ? 155 GLU A O   1 
ATOM   921  C  CB  . GLU A 1 155 ? -3.731  -16.331 3.174   1.00 74.19 ? 155 GLU A CB  1 
ATOM   922  C  CG  . GLU A 1 155 ? -3.566  -17.006 4.518   1.00 77.12 ? 155 GLU A CG  1 
ATOM   923  C  CD  . GLU A 1 155 ? -2.110  -17.124 4.917   1.00 80.58 ? 155 GLU A CD  1 
ATOM   924  O  OE1 . GLU A 1 155 ? -1.238  -16.910 4.047   1.00 78.68 ? 155 GLU A OE1 1 
ATOM   925  O  OE2 . GLU A 1 155 ? -1.835  -17.428 6.095   1.00 81.38 ? 155 GLU A OE2 1 
ATOM   926  N  N   . LEU A 1 156 ? -4.576  -16.604 0.225   1.00 66.19 ? 156 LEU A N   1 
ATOM   927  C  CA  . LEU A 1 156 ? -4.429  -16.146 -1.150  1.00 65.94 ? 156 LEU A CA  1 
ATOM   928  C  C   . LEU A 1 156 ? -5.760  -16.128 -1.887  1.00 65.85 ? 156 LEU A C   1 
ATOM   929  O  O   . LEU A 1 156 ? -6.098  -15.147 -2.549  1.00 63.49 ? 156 LEU A O   1 
ATOM   930  C  CB  . LEU A 1 156 ? -3.433  -17.027 -1.906  1.00 63.72 ? 156 LEU A CB  1 
ATOM   931  C  CG  . LEU A 1 156 ? -2.028  -17.157 -1.317  1.00 65.07 ? 156 LEU A CG  1 
ATOM   932  C  CD1 . LEU A 1 156 ? -1.034  -17.496 -2.416  1.00 62.34 ? 156 LEU A CD1 1 
ATOM   933  C  CD2 . LEU A 1 156 ? -1.614  -15.881 -0.598  1.00 60.31 ? 156 LEU A CD2 1 
ATOM   934  N  N   . THR A 1 157 ? -6.510  -17.218 -1.780  1.00 67.33 ? 157 THR A N   1 
ATOM   935  C  CA  . THR A 1 157 ? -7.793  -17.312 -2.463  1.00 66.39 ? 157 THR A CA  1 
ATOM   936  C  C   . THR A 1 157 ? -8.896  -16.712 -1.599  1.00 67.10 ? 157 THR A C   1 
ATOM   937  O  O   . THR A 1 157 ? -10.081 -16.830 -1.914  1.00 65.30 ? 157 THR A O   1 
ATOM   938  C  CB  . THR A 1 157 ? -8.145  -18.765 -2.826  1.00 68.37 ? 157 THR A CB  1 
ATOM   939  O  OG1 . THR A 1 157 ? -6.943  -19.497 -3.099  1.00 67.98 ? 157 THR A OG1 1 
ATOM   940  C  CG2 . THR A 1 157 ? -9.040  -18.800 -4.056  1.00 69.70 ? 157 THR A CG2 1 
ATOM   941  N  N   . ASP A 1 158 ? -8.487  -16.071 -0.507  1.00 68.91 ? 158 ASP A N   1 
ATOM   942  C  CA  . ASP A 1 158 ? -9.398  -15.341 0.365   1.00 67.42 ? 158 ASP A CA  1 
ATOM   943  C  C   . ASP A 1 158 ? -10.467 -14.628 -0.457  1.00 65.30 ? 158 ASP A C   1 
ATOM   944  O  O   . ASP A 1 158 ? -11.629 -14.561 -0.061  1.00 63.65 ? 158 ASP A O   1 
ATOM   945  C  CB  . ASP A 1 158 ? -8.612  -14.334 1.210   1.00 66.89 ? 158 ASP A CB  1 
ATOM   946  C  CG  . ASP A 1 158 ? -9.495  -13.547 2.156   1.00 66.54 ? 158 ASP A CG  1 
ATOM   947  O  OD1 . ASP A 1 158 ? -9.905  -12.430 1.785   1.00 63.78 ? 158 ASP A OD1 1 
ATOM   948  O  OD2 . ASP A 1 158 ? -9.770  -14.035 3.273   1.00 68.17 ? 158 ASP A OD2 1 
ATOM   949  N  N   . GLY A 1 159 ? -10.061 -14.104 -1.609  1.00 64.07 ? 159 GLY A N   1 
ATOM   950  C  CA  . GLY A 1 159 ? -10.988 -13.522 -2.561  1.00 64.34 ? 159 GLY A CA  1 
ATOM   951  C  C   . GLY A 1 159 ? -11.231 -12.047 -2.326  1.00 60.76 ? 159 GLY A C   1 
ATOM   952  O  O   . GLY A 1 159 ? -11.732 -11.340 -3.201  1.00 58.42 ? 159 GLY A O   1 
ATOM   953  N  N   . ARG A 1 160 ? -10.883 -11.582 -1.132  1.00 60.35 ? 160 ARG A N   1 
ATOM   954  C  CA  . ARG A 1 160 ? -10.965 -10.165 -0.822  1.00 59.23 ? 160 ARG A CA  1 
ATOM   955  C  C   . ARG A 1 160 ? -9.735  -9.495  -1.407  1.00 57.17 ? 160 ARG A C   1 
ATOM   956  O  O   . ARG A 1 160 ? -9.505  -8.301  -1.220  1.00 54.00 ? 160 ARG A O   1 
ATOM   957  C  CB  . ARG A 1 160 ? -11.024 -9.946  0.687   1.00 59.62 ? 160 ARG A CB  1 
ATOM   958  C  CG  . ARG A 1 160 ? -11.800 -8.713  1.107   1.00 58.01 ? 160 ARG A CG  1 
ATOM   959  C  CD  . ARG A 1 160 ? -12.154 -8.784  2.589   1.00 56.44 ? 160 ARG A CD  1 
ATOM   960  N  NE  . ARG A 1 160 ? -13.239 -7.873  2.941   1.00 57.38 ? 160 ARG A NE  1 
ATOM   961  C  CZ  . ARG A 1 160 ? -13.913 -7.927  4.086   1.00 58.62 ? 160 ARG A CZ  1 
ATOM   962  N  NH1 . ARG A 1 160 ? -13.621 -8.852  4.995   1.00 54.61 ? 160 ARG A NH1 1 
ATOM   963  N  NH2 . ARG A 1 160 ? -14.886 -7.060  4.326   1.00 56.96 ? 160 ARG A NH2 1 
ATOM   964  N  N   . PHE A 1 161 ? -8.946  -10.290 -2.121  1.00 56.74 ? 161 PHE A N   1 
ATOM   965  C  CA  . PHE A 1 161 ? -7.720  -9.817  -2.745  1.00 51.77 ? 161 PHE A CA  1 
ATOM   966  C  C   . PHE A 1 161 ? -7.822  -9.821  -4.264  1.00 50.71 ? 161 PHE A C   1 
ATOM   967  O  O   . PHE A 1 161 ? -8.854  -10.171 -4.838  1.00 52.75 ? 161 PHE A O   1 
ATOM   968  C  CB  . PHE A 1 161 ? -6.535  -10.689 -2.324  1.00 51.33 ? 161 PHE A CB  1 
ATOM   969  C  CG  . PHE A 1 161 ? -5.950  -10.319 -0.993  1.00 54.24 ? 161 PHE A CG  1 
ATOM   970  C  CD1 . PHE A 1 161 ? -6.389  -9.193  -0.317  1.00 52.15 ? 161 PHE A CD1 1 
ATOM   971  C  CD2 . PHE A 1 161 ? -4.949  -11.086 -0.423  1.00 56.76 ? 161 PHE A CD2 1 
ATOM   972  C  CE1 . PHE A 1 161 ? -5.848  -8.848  0.906   1.00 53.88 ? 161 PHE A CE1 1 
ATOM   973  C  CE2 . PHE A 1 161 ? -4.405  -10.743 0.797   1.00 55.95 ? 161 PHE A CE2 1 
ATOM   974  C  CZ  . PHE A 1 161 ? -4.856  -9.622  1.463   1.00 56.66 ? 161 PHE A CZ  1 
ATOM   975  N  N   . TYR A 1 162 ? -6.729  -9.429  -4.904  1.00 46.98 ? 162 TYR A N   1 
ATOM   976  C  CA  . TYR A 1 162 ? -6.608  -9.466  -6.352  1.00 42.66 ? 162 TYR A CA  1 
ATOM   977  C  C   . TYR A 1 162 ? -5.156  -9.198  -6.706  1.00 40.29 ? 162 TYR A C   1 
ATOM   978  O  O   . TYR A 1 162 ? -4.546  -8.272  -6.172  1.00 37.89 ? 162 TYR A O   1 
ATOM   979  C  CB  . TYR A 1 162 ? -7.513  -8.426  -7.008  1.00 44.14 ? 162 TYR A CB  1 
ATOM   980  C  CG  . TYR A 1 162 ? -7.269  -8.265  -8.491  1.00 44.29 ? 162 TYR A CG  1 
ATOM   981  C  CD1 . TYR A 1 162 ? -7.644  -9.257  -9.387  1.00 44.28 ? 162 TYR A CD1 1 
ATOM   982  C  CD2 . TYR A 1 162 ? -6.663  -7.122  -8.994  1.00 41.25 ? 162 TYR A CD2 1 
ATOM   983  C  CE1 . TYR A 1 162 ? -7.421  -9.115  -10.745 1.00 42.02 ? 162 TYR A CE1 1 
ATOM   984  C  CE2 . TYR A 1 162 ? -6.438  -6.971  -10.349 1.00 41.74 ? 162 TYR A CE2 1 
ATOM   985  C  CZ  . TYR A 1 162 ? -6.819  -7.970  -11.219 1.00 42.97 ? 162 TYR A CZ  1 
ATOM   986  O  OH  . TYR A 1 162 ? -6.595  -7.822  -12.566 1.00 40.39 ? 162 TYR A OH  1 
ATOM   987  N  N   . TYR A 1 163 ? -4.600  -10.005 -7.602  1.00 41.91 ? 163 TYR A N   1 
ATOM   988  C  CA  . TYR A 1 163 ? -3.183  -9.899  -7.916  1.00 40.83 ? 163 TYR A CA  1 
ATOM   989  C  C   . TYR A 1 163 ? -2.953  -9.294  -9.294  1.00 38.76 ? 163 TYR A C   1 
ATOM   990  O  O   . TYR A 1 163 ? -3.105  -9.958  -10.319 1.00 39.08 ? 163 TYR A O   1 
ATOM   991  C  CB  . TYR A 1 163 ? -2.506  -11.261 -7.757  1.00 42.90 ? 163 TYR A CB  1 
ATOM   992  C  CG  . TYR A 1 163 ? -2.779  -11.868 -6.399  1.00 43.48 ? 163 TYR A CG  1 
ATOM   993  C  CD1 . TYR A 1 163 ? -2.046  -11.480 -5.286  1.00 43.27 ? 163 TYR A CD1 1 
ATOM   994  C  CD2 . TYR A 1 163 ? -3.791  -12.802 -6.225  1.00 46.37 ? 163 TYR A CD2 1 
ATOM   995  C  CE1 . TYR A 1 163 ? -2.301  -12.021 -4.039  1.00 44.98 ? 163 TYR A CE1 1 
ATOM   996  C  CE2 . TYR A 1 163 ? -4.053  -13.348 -4.984  1.00 50.75 ? 163 TYR A CE2 1 
ATOM   997  C  CZ  . TYR A 1 163 ? -3.305  -12.955 -3.894  1.00 51.02 ? 163 TYR A CZ  1 
ATOM   998  O  OH  . TYR A 1 163 ? -3.563  -13.496 -2.656  1.00 54.04 ? 163 TYR A OH  1 
ATOM   999  N  N   . ALA A 1 164 ? -2.593  -8.015  -9.294  1.00 36.83 ? 164 ALA A N   1 
ATOM   1000 C  CA  . ALA A 1 164 ? -2.452  -7.247  -10.522 1.00 35.89 ? 164 ALA A CA  1 
ATOM   1001 C  C   . ALA A 1 164 ? -1.010  -7.203  -11.008 1.00 34.55 ? 164 ALA A C   1 
ATOM   1002 O  O   . ALA A 1 164 ? -0.098  -6.850  -10.261 1.00 32.60 ? 164 ALA A O   1 
ATOM   1003 C  CB  . ALA A 1 164 ? -2.999  -5.835  -10.329 1.00 33.24 ? 164 ALA A CB  1 
ATOM   1004 N  N   . LYS A 1 165 ? -0.812  -7.568  -12.269 1.00 33.57 ? 165 LYS A N   1 
ATOM   1005 C  CA  . LYS A 1 165 ? 0.505   -7.499  -12.887 1.00 32.05 ? 165 LYS A CA  1 
ATOM   1006 C  C   . LYS A 1 165 ? 0.930   -6.051  -13.098 1.00 30.77 ? 165 LYS A C   1 
ATOM   1007 O  O   . LYS A 1 165 ? 0.152   -5.231  -13.578 1.00 28.83 ? 165 LYS A O   1 
ATOM   1008 C  CB  . LYS A 1 165 ? 0.509   -8.249  -14.220 1.00 32.39 ? 165 LYS A CB  1 
ATOM   1009 C  CG  . LYS A 1 165 ? 1.803   -8.103  -15.000 1.00 32.52 ? 165 LYS A CG  1 
ATOM   1010 C  CD  . LYS A 1 165 ? 1.777   -8.926  -16.270 1.00 33.74 ? 165 LYS A CD  1 
ATOM   1011 C  CE  . LYS A 1 165 ? 2.656   -10.154 -16.140 1.00 41.85 ? 165 LYS A CE  1 
ATOM   1012 N  NZ  . LYS A 1 165 ? 2.623   -10.976 -17.378 1.00 46.25 ? 165 LYS A NZ  1 
ATOM   1013 N  N   . VAL A 1 166 ? 2.170   -5.743  -12.735 1.00 30.61 ? 166 VAL A N   1 
ATOM   1014 C  CA  . VAL A 1 166 ? 2.701   -4.399  -12.909 1.00 29.43 ? 166 VAL A CA  1 
ATOM   1015 C  C   . VAL A 1 166 ? 3.047   -4.140  -14.367 1.00 28.26 ? 166 VAL A C   1 
ATOM   1016 O  O   . VAL A 1 166 ? 3.644   -4.986  -15.032 1.00 27.48 ? 166 VAL A O   1 
ATOM   1017 C  CB  . VAL A 1 166 ? 3.962   -4.165  -12.055 1.00 28.42 ? 166 VAL A CB  1 
ATOM   1018 C  CG1 . VAL A 1 166 ? 4.579   -2.812  -12.384 1.00 26.30 ? 166 VAL A CG1 1 
ATOM   1019 C  CG2 . VAL A 1 166 ? 3.626   -4.253  -10.579 1.00 27.39 ? 166 VAL A CG2 1 
ATOM   1020 N  N   . ALA A 1 167 ? 2.663   -2.971  -14.863 1.00 28.06 ? 167 ALA A N   1 
ATOM   1021 C  CA  . ALA A 1 167 ? 2.962   -2.607  -16.238 1.00 27.20 ? 167 ALA A CA  1 
ATOM   1022 C  C   . ALA A 1 167 ? 4.186   -1.704  -16.322 1.00 27.57 ? 167 ALA A C   1 
ATOM   1023 O  O   . ALA A 1 167 ? 4.987   -1.817  -17.249 1.00 28.36 ? 167 ALA A O   1 
ATOM   1024 C  CB  . ALA A 1 167 ? 1.764   -1.938  -16.880 1.00 26.92 ? 167 ALA A CB  1 
ATOM   1025 N  N   . SER A 1 168 ? 4.329   -0.805  -15.354 1.00 27.49 ? 168 SER A N   1 
ATOM   1026 C  CA  . SER A 1 168 ? 5.439   0.137   -15.378 1.00 25.10 ? 168 SER A CA  1 
ATOM   1027 C  C   . SER A 1 168 ? 5.673   0.843   -14.051 1.00 23.46 ? 168 SER A C   1 
ATOM   1028 O  O   . SER A 1 168 ? 4.782   0.932   -13.206 1.00 21.59 ? 168 SER A O   1 
ATOM   1029 C  CB  . SER A 1 168 ? 5.228   1.180   -16.482 1.00 24.69 ? 168 SER A CB  1 
ATOM   1030 O  OG  . SER A 1 168 ? 3.996   1.864   -16.311 1.00 26.10 ? 168 SER A OG  1 
ATOM   1031 N  N   . VAL A 1 169 ? 6.895   1.335   -13.883 1.00 23.86 ? 169 VAL A N   1 
ATOM   1032 C  CA  . VAL A 1 169 ? 7.247   2.182   -12.757 1.00 22.26 ? 169 VAL A CA  1 
ATOM   1033 C  C   . VAL A 1 169 ? 8.066   3.343   -13.297 1.00 21.15 ? 169 VAL A C   1 
ATOM   1034 O  O   . VAL A 1 169 ? 9.242   3.186   -13.622 1.00 20.80 ? 169 VAL A O   1 
ATOM   1035 C  CB  . VAL A 1 169 ? 8.091   1.431   -11.719 1.00 21.77 ? 169 VAL A CB  1 
ATOM   1036 C  CG1 . VAL A 1 169 ? 8.214   2.257   -10.443 1.00 18.61 ? 169 VAL A CG1 1 
ATOM   1037 C  CG2 . VAL A 1 169 ? 7.494   0.051   -11.433 1.00 19.97 ? 169 VAL A CG2 1 
ATOM   1038 N  N   . THR A 1 170 ? 7.438   4.507   -13.404 1.00 19.89 ? 170 THR A N   1 
ATOM   1039 C  CA  . THR A 1 170 ? 8.084   5.657   -14.021 1.00 21.10 ? 170 THR A CA  1 
ATOM   1040 C  C   . THR A 1 170 ? 8.248   6.819   -13.056 1.00 19.50 ? 170 THR A C   1 
ATOM   1041 O  O   . THR A 1 170 ? 7.391   7.063   -12.203 1.00 19.44 ? 170 THR A O   1 
ATOM   1042 C  CB  . THR A 1 170 ? 7.282   6.158   -15.235 1.00 22.21 ? 170 THR A CB  1 
ATOM   1043 O  OG1 . THR A 1 170 ? 6.082   6.794   -14.778 1.00 23.14 ? 170 THR A OG1 1 
ATOM   1044 C  CG2 . THR A 1 170 ? 6.935   5.003   -16.156 1.00 21.72 ? 170 THR A CG2 1 
ATOM   1045 N  N   . ASP A 1 171 ? 9.362   7.526   -13.205 1.00 21.03 ? 171 ASP A N   1 
ATOM   1046 C  CA  . ASP A 1 171 ? 9.654   8.712   -12.414 1.00 20.77 ? 171 ASP A CA  1 
ATOM   1047 C  C   . ASP A 1 171 ? 8.463   9.667   -12.445 1.00 20.68 ? 171 ASP A C   1 
ATOM   1048 O  O   . ASP A 1 171 ? 7.733   9.727   -13.435 1.00 21.45 ? 171 ASP A O   1 
ATOM   1049 C  CB  . ASP A 1 171 ? 10.904  9.407   -12.954 1.00 22.11 ? 171 ASP A CB  1 
ATOM   1050 C  CG  . ASP A 1 171 ? 12.102  8.474   -13.029 1.00 23.91 ? 171 ASP A CG  1 
ATOM   1051 O  OD1 . ASP A 1 171 ? 11.970  7.376   -13.613 1.00 27.46 ? 171 ASP A OD1 1 
ATOM   1052 O  OD2 . ASP A 1 171 ? 13.172  8.835   -12.499 1.00 23.74 ? 171 ASP A OD2 1 
ATOM   1053 N  N   . ALA A 1 172 ? 8.264   10.405  -11.358 1.00 19.28 ? 172 ALA A N   1 
ATOM   1054 C  CA  . ALA A 1 172 ? 7.175   11.376  -11.272 1.00 18.83 ? 172 ALA A CA  1 
ATOM   1055 C  C   . ALA A 1 172 ? 7.640   12.654  -10.571 1.00 19.02 ? 172 ALA A C   1 
ATOM   1056 O  O   . ALA A 1 172 ? 6.927   13.216  -9.737  1.00 19.62 ? 172 ALA A O   1 
ATOM   1057 C  CB  . ALA A 1 172 ? 5.972   10.767  -10.551 1.00 18.07 ? 172 ALA A CB  1 
ATOM   1058 N  N   . GLY A 1 173 ? 8.841   13.104  -10.919 1.00 20.04 ? 173 GLY A N   1 
ATOM   1059 C  CA  . GLY A 1 173 ? 9.411   14.315  -10.351 1.00 18.93 ? 173 GLY A CA  1 
ATOM   1060 C  C   . GLY A 1 173 ? 9.467   14.311  -8.833  1.00 20.05 ? 173 GLY A C   1 
ATOM   1061 O  O   . GLY A 1 173 ? 9.527   13.253  -8.206  1.00 20.86 ? 173 GLY A O   1 
ATOM   1062 N  N   . VAL A 1 174 ? 9.450   15.504  -8.246  1.00 22.26 ? 174 VAL A N   1 
ATOM   1063 C  CA  . VAL A 1 174 ? 9.471   15.656  -6.793  1.00 21.36 ? 174 VAL A CA  1 
ATOM   1064 C  C   . VAL A 1 174 ? 8.148   16.222  -6.274  1.00 21.36 ? 174 VAL A C   1 
ATOM   1065 O  O   . VAL A 1 174 ? 7.738   17.319  -6.660  1.00 23.99 ? 174 VAL A O   1 
ATOM   1066 C  CB  . VAL A 1 174 ? 10.627  16.567  -6.335  1.00 22.14 ? 174 VAL A CB  1 
ATOM   1067 C  CG1 . VAL A 1 174 ? 10.397  17.058  -4.913  1.00 24.68 ? 174 VAL A CG1 1 
ATOM   1068 C  CG2 . VAL A 1 174 ? 11.959  15.838  -6.449  1.00 21.58 ? 174 VAL A CG2 1 
ATOM   1069 N  N   . GLN A 1 175 ? 7.492   15.471  -5.391  1.00 21.43 ? 175 GLN A N   1 
ATOM   1070 C  CA  . GLN A 1 175 ? 6.200   15.868  -4.843  1.00 21.10 ? 175 GLN A CA  1 
ATOM   1071 C  C   . GLN A 1 175 ? 6.167   15.698  -3.324  1.00 21.69 ? 175 GLN A C   1 
ATOM   1072 O  O   . GLN A 1 175 ? 6.981   14.966  -2.762  1.00 22.86 ? 175 GLN A O   1 
ATOM   1073 C  CB  . GLN A 1 175 ? 5.082   15.033  -5.474  1.00 20.41 ? 175 GLN A CB  1 
ATOM   1074 C  CG  . GLN A 1 175 ? 5.204   14.851  -6.978  1.00 17.77 ? 175 GLN A CG  1 
ATOM   1075 C  CD  . GLN A 1 175 ? 3.997   14.150  -7.580  1.00 16.15 ? 175 GLN A CD  1 
ATOM   1076 O  OE1 . GLN A 1 175 ? 2.878   14.289  -7.090  1.00 15.47 ? 175 GLN A OE1 1 
ATOM   1077 N  NE2 . GLN A 1 175 ? 4.220   13.394  -8.647  1.00 16.77 ? 175 GLN A NE2 1 
ATOM   1078 N  N   . PRO A 1 176 ? 5.220   16.379  -2.654  1.00 22.48 ? 176 PRO A N   1 
ATOM   1079 C  CA  . PRO A 1 176 ? 4.975   16.198  -1.220  1.00 23.85 ? 176 PRO A CA  1 
ATOM   1080 C  C   . PRO A 1 176 ? 4.420   14.808  -0.952  1.00 20.93 ? 176 PRO A C   1 
ATOM   1081 O  O   . PRO A 1 176 ? 3.527   14.363  -1.672  1.00 19.91 ? 176 PRO A O   1 
ATOM   1082 C  CB  . PRO A 1 176 ? 3.903   17.249  -0.912  1.00 23.32 ? 176 PRO A CB  1 
ATOM   1083 C  CG  . PRO A 1 176 ? 4.009   18.250  -2.018  1.00 20.99 ? 176 PRO A CG  1 
ATOM   1084 C  CD  . PRO A 1 176 ? 4.376   17.443  -3.221  1.00 21.81 ? 176 PRO A CD  1 
ATOM   1085 N  N   . VAL A 1 177 ? 4.938   14.125  0.061   1.00 22.24 ? 177 VAL A N   1 
ATOM   1086 C  CA  . VAL A 1 177 ? 4.490   12.768  0.345   1.00 21.85 ? 177 VAL A CA  1 
ATOM   1087 C  C   . VAL A 1 177 ? 3.979   12.612  1.773   1.00 21.46 ? 177 VAL A C   1 
ATOM   1088 O  O   . VAL A 1 177 ? 4.385   13.343  2.676   1.00 21.23 ? 177 VAL A O   1 
ATOM   1089 C  CB  . VAL A 1 177 ? 5.604   11.742  0.074   1.00 20.71 ? 177 VAL A CB  1 
ATOM   1090 C  CG1 . VAL A 1 177 ? 5.855   11.618  -1.422  1.00 18.55 ? 177 VAL A CG1 1 
ATOM   1091 C  CG2 . VAL A 1 177 ? 6.871   12.135  0.809   1.00 21.98 ? 177 VAL A CG2 1 
ATOM   1092 N  N   . TYR A 1 178 ? 3.084   11.649  1.965   1.00 21.62 ? 178 TYR A N   1 
ATOM   1093 C  CA  . TYR A 1 178 ? 2.457   11.421  3.263   1.00 21.39 ? 178 TYR A CA  1 
ATOM   1094 C  C   . TYR A 1 178 ? 2.450   9.946   3.633   1.00 21.32 ? 178 TYR A C   1 
ATOM   1095 O  O   . TYR A 1 178 ? 2.635   9.081   2.778   1.00 20.33 ? 178 TYR A O   1 
ATOM   1096 C  CB  . TYR A 1 178 ? 1.010   11.921  3.249   1.00 21.36 ? 178 TYR A CB  1 
ATOM   1097 C  CG  . TYR A 1 178 ? 0.845   13.357  2.815   1.00 22.76 ? 178 TYR A CG  1 
ATOM   1098 C  CD1 . TYR A 1 178 ? 0.910   13.707  1.473   1.00 22.16 ? 178 TYR A CD1 1 
ATOM   1099 C  CD2 . TYR A 1 178 ? 0.611   14.360  3.745   1.00 24.46 ? 178 TYR A CD2 1 
ATOM   1100 C  CE1 . TYR A 1 178 ? 0.754   15.018  1.071   1.00 22.83 ? 178 TYR A CE1 1 
ATOM   1101 C  CE2 . TYR A 1 178 ? 0.454   15.673  3.352   1.00 24.10 ? 178 TYR A CE2 1 
ATOM   1102 C  CZ  . TYR A 1 178 ? 0.526   15.998  2.015   1.00 23.70 ? 178 TYR A CZ  1 
ATOM   1103 O  OH  . TYR A 1 178 ? 0.370   17.311  1.625   1.00 24.11 ? 178 TYR A OH  1 
ATOM   1104 N  N   . SER A 1 179 ? 2.218   9.670   4.912   1.00 22.33 ? 179 SER A N   1 
ATOM   1105 C  CA  . SER A 1 179 ? 2.031   8.305   5.379   1.00 22.18 ? 179 SER A CA  1 
ATOM   1106 C  C   . SER A 1 179 ? 1.323   8.272   6.734   1.00 22.04 ? 179 SER A C   1 
ATOM   1107 O  O   . SER A 1 179 ? 1.096   9.316   7.349   1.00 21.71 ? 179 SER A O   1 
ATOM   1108 C  CB  . SER A 1 179 ? 3.368   7.566   5.447   1.00 25.31 ? 179 SER A CB  1 
ATOM   1109 O  OG  . SER A 1 179 ? 3.170   6.181   5.707   1.00 25.66 ? 179 SER A OG  1 
ATOM   1110 N  N   . LEU A 1 180 ? 0.980   7.072   7.193   1.00 23.04 ? 180 LEU A N   1 
ATOM   1111 C  CA  . LEU A 1 180 ? 0.242   6.916   8.441   1.00 24.16 ? 180 LEU A CA  1 
ATOM   1112 C  C   . LEU A 1 180 ? 0.938   5.977   9.426   1.00 25.13 ? 180 LEU A C   1 
ATOM   1113 O  O   . LEU A 1 180 ? 1.776   5.159   9.042   1.00 25.52 ? 180 LEU A O   1 
ATOM   1114 C  CB  . LEU A 1 180 ? -1.167  6.384   8.160   1.00 24.20 ? 180 LEU A CB  1 
ATOM   1115 C  CG  . LEU A 1 180 ? -2.045  7.099   7.128   1.00 22.74 ? 180 LEU A CG  1 
ATOM   1116 C  CD1 . LEU A 1 180 ? -3.265  6.251   6.799   1.00 22.73 ? 180 LEU A CD1 1 
ATOM   1117 C  CD2 . LEU A 1 180 ? -2.458  8.477   7.619   1.00 22.89 ? 180 LEU A CD2 1 
ATOM   1118 N  N   . ARG A 1 181 ? 0.580   6.108   10.699  1.00 26.76 ? 181 ARG A N   1 
ATOM   1119 C  CA  . ARG A 1 181 ? 0.946   5.124   11.708  1.00 28.39 ? 181 ARG A CA  1 
ATOM   1120 C  C   . ARG A 1 181 ? -0.320  4.405   12.150  1.00 27.77 ? 181 ARG A C   1 
ATOM   1121 O  O   . ARG A 1 181 ? -1.301  5.040   12.535  1.00 27.28 ? 181 ARG A O   1 
ATOM   1122 C  CB  . ARG A 1 181 ? 1.619   5.780   12.912  1.00 26.40 ? 181 ARG A CB  1 
ATOM   1123 C  CG  . ARG A 1 181 ? 2.289   4.778   13.846  1.00 27.68 ? 181 ARG A CG  1 
ATOM   1124 C  CD  . ARG A 1 181 ? 1.832   4.958   15.286  1.00 29.11 ? 181 ARG A CD  1 
ATOM   1125 N  NE  . ARG A 1 181 ? 2.800   5.702   16.083  1.00 28.91 ? 181 ARG A NE  1 
ATOM   1126 C  CZ  . ARG A 1 181 ? 2.543   6.206   17.287  1.00 28.56 ? 181 ARG A CZ  1 
ATOM   1127 N  NH1 . ARG A 1 181 ? 1.342   6.055   17.833  1.00 27.59 ? 181 ARG A NH1 1 
ATOM   1128 N  NH2 . ARG A 1 181 ? 3.485   6.872   17.944  1.00 28.77 ? 181 ARG A NH2 1 
ATOM   1129 N  N   . VAL A 1 182 ? -0.304  3.080   12.089  1.00 29.99 ? 182 VAL A N   1 
ATOM   1130 C  CA  . VAL A 1 182 ? -1.513  2.313   12.336  1.00 33.78 ? 182 VAL A CA  1 
ATOM   1131 C  C   . VAL A 1 182 ? -1.340  1.330   13.479  1.00 37.49 ? 182 VAL A C   1 
ATOM   1132 O  O   . VAL A 1 182 ? -0.232  0.894   13.780  1.00 37.77 ? 182 VAL A O   1 
ATOM   1133 C  CB  . VAL A 1 182 ? -1.949  1.547   11.080  1.00 34.18 ? 182 VAL A CB  1 
ATOM   1134 C  CG1 . VAL A 1 182 ? -2.191  2.516   9.936   1.00 27.50 ? 182 VAL A CG1 1 
ATOM   1135 C  CG2 . VAL A 1 182 ? -0.899  0.509   10.701  1.00 35.67 ? 182 VAL A CG2 1 
ATOM   1136 N  N   . ASP A 1 183 ? -2.455  0.983   14.104  1.00 40.26 ? 183 ASP A N   1 
ATOM   1137 C  CA  . ASP A 1 183 ? -2.444  0.095   15.252  1.00 42.74 ? 183 ASP A CA  1 
ATOM   1138 C  C   . ASP A 1 183 ? -2.584  -1.353  14.805  1.00 46.46 ? 183 ASP A C   1 
ATOM   1139 O  O   . ASP A 1 183 ? -2.597  -2.270  15.627  1.00 47.09 ? 183 ASP A O   1 
ATOM   1140 C  CB  . ASP A 1 183 ? -3.577  0.465   16.208  1.00 40.92 ? 183 ASP A CB  1 
ATOM   1141 C  CG  . ASP A 1 183 ? -3.217  0.210   17.653  1.00 44.69 ? 183 ASP A CG  1 
ATOM   1142 O  OD1 . ASP A 1 183 ? -2.398  0.978   18.195  1.00 44.05 ? 183 ASP A OD1 1 
ATOM   1143 O  OD2 . ASP A 1 183 ? -3.747  -0.753  18.242  1.00 44.91 ? 183 ASP A OD2 1 
ATOM   1144 N  N   . ALA A 1 184 ? -2.690  -1.543  13.493  1.00 47.49 ? 184 ALA A N   1 
ATOM   1145 C  CA  . ALA A 1 184 ? -2.910  -2.857  12.905  1.00 48.45 ? 184 ALA A CA  1 
ATOM   1146 C  C   . ALA A 1 184 ? -1.779  -3.811  13.254  1.00 50.97 ? 184 ALA A C   1 
ATOM   1147 O  O   . ALA A 1 184 ? -0.684  -3.383  13.604  1.00 49.74 ? 184 ALA A O   1 
ATOM   1148 C  CB  . ALA A 1 184 ? -3.073  -2.736  11.390  1.00 45.83 ? 184 ALA A CB  1 
ATOM   1149 N  N   . CYS A 1 185 ? -2.048  -5.109  13.157  1.00 52.21 ? 185 CYS A N   1 
ATOM   1150 C  CA  . CYS A 1 185 ? -1.063  -6.116  13.542  1.00 52.76 ? 185 CYS A CA  1 
ATOM   1151 C  C   . CYS A 1 185 ? -0.191  -6.560  12.369  1.00 54.23 ? 185 CYS A C   1 
ATOM   1152 O  O   . CYS A 1 185 ? 0.807   -7.248  12.561  1.00 55.05 ? 185 CYS A O   1 
ATOM   1153 C  CB  . CYS A 1 185 ? -1.742  -7.334  14.171  1.00 56.00 ? 185 CYS A CB  1 
ATOM   1154 S  SG  . CYS A 1 185 ? -2.493  -8.456  12.978  1.00 68.88 ? 185 CYS A SG  1 
ATOM   1155 N  N   . ASP A 1 186 ? -0.570  -6.172  11.156  1.00 50.52 ? 186 ASP A N   1 
ATOM   1156 C  CA  . ASP A 1 186 ? 0.246   -6.465  9.982   1.00 50.32 ? 186 ASP A CA  1 
ATOM   1157 C  C   . ASP A 1 186 ? 0.986   -5.219  9.515   1.00 50.05 ? 186 ASP A C   1 
ATOM   1158 O  O   . ASP A 1 186 ? 1.757   -5.261  8.559   1.00 47.27 ? 186 ASP A O   1 
ATOM   1159 C  CB  . ASP A 1 186 ? -0.599  -7.055  8.851   1.00 49.89 ? 186 ASP A CB  1 
ATOM   1160 C  CG  . ASP A 1 186 ? -1.921  -6.339  8.676   1.00 53.79 ? 186 ASP A CG  1 
ATOM   1161 O  OD1 . ASP A 1 186 ? -2.027  -5.167  9.095   1.00 53.61 ? 186 ASP A OD1 1 
ATOM   1162 O  OD2 . ASP A 1 186 ? -2.858  -6.949  8.120   1.00 53.80 ? 186 ASP A OD2 1 
HETATM 1163 N  N   . TIH A 1 187 ? 0.738   -4.108  10.202  1.00 48.73 ? 187 TIH A N   1 
HETATM 1164 C  CA  . TIH A 1 187 ? 1.395   -2.873  9.910   1.00 44.27 ? 187 TIH A CA  1 
HETATM 1165 C  C   . TIH A 1 187 ? 1.096   -2.463  8.509   1.00 40.11 ? 187 TIH A C   1 
HETATM 1166 O  O   . TIH A 1 187 ? 2.030   -2.110  7.745   1.00 36.96 ? 187 TIH A O   1 
HETATM 1167 C  CB  . TIH A 1 187 ? 2.863   -3.064  10.070  1.00 42.37 ? 187 TIH A CB  1 
HETATM 1168 C  CG  . TIH A 1 187 ? 3.415   -3.159  11.452  1.00 46.80 ? 187 TIH A CG  1 
HETATM 1169 C  CD  . TIH A 1 187 ? 2.715   -3.058  12.646  1.00 48.68 ? 187 TIH A CD  1 
HETATM 1170 C  CE1 . TIH A 1 187 ? 3.458   -3.183  13.807  1.00 47.08 ? 187 TIH A CE1 1 
HETATM 1171 C  CE2 . TIH A 1 187 ? 4.811   -3.397  13.605  1.00 43.36 ? 187 TIH A CE2 1 
HETATM 1172 S  SD  . TIH A 1 187 ? 5.050   -3.424  11.900  1.00 55.21 ? 187 TIH A SD  1 
ATOM   1173 N  N   . ALA A 1 188 ? -0.177  -2.496  8.128   1.00 39.26 ? 188 ALA A N   1 
ATOM   1174 C  CA  . ALA A 1 188 ? -0.562  -2.190  6.753   1.00 35.57 ? 188 ALA A CA  1 
ATOM   1175 C  C   . ALA A 1 188 ? -1.850  -1.379  6.666   1.00 34.31 ? 188 ALA A C   1 
ATOM   1176 O  O   . ALA A 1 188 ? -2.693  -1.432  7.561   1.00 34.32 ? 188 ALA A O   1 
ATOM   1177 C  CB  . ALA A 1 188 ? -0.685  -3.471  5.941   1.00 35.47 ? 188 ALA A CB  1 
ATOM   1178 N  N   . PHE A 1 189 ? -1.989  -0.635  5.573   1.00 31.86 ? 189 PHE A N   1 
ATOM   1179 C  CA  . PHE A 1 189 ? -3.223  0.081   5.266   1.00 30.02 ? 189 PHE A CA  1 
ATOM   1180 C  C   . PHE A 1 189 ? -3.358  0.239   3.754   1.00 27.47 ? 189 PHE A C   1 
ATOM   1181 O  O   . PHE A 1 189 ? -2.383  0.086   3.018   1.00 27.37 ? 189 PHE A O   1 
ATOM   1182 C  CB  . PHE A 1 189 ? -3.260  1.444   5.959   1.00 28.70 ? 189 PHE A CB  1 
ATOM   1183 C  CG  . PHE A 1 189 ? -2.153  2.366   5.546   1.00 26.86 ? 189 PHE A CG  1 
ATOM   1184 C  CD1 . PHE A 1 189 ? -0.914  2.298   6.157   1.00 27.24 ? 189 PHE A CD1 1 
ATOM   1185 C  CD2 . PHE A 1 189 ? -2.353  3.307   4.549   1.00 25.81 ? 189 PHE A CD2 1 
ATOM   1186 C  CE1 . PHE A 1 189 ? 0.107   3.148   5.780   1.00 26.51 ? 189 PHE A CE1 1 
ATOM   1187 C  CE2 . PHE A 1 189 ? -1.336  4.159   4.168   1.00 25.90 ? 189 PHE A CE2 1 
ATOM   1188 C  CZ  . PHE A 1 189 ? -0.105  4.079   4.782   1.00 25.63 ? 189 PHE A CZ  1 
ATOM   1189 N  N   . ILE A 1 190 ? -4.565  0.547   3.292   1.00 28.72 ? 190 ILE A N   1 
ATOM   1190 C  CA  . ILE A 1 190 ? -4.832  0.554   1.857   1.00 25.97 ? 190 ILE A CA  1 
ATOM   1191 C  C   . ILE A 1 190 ? -4.684  1.933   1.216   1.00 24.74 ? 190 ILE A C   1 
ATOM   1192 O  O   . ILE A 1 190 ? -5.214  2.927   1.715   1.00 24.00 ? 190 ILE A O   1 
ATOM   1193 C  CB  . ILE A 1 190 ? -6.228  -0.019  1.533   1.00 27.54 ? 190 ILE A CB  1 
ATOM   1194 C  CG1 . ILE A 1 190 ? -6.442  -1.348  2.261   1.00 29.27 ? 190 ILE A CG1 1 
ATOM   1195 C  CG2 . ILE A 1 190 ? -6.401  -0.176  0.028   1.00 26.43 ? 190 ILE A CG2 1 
ATOM   1196 C  CD1 . ILE A 1 190 ? -5.341  -2.366  2.024   1.00 31.51 ? 190 ILE A CD1 1 
ATOM   1197 N  N   . THR A 1 191 ? -3.953  1.974   0.106   1.00 25.30 ? 191 THR A N   1 
ATOM   1198 C  CA  . THR A 1 191 ? -3.777  3.195   -0.670  1.00 23.67 ? 191 THR A CA  1 
ATOM   1199 C  C   . THR A 1 191 ? -4.032  2.931   -2.153  1.00 23.31 ? 191 THR A C   1 
ATOM   1200 O  O   . THR A 1 191 ? -3.258  2.231   -2.810  1.00 23.80 ? 191 THR A O   1 
ATOM   1201 C  CB  . THR A 1 191 ? -2.360  3.777   -0.502  1.00 22.95 ? 191 THR A CB  1 
ATOM   1202 O  OG1 . THR A 1 191 ? -1.386  2.764   -0.780  1.00 21.97 ? 191 THR A OG1 1 
ATOM   1203 C  CG2 . THR A 1 191 ? -2.158  4.286   0.913   1.00 22.57 ? 191 THR A CG2 1 
ATOM   1204 N  N   . ASN A 1 192 ? -5.115  3.496   -2.674  1.00 24.59 ? 192 ASN A N   1 
ATOM   1205 C  CA  . ASN A 1 192 ? -5.492  3.289   -4.067  1.00 23.23 ? 192 ASN A CA  1 
ATOM   1206 C  C   . ASN A 1 192 ? -5.648  1.812   -4.409  1.00 24.07 ? 192 ASN A C   1 
ATOM   1207 O  O   . ASN A 1 192 ? -5.392  1.394   -5.539  1.00 24.56 ? 192 ASN A O   1 
ATOM   1208 C  CB  . ASN A 1 192 ? -4.478  3.942   -5.014  1.00 21.69 ? 192 ASN A CB  1 
ATOM   1209 C  CG  . ASN A 1 192 ? -4.573  5.458   -5.018  1.00 23.05 ? 192 ASN A CG  1 
ATOM   1210 O  OD1 . ASN A 1 192 ? -5.500  6.036   -4.450  1.00 23.14 ? 192 ASN A OD1 1 
ATOM   1211 N  ND2 . ASN A 1 192 ? -3.621  6.110   -5.673  1.00 23.49 ? 192 ASN A ND2 1 
ATOM   1212 N  N   . GLY A 1 193 ? -6.071  1.022   -3.428  1.00 23.41 ? 193 GLY A N   1 
ATOM   1213 C  CA  . GLY A 1 193 ? -6.248  -0.406  -3.628  1.00 24.57 ? 193 GLY A CA  1 
ATOM   1214 C  C   . GLY A 1 193 ? -4.982  -1.178  -3.314  1.00 26.31 ? 193 GLY A C   1 
ATOM   1215 O  O   . GLY A 1 193 ? -5.011  -2.396  -3.141  1.00 29.01 ? 193 GLY A O   1 
ATOM   1216 N  N   . PHE A 1 194 ? -3.864  -0.464  -3.241  1.00 24.80 ? 194 PHE A N   1 
ATOM   1217 C  CA  . PHE A 1 194 ? -2.585  -1.077  -2.911  1.00 24.63 ? 194 PHE A CA  1 
ATOM   1218 C  C   . PHE A 1 194 ? -2.457  -1.266  -1.403  1.00 24.08 ? 194 PHE A C   1 
ATOM   1219 O  O   . PHE A 1 194 ? -3.112  -0.569  -0.626  1.00 23.95 ? 194 PHE A O   1 
ATOM   1220 C  CB  . PHE A 1 194 ? -1.428  -0.225  -3.438  1.00 23.49 ? 194 PHE A CB  1 
ATOM   1221 C  CG  . PHE A 1 194 ? -1.290  -0.246  -4.935  1.00 24.30 ? 194 PHE A CG  1 
ATOM   1222 C  CD1 . PHE A 1 194 ? -2.003  0.642   -5.723  1.00 23.24 ? 194 PHE A CD1 1 
ATOM   1223 C  CD2 . PHE A 1 194 ? -0.444  -1.150  -5.555  1.00 25.08 ? 194 PHE A CD2 1 
ATOM   1224 C  CE1 . PHE A 1 194 ? -1.878  0.624   -7.101  1.00 23.66 ? 194 PHE A CE1 1 
ATOM   1225 C  CE2 . PHE A 1 194 ? -0.315  -1.172  -6.929  1.00 24.57 ? 194 PHE A CE2 1 
ATOM   1226 C  CZ  . PHE A 1 194 ? -1.032  -0.282  -7.704  1.00 23.90 ? 194 PHE A CZ  1 
ATOM   1227 N  N   . VAL A 1 195 ? -1.618  -2.213  -0.994  1.00 25.79 ? 195 VAL A N   1 
ATOM   1228 C  CA  . VAL A 1 195 ? -1.364  -2.448  0.420   1.00 26.77 ? 195 VAL A CA  1 
ATOM   1229 C  C   . VAL A 1 195 ? -0.035  -1.826  0.832   1.00 23.86 ? 195 VAL A C   1 
ATOM   1230 O  O   . VAL A 1 195 ? 1.034   -2.326  0.474   1.00 23.92 ? 195 VAL A O   1 
ATOM   1231 C  CB  . VAL A 1 195 ? -1.329  -3.952  0.746   1.00 26.88 ? 195 VAL A CB  1 
ATOM   1232 C  CG1 . VAL A 1 195 ? -1.109  -4.159  2.235   1.00 28.99 ? 195 VAL A CG1 1 
ATOM   1233 C  CG2 . VAL A 1 195 ? -2.617  -4.627  0.290   1.00 25.40 ? 195 VAL A CG2 1 
ATOM   1234 N  N   . SER A 1 196 ? -0.105  -0.731  1.582   1.00 23.21 ? 196 SER A N   1 
ATOM   1235 C  CA  . SER A 1 196 ? 1.097   -0.008  1.989   1.00 25.98 ? 196 SER A CA  1 
ATOM   1236 C  C   . SER A 1 196 ? 1.506   -0.345  3.416   1.00 27.62 ? 196 SER A C   1 
ATOM   1237 O  O   . SER A 1 196 ? 0.692   -0.819  4.213   1.00 29.30 ? 196 SER A O   1 
ATOM   1238 C  CB  . SER A 1 196 ? 0.890   1.495   1.851   1.00 24.59 ? 196 SER A CB  1 
ATOM   1239 O  OG  . SER A 1 196 ? 0.821   1.870   0.487   1.00 23.92 ? 196 SER A OG  1 
ATOM   1240 N  N   . HIS A 1 197 ? 2.771   -0.087  3.735   1.00 28.06 ? 197 HIS A N   1 
ATOM   1241 C  CA  . HIS A 1 197 ? 3.307   -0.446  5.042   1.00 29.90 ? 197 HIS A CA  1 
ATOM   1242 C  C   . HIS A 1 197 ? 3.362   0.724   6.012   1.00 31.48 ? 197 HIS A C   1 
ATOM   1243 O  O   . HIS A 1 197 ? 3.700   1.849   5.641   1.00 29.31 ? 197 HIS A O   1 
ATOM   1244 C  CB  . HIS A 1 197 ? 4.701   -1.069  4.914   1.00 29.78 ? 197 HIS A CB  1 
ATOM   1245 C  CG  . HIS A 1 197 ? 5.225   -1.634  6.198   1.00 32.75 ? 197 HIS A CG  1 
ATOM   1246 N  ND1 . HIS A 1 197 ? 6.065   -0.929  7.035   1.00 36.68 ? 197 HIS A ND1 1 
ATOM   1247 C  CD2 . HIS A 1 197 ? 5.016   -2.830  6.796   1.00 35.25 ? 197 HIS A CD2 1 
ATOM   1248 C  CE1 . HIS A 1 197 ? 6.356   -1.670  8.088   1.00 36.62 ? 197 HIS A CE1 1 
ATOM   1249 N  NE2 . HIS A 1 197 ? 5.732   -2.829  7.967   1.00 36.44 ? 197 HIS A NE2 1 
ATOM   1250 N  N   . ASN A 1 198 ? 3.034   0.433   7.262   1.00 34.03 ? 198 ASN A N   1 
ATOM   1251 C  CA  . ASN A 1 198 ? 3.094   1.407   8.339   1.00 33.28 ? 198 ASN A CA  1 
ATOM   1252 C  C   . ASN A 1 198 ? 4.434   2.144   8.385   1.00 32.45 ? 198 ASN A C   1 
ATOM   1253 O  O   . ASN A 1 198 ? 5.460   1.604   7.971   1.00 33.92 ? 198 ASN A O   1 
ATOM   1254 C  CB  . ASN A 1 198 ? 2.831   0.693   9.665   1.00 35.07 ? 198 ASN A CB  1 
ATOM   1255 C  CG  . ASN A 1 198 ? 2.929   1.616   10.852  1.00 32.91 ? 198 ASN A CG  1 
ATOM   1256 O  OD1 . ASN A 1 198 ? 1.975   2.313   11.189  1.00 31.89 ? 198 ASN A OD1 1 
ATOM   1257 N  ND2 . ASN A 1 198 ? 4.084   1.624   11.500  1.00 31.20 ? 198 ASN A ND2 1 
ATOM   1258 N  N   . THR A 1 199 ? 4.416   3.386   8.868   1.00 31.61 ? 199 THR A N   1 
ATOM   1259 C  CA  . THR A 1 199 ? 5.647   4.148   9.078   1.00 33.69 ? 199 THR A CA  1 
ATOM   1260 C  C   . THR A 1 199 ? 5.645   4.798   10.458  1.00 33.21 ? 199 THR A C   1 
ATOM   1261 O  O   . THR A 1 199 ? 4.593   5.168   10.979  1.00 30.59 ? 199 THR A O   1 
ATOM   1262 C  CB  . THR A 1 199 ? 5.848   5.250   8.025   1.00 32.67 ? 199 THR A CB  1 
ATOM   1263 O  OG1 . THR A 1 199 ? 7.201   5.721   8.086   1.00 34.90 ? 199 THR A OG1 1 
ATOM   1264 C  CG2 . THR A 1 199 ? 4.915   6.413   8.287   1.00 30.56 ? 199 THR A CG2 1 
ATOM   1265 N  N   . GLU A 1 200 ? 6.830   4.940   11.043  1.00 35.72 ? 200 GLU A N   1 
ATOM   1266 C  CA  . GLU A 1 200 ? 6.948   5.444   12.405  1.00 34.89 ? 200 GLU A CA  1 
ATOM   1267 C  C   . GLU A 1 200 ? 7.405   6.895   12.458  1.00 32.83 ? 200 GLU A C   1 
ATOM   1268 O  O   . GLU A 1 200 ? 7.325   7.542   13.500  1.00 31.73 ? 200 GLU A O   1 
ATOM   1269 C  CB  . GLU A 1 200 ? 7.897   4.562   13.212  1.00 35.79 ? 200 GLU A CB  1 
ATOM   1270 C  CG  . GLU A 1 200 ? 7.281   3.247   13.639  1.00 32.81 ? 200 GLU A CG  1 
ATOM   1271 C  CD  . GLU A 1 200 ? 6.169   3.440   14.651  1.00 34.17 ? 200 GLU A CD  1 
ATOM   1272 O  OE1 . GLU A 1 200 ? 6.281   4.366   15.479  1.00 34.59 ? 200 GLU A OE1 1 
ATOM   1273 O  OE2 . GLU A 1 200 ? 5.183   2.677   14.610  1.00 34.72 ? 200 GLU A OE2 1 
ATOM   1274 N  N   . ALA A 1 201 ? 7.887   7.401   11.330  1.00 34.43 ? 201 ALA A N   1 
ATOM   1275 C  CA  . ALA A 1 201 ? 8.392   8.762   11.281  1.00 33.76 ? 201 ALA A CA  1 
ATOM   1276 C  C   . ALA A 1 201 ? 8.194   9.371   9.900   1.00 32.01 ? 201 ALA A C   1 
ATOM   1277 O  O   . ALA A 1 201 ? 7.901   8.657   8.940   1.00 32.57 ? 201 ALA A O   1 
ATOM   1278 C  CB  . ALA A 1 201 ? 9.863   8.791   11.678  1.00 33.38 ? 201 ALA A CB  1 
ATOM   1279 N  N   . PRO A 1 202 ? 8.327   10.701  9.802   1.00 34.53 ? 202 PRO A N   1 
ATOM   1280 C  CA  . PRO A 1 202 ? 8.317   11.386  8.509   1.00 32.49 ? 202 PRO A CA  1 
ATOM   1281 C  C   . PRO A 1 202 ? 9.734   11.525  7.962   1.00 31.15 ? 202 PRO A C   1 
ATOM   1282 O  O   . PRO A 1 202 ? 10.617  10.780  8.392   1.00 32.84 ? 202 PRO A O   1 
ATOM   1283 C  CB  . PRO A 1 202 ? 7.767   12.761  8.866   1.00 29.67 ? 202 PRO A CB  1 
ATOM   1284 C  CG  . PRO A 1 202 ? 8.284   13.004  10.231  1.00 31.83 ? 202 PRO A CG  1 
ATOM   1285 C  CD  . PRO A 1 202 ? 8.299   11.658  10.922  1.00 32.73 ? 202 PRO A CD  1 
ATOM   1286 N  N   . ALA B 2 1   ? 12.666  1.841   5.805   1.00 40.49 ? 62  ALA B N   1 
ATOM   1287 C  CA  . ALA B 2 1   ? 11.342  1.640   5.232   1.00 39.86 ? 62  ALA B CA  1 
ATOM   1288 C  C   . ALA B 2 1   ? 10.300  1.406   6.319   1.00 41.48 ? 62  ALA B C   1 
ATOM   1289 O  O   . ALA B 2 1   ? 9.236   2.023   6.318   1.00 41.50 ? 62  ALA B O   1 
ATOM   1290 C  CB  . ALA B 2 1   ? 11.362  0.473   4.259   1.00 33.84 ? 62  ALA B CB  1 
ATOM   1291 N  N   . MET B 2 2   ? 10.616  0.510   7.247   1.00 40.18 ? 63  MET B N   1 
ATOM   1292 C  CA  . MET B 2 2   ? 9.726   0.214   8.360   1.00 39.22 ? 63  MET B CA  1 
ATOM   1293 C  C   . MET B 2 2   ? 9.760   1.361   9.355   1.00 38.17 ? 63  MET B C   1 
ATOM   1294 O  O   . MET B 2 2   ? 8.747   1.707   9.962   1.00 38.13 ? 63  MET B O   1 
ATOM   1295 C  CB  . MET B 2 2   ? 10.143  -1.089  9.039   1.00 38.18 ? 63  MET B CB  1 
ATOM   1296 N  N   . ARG B 2 3   ? 10.940  1.952   9.509   1.00 37.83 ? 64  ARG B N   1 
ATOM   1297 C  CA  . ARG B 2 3   ? 11.134  3.040   10.452  1.00 37.78 ? 64  ARG B CA  1 
ATOM   1298 C  C   . ARG B 2 3   ? 10.478  4.320   9.947   1.00 37.86 ? 64  ARG B C   1 
ATOM   1299 O  O   . ARG B 2 3   ? 10.312  5.280   10.696  1.00 36.81 ? 64  ARG B O   1 
ATOM   1300 C  CB  . ARG B 2 3   ? 12.627  3.272   10.687  1.00 36.22 ? 64  ARG B CB  1 
ATOM   1301 N  N   . TYR B 2 4   ? 10.096  4.328   8.674   1.00 39.06 ? 65  TYR B N   1 
ATOM   1302 C  CA  . TYR B 2 4   ? 9.571   5.537   8.058   1.00 36.79 ? 65  TYR B CA  1 
ATOM   1303 C  C   . TYR B 2 4   ? 8.250   5.289   7.335   1.00 37.09 ? 65  TYR B C   1 
ATOM   1304 O  O   . TYR B 2 4   ? 8.120   4.346   6.557   1.00 40.23 ? 65  TYR B O   1 
ATOM   1305 C  CB  . TYR B 2 4   ? 10.610  6.126   7.102   1.00 35.80 ? 65  TYR B CB  1 
ATOM   1306 C  CG  . TYR B 2 4   ? 11.994  6.245   7.713   1.00 38.45 ? 65  TYR B CG  1 
ATOM   1307 C  CD1 . TYR B 2 4   ? 12.273  7.219   8.663   1.00 38.65 ? 65  TYR B CD1 1 
ATOM   1308 C  CD2 . TYR B 2 4   ? 13.020  5.383   7.340   1.00 39.71 ? 65  TYR B CD2 1 
ATOM   1309 C  CE1 . TYR B 2 4   ? 13.534  7.332   9.226   1.00 40.42 ? 65  TYR B CE1 1 
ATOM   1310 C  CE2 . TYR B 2 4   ? 14.284  5.490   7.897   1.00 41.34 ? 65  TYR B CE2 1 
ATOM   1311 C  CZ  . TYR B 2 4   ? 14.535  6.465   8.839   1.00 43.08 ? 65  TYR B CZ  1 
ATOM   1312 O  OH  . TYR B 2 4   ? 15.792  6.573   9.394   1.00 42.18 ? 65  TYR B OH  1 
HETATM 1313 MG MG  . MG  C 3 .   ? 11.449  0.613   -9.893  1.00 24.27 ? 301 MG  A MG  1 
HETATM 1314 O  O   . HOH D 4 .   ? -8.491  -0.220  -17.126 1.00 35.69 ? 401 HOH A O   1 
HETATM 1315 O  O   . HOH D 4 .   ? 12.167  8.341   -3.556  1.00 21.40 ? 402 HOH A O   1 
HETATM 1316 O  O   . HOH D 4 .   ? -0.011  21.405  3.752   1.00 33.43 ? 403 HOH A O   1 
HETATM 1317 O  O   . HOH D 4 .   ? 7.010   19.721  -5.705  1.00 26.69 ? 404 HOH A O   1 
HETATM 1318 O  O   . HOH D 4 .   ? 1.311   16.002  -5.562  1.00 19.67 ? 405 HOH A O   1 
HETATM 1319 O  O   . HOH D 4 .   ? 2.662   20.487  1.493   1.00 28.20 ? 406 HOH A O   1 
HETATM 1320 O  O   . HOH D 4 .   ? -2.427  10.250  19.650  1.00 25.17 ? 407 HOH A O   1 
HETATM 1321 O  O   . HOH D 4 .   ? 7.610   17.500  -9.570  1.00 19.82 ? 408 HOH A O   1 
HETATM 1322 O  O   . HOH D 4 .   ? -1.962  7.651   19.973  1.00 23.91 ? 409 HOH A O   1 
HETATM 1323 O  O   . HOH D 4 .   ? 4.799   7.752   20.568  1.00 26.92 ? 410 HOH A O   1 
HETATM 1324 O  O   . HOH D 4 .   ? -1.034  14.734  -5.898  1.00 21.76 ? 411 HOH A O   1 
HETATM 1325 O  O   . HOH D 4 .   ? 0.341   -11.102 8.731   1.00 36.92 ? 412 HOH A O   1 
HETATM 1326 O  O   . HOH D 4 .   ? 0.060   -3.694  -2.921  1.00 23.47 ? 413 HOH A O   1 
HETATM 1327 O  O   . HOH D 4 .   ? -0.338  8.404   -5.313  1.00 19.06 ? 414 HOH A O   1 
HETATM 1328 O  O   . HOH D 4 .   ? 3.950   3.897   -14.092 1.00 21.20 ? 415 HOH A O   1 
HETATM 1329 O  O   . HOH D 4 .   ? 7.181   8.813   6.149   1.00 29.72 ? 416 HOH A O   1 
HETATM 1330 O  O   . HOH D 4 .   ? -13.219 1.502   1.082   1.00 35.71 ? 417 HOH A O   1 
HETATM 1331 O  O   . HOH D 4 .   ? -12.599 14.236  2.423   1.00 24.55 ? 418 HOH A O   1 
HETATM 1332 O  O   . HOH D 4 .   ? 5.665   -9.878  -7.300  1.00 32.80 ? 419 HOH A O   1 
HETATM 1333 O  O   . HOH D 4 .   ? 10.862  6.803   -15.918 1.00 20.70 ? 420 HOH A O   1 
HETATM 1334 O  O   . HOH D 4 .   ? 5.054   10.285  17.322  1.00 29.52 ? 421 HOH A O   1 
HETATM 1335 O  O   . HOH D 4 .   ? -8.500  12.626  13.741  1.00 19.63 ? 422 HOH A O   1 
HETATM 1336 O  O   . HOH D 4 .   ? -16.208 5.298   6.578   1.00 36.53 ? 423 HOH A O   1 
HETATM 1337 O  O   . HOH D 4 .   ? 10.233  14.855  7.903   1.00 28.80 ? 424 HOH A O   1 
HETATM 1338 O  O   . HOH D 4 .   ? 3.005   -29.012 -8.941  1.00 65.25 ? 425 HOH A O   1 
HETATM 1339 O  O   . HOH D 4 .   ? -8.258  2.866   -1.533  1.00 24.53 ? 426 HOH A O   1 
HETATM 1340 O  O   . HOH D 4 .   ? -10.859 13.215  0.465   1.00 24.42 ? 427 HOH A O   1 
HETATM 1341 O  O   . HOH D 4 .   ? -1.887  17.903  3.969   1.00 27.65 ? 428 HOH A O   1 
HETATM 1342 O  O   . HOH D 4 .   ? -3.196  15.284  5.587   1.00 24.66 ? 429 HOH A O   1 
# 
